data_3OUR
#
_entry.id   3OUR
#
_cell.length_a   322.866
_cell.length_b   62.067
_cell.length_c   126.362
_cell.angle_alpha   90.00
_cell.angle_beta   110.80
_cell.angle_gamma   90.00
#
_symmetry.space_group_name_H-M   'C 1 2 1'
#
loop_
_entity.id
_entity.type
_entity.pdbx_description
1 polymer 'UPF0255 protein VV1_0328'
2 polymer 'Phosphotransferase system IIA component'
3 water water
#
loop_
_entity_poly.entity_id
_entity_poly.type
_entity_poly.pdbx_seq_one_letter_code
_entity_poly.pdbx_strand_id
1 'polypeptide(L)'
;MRGSHHHHHHGSACELGTPNMSEEVSKNLSETLFVKHKQAKETSALTQYMPTSQSLLDEIKEKNGFSWYRNLRRLQWVWQ
GVDPIEQEQVLARIASSKHSRTDEQWLDTVMGYHSGNWAYEWTRLGMEHQKRAGEMTNEAASEALFSASLCYSIAGYPHL
KSDNLAIQAQVLANSAYLEAAKKSKYIIKQLEIPFEKGKITAHLHLTNTDKPHPVVIVSAGLDSLQTDMWRLFRDHLAKH
DIAMLTVDMPSVGYSSKYPLTEDYSRLHQAVLNELFSIPYVDHHRVGLIGFRFGGNAMVRLSFLEQEKIKACVILGAPIH
DIFASPQKLQQMPKMYLDVLASRLGKSVVDIYSLSGQMAAWSLKVQGFLSSRKTKVPILAMSLEGDPVSPYSDNQMVAFF
STYGKAKKISSKTITQGYEQSLDLAIKWLEDELLR
;
A,C,E,G
2 'polypeptide(L)'
;MRGSHHHHHHGSDTMGLFDKLKKLVSDDSASAGAIEIIAPLSGEIVNIEDVPDVVFAEKIVGDGIAIKPTGNKMVAPVNG
TIGKIFETNHAFSIESDDGVELFVHFGIDTVELKGEGFTRIAEEGQTVKAGDTVIEFDLALLEEKAKSTLTPVVISNMDE
IKELNKLSGSVVVGETPVLRVTK
;
B,D,F,H
#
# COMPACT_ATOMS: atom_id res chain seq x y z
N LYS A 41 68.46 -45.09 15.33
CA LYS A 41 67.77 -44.47 14.16
C LYS A 41 67.11 -43.13 14.54
N GLU A 42 66.08 -42.76 13.77
CA GLU A 42 65.34 -41.51 13.99
C GLU A 42 63.86 -41.83 13.93
N THR A 43 63.09 -41.23 14.83
CA THR A 43 61.66 -41.49 14.93
C THR A 43 60.95 -42.06 13.71
N SER A 44 60.94 -41.31 12.61
CA SER A 44 60.27 -41.74 11.38
C SER A 44 60.78 -43.05 10.77
N ALA A 45 61.96 -43.51 11.21
CA ALA A 45 62.53 -44.75 10.69
C ALA A 45 62.86 -45.74 11.81
N LEU A 46 61.86 -46.11 12.60
CA LEU A 46 62.03 -47.06 13.69
C LEU A 46 61.18 -48.26 13.36
N THR A 47 59.96 -47.99 12.92
CA THR A 47 59.05 -49.06 12.55
C THR A 47 59.59 -49.84 11.37
N GLN A 48 60.04 -51.07 11.62
CA GLN A 48 60.53 -51.91 10.54
C GLN A 48 59.36 -52.23 9.63
N TYR A 49 59.53 -51.99 8.34
CA TYR A 49 58.47 -52.26 7.38
C TYR A 49 58.96 -53.32 6.38
N MET A 50 58.03 -53.97 5.71
CA MET A 50 58.38 -54.98 4.73
C MET A 50 58.64 -54.18 3.44
N PRO A 51 59.64 -54.60 2.64
CA PRO A 51 59.95 -53.91 1.39
C PRO A 51 58.68 -53.63 0.59
N THR A 52 57.79 -54.61 0.55
CA THR A 52 56.54 -54.49 -0.19
C THR A 52 55.69 -53.35 0.38
N SER A 53 55.74 -53.18 1.69
CA SER A 53 54.95 -52.13 2.33
C SER A 53 55.64 -50.76 2.32
N GLN A 54 56.97 -50.76 2.40
CA GLN A 54 57.74 -49.53 2.40
C GLN A 54 57.48 -48.71 1.13
N SER A 55 57.07 -49.38 0.06
CA SER A 55 56.78 -48.73 -1.22
C SER A 55 55.46 -47.99 -1.20
N LEU A 56 54.46 -48.59 -0.56
CA LEU A 56 53.14 -47.96 -0.46
C LEU A 56 53.28 -46.70 0.39
N LEU A 57 54.17 -46.76 1.37
CA LEU A 57 54.43 -45.62 2.25
C LEU A 57 55.00 -44.52 1.37
N ASP A 58 55.97 -44.87 0.54
CA ASP A 58 56.60 -43.92 -0.38
C ASP A 58 55.51 -43.30 -1.26
N GLU A 59 54.62 -44.14 -1.75
CA GLU A 59 53.54 -43.68 -2.60
C GLU A 59 52.65 -42.70 -1.87
N ILE A 60 52.26 -43.04 -0.63
CA ILE A 60 51.39 -42.18 0.17
C ILE A 60 52.02 -40.81 0.46
N LYS A 61 53.31 -40.80 0.74
CA LYS A 61 54.01 -39.56 1.02
C LYS A 61 53.93 -38.61 -0.17
N GLU A 62 54.53 -39.01 -1.28
CA GLU A 62 54.51 -38.18 -2.48
C GLU A 62 53.10 -37.92 -2.98
N LYS A 63 52.09 -38.41 -2.25
CA LYS A 63 50.69 -38.23 -2.65
C LYS A 63 49.99 -37.16 -1.81
N ASN A 64 50.36 -37.07 -0.55
CA ASN A 64 49.78 -36.08 0.35
C ASN A 64 50.61 -34.81 0.26
N GLY A 65 51.89 -34.99 -0.06
CA GLY A 65 52.78 -33.85 -0.11
C GLY A 65 53.21 -33.78 1.34
N PHE A 66 52.63 -32.87 2.11
CA PHE A 66 52.99 -32.73 3.52
C PHE A 66 54.49 -32.58 3.70
N SER A 67 54.89 -31.50 4.36
CA SER A 67 56.29 -31.24 4.60
C SER A 67 56.67 -31.73 5.99
N TRP A 68 55.84 -32.58 6.58
CA TRP A 68 56.11 -33.10 7.91
C TRP A 68 55.80 -34.59 8.05
N TYR A 69 56.57 -35.28 8.90
CA TYR A 69 56.34 -36.69 9.19
C TYR A 69 55.18 -36.74 10.20
N ARG A 70 55.42 -36.15 11.35
CA ARG A 70 54.42 -36.09 12.39
C ARG A 70 53.22 -35.22 12.01
N ASN A 71 52.07 -35.57 12.58
CA ASN A 71 50.85 -34.82 12.40
C ASN A 71 50.96 -33.63 13.38
N LEU A 72 51.08 -32.42 12.85
CA LEU A 72 51.19 -31.24 13.70
C LEU A 72 49.79 -30.93 14.24
N ARG A 73 49.70 -30.72 15.54
CA ARG A 73 48.40 -30.44 16.16
C ARG A 73 48.47 -29.07 16.82
N ARG A 74 48.83 -28.08 16.01
CA ARG A 74 48.99 -26.71 16.46
C ARG A 74 47.88 -26.25 17.39
N LEU A 75 46.65 -26.33 16.94
CA LEU A 75 45.52 -25.94 17.79
C LEU A 75 45.47 -26.75 19.09
N GLN A 76 45.44 -28.07 18.98
CA GLN A 76 45.39 -28.92 20.19
C GLN A 76 46.48 -28.56 21.20
N TRP A 77 47.70 -28.36 20.73
CA TRP A 77 48.79 -28.02 21.63
C TRP A 77 48.61 -26.65 22.29
N VAL A 78 47.95 -25.75 21.60
CA VAL A 78 47.69 -24.45 22.16
C VAL A 78 46.67 -24.56 23.28
N TRP A 79 45.64 -25.38 23.07
CA TRP A 79 44.62 -25.56 24.11
C TRP A 79 45.21 -26.27 25.34
N GLN A 80 46.19 -27.13 25.12
CA GLN A 80 46.79 -27.84 26.24
C GLN A 80 47.81 -26.96 26.95
N GLY A 81 48.08 -25.77 26.39
CA GLY A 81 49.01 -24.87 27.06
C GLY A 81 50.24 -24.29 26.39
N VAL A 82 50.58 -24.73 25.18
CA VAL A 82 51.78 -24.21 24.52
C VAL A 82 51.56 -22.78 23.98
N ASP A 83 52.54 -21.93 24.16
CA ASP A 83 52.42 -20.58 23.63
C ASP A 83 52.39 -20.69 22.10
N PRO A 84 51.42 -20.06 21.43
CA PRO A 84 51.39 -20.17 19.96
C PRO A 84 52.62 -19.63 19.23
N ILE A 85 53.22 -18.57 19.73
CA ILE A 85 54.40 -18.06 19.06
C ILE A 85 55.66 -18.94 19.30
N GLU A 86 55.83 -19.45 20.52
CA GLU A 86 56.99 -20.30 20.82
C GLU A 86 56.89 -21.56 19.96
N GLN A 87 55.68 -22.04 19.78
CA GLN A 87 55.46 -23.21 18.95
C GLN A 87 55.96 -22.97 17.52
N GLU A 88 55.60 -21.84 16.90
CA GLU A 88 56.04 -21.53 15.54
C GLU A 88 57.55 -21.39 15.54
N GLN A 89 58.06 -20.72 16.56
CA GLN A 89 59.50 -20.58 16.67
C GLN A 89 60.23 -21.93 16.67
N VAL A 90 59.68 -22.93 17.36
CA VAL A 90 60.30 -24.26 17.43
C VAL A 90 60.25 -24.89 16.06
N LEU A 91 59.09 -24.82 15.42
CA LEU A 91 58.95 -25.38 14.09
C LEU A 91 59.94 -24.69 13.10
N ALA A 92 60.26 -23.42 13.36
CA ALA A 92 61.19 -22.70 12.48
C ALA A 92 62.62 -23.22 12.72
N ARG A 93 62.96 -23.50 13.97
CA ARG A 93 64.30 -24.04 14.24
C ARG A 93 64.44 -25.40 13.58
N ILE A 94 63.35 -26.15 13.57
CA ILE A 94 63.31 -27.48 12.99
C ILE A 94 63.34 -27.44 11.46
N ALA A 95 62.50 -26.62 10.86
CA ALA A 95 62.46 -26.52 9.41
C ALA A 95 63.70 -25.85 8.82
N SER A 96 64.33 -24.94 9.56
CA SER A 96 65.51 -24.26 9.02
C SER A 96 66.83 -24.99 9.19
N SER A 97 66.84 -26.10 9.93
CA SER A 97 68.08 -26.83 10.13
C SER A 97 68.55 -27.42 8.81
N LYS A 98 69.86 -27.44 8.62
CA LYS A 98 70.39 -28.01 7.41
C LYS A 98 71.05 -29.37 7.70
N HIS A 99 70.88 -29.85 8.94
CA HIS A 99 71.44 -31.15 9.32
C HIS A 99 70.72 -32.19 8.51
N SER A 100 71.32 -33.36 8.37
CA SER A 100 70.73 -34.41 7.58
C SER A 100 69.45 -34.94 8.19
N ARG A 101 68.45 -35.10 7.35
CA ARG A 101 67.15 -35.61 7.75
C ARG A 101 66.99 -36.99 7.14
N THR A 102 66.12 -37.80 7.72
CA THR A 102 65.87 -39.14 7.20
C THR A 102 65.25 -39.01 5.82
N ASP A 103 64.29 -38.09 5.71
CA ASP A 103 63.59 -37.85 4.44
C ASP A 103 63.41 -36.33 4.30
N GLU A 104 64.16 -35.71 3.38
CA GLU A 104 64.11 -34.26 3.18
C GLU A 104 62.74 -33.68 2.90
N GLN A 105 61.77 -34.52 2.56
CA GLN A 105 60.42 -34.01 2.32
C GLN A 105 59.76 -33.76 3.69
N TRP A 106 60.39 -34.26 4.75
CA TRP A 106 59.88 -34.10 6.12
C TRP A 106 60.93 -33.37 6.95
N LEU A 107 60.90 -32.03 6.95
CA LEU A 107 61.90 -31.26 7.70
C LEU A 107 61.85 -31.62 9.16
N ASP A 108 60.82 -32.40 9.45
CA ASP A 108 60.47 -32.94 10.74
C ASP A 108 61.40 -34.05 11.25
N THR A 109 62.11 -34.67 10.31
CA THR A 109 62.97 -35.82 10.59
C THR A 109 64.49 -35.71 10.65
N VAL A 110 65.04 -34.65 11.25
CA VAL A 110 66.49 -34.55 11.34
C VAL A 110 67.02 -35.72 12.16
N MET A 111 68.11 -36.34 11.68
CA MET A 111 68.73 -37.48 12.36
C MET A 111 69.76 -36.99 13.38
N GLY A 112 69.67 -37.48 14.60
CA GLY A 112 70.64 -37.04 15.60
C GLY A 112 70.06 -36.11 16.63
N TYR A 113 70.59 -36.19 17.84
CA TYR A 113 70.11 -35.34 18.91
C TYR A 113 70.95 -34.09 19.03
N HIS A 114 70.69 -33.17 18.11
CA HIS A 114 71.35 -31.85 18.07
C HIS A 114 70.38 -30.92 17.35
N SER A 115 70.72 -29.64 17.26
CA SER A 115 69.83 -28.66 16.63
C SER A 115 69.14 -29.19 15.38
N GLY A 116 67.87 -28.85 15.24
CA GLY A 116 67.11 -29.29 14.09
C GLY A 116 66.23 -30.47 14.43
N ASN A 117 66.72 -31.36 15.29
CA ASN A 117 65.95 -32.53 15.69
C ASN A 117 64.71 -32.13 16.52
N TRP A 118 63.60 -32.80 16.24
CA TRP A 118 62.33 -32.53 16.89
C TRP A 118 62.38 -32.58 18.40
N ALA A 119 62.83 -33.71 18.93
CA ALA A 119 62.94 -33.92 20.37
C ALA A 119 63.84 -32.87 20.96
N TYR A 120 64.94 -32.62 20.27
CA TYR A 120 65.91 -31.66 20.75
C TYR A 120 65.35 -30.24 20.83
N GLU A 121 64.68 -29.79 19.76
CA GLU A 121 64.16 -28.42 19.80
C GLU A 121 63.00 -28.28 20.83
N TRP A 122 62.11 -29.26 20.92
CA TRP A 122 61.05 -29.15 21.90
C TRP A 122 61.60 -29.22 23.32
N THR A 123 62.62 -30.06 23.53
CA THR A 123 63.25 -30.18 24.84
C THR A 123 63.87 -28.83 25.25
N ARG A 124 64.53 -28.20 24.29
CA ARG A 124 65.12 -26.87 24.48
C ARG A 124 64.05 -25.90 25.05
N LEU A 125 62.89 -25.86 24.41
CA LEU A 125 61.81 -24.99 24.85
C LEU A 125 61.34 -25.41 26.22
N GLY A 126 61.43 -26.70 26.47
CA GLY A 126 61.00 -27.20 27.77
C GLY A 126 61.95 -26.76 28.87
N MET A 127 63.24 -26.84 28.59
CA MET A 127 64.24 -26.44 29.58
C MET A 127 64.15 -24.95 29.89
N GLU A 128 63.90 -24.18 28.84
CA GLU A 128 63.78 -22.73 28.94
C GLU A 128 62.66 -22.40 29.92
N HIS A 129 61.51 -23.04 29.75
CA HIS A 129 60.39 -22.82 30.67
C HIS A 129 60.75 -23.30 32.08
N GLN A 130 61.43 -24.43 32.15
CA GLN A 130 61.82 -24.99 33.45
C GLN A 130 62.86 -24.12 34.13
N LYS A 131 63.87 -23.71 33.39
CA LYS A 131 64.92 -22.87 33.95
C LYS A 131 64.32 -21.58 34.51
N ARG A 132 63.51 -20.89 33.72
CA ARG A 132 62.93 -19.64 34.20
C ARG A 132 61.85 -19.83 35.26
N ALA A 133 61.50 -21.08 35.55
CA ALA A 133 60.52 -21.35 36.59
C ALA A 133 61.28 -21.09 37.89
N GLY A 134 62.59 -21.28 37.83
CA GLY A 134 63.48 -21.08 38.96
C GLY A 134 63.47 -19.73 39.63
N GLU A 135 62.75 -18.76 39.07
CA GLU A 135 62.68 -17.43 39.67
C GLU A 135 61.32 -16.79 39.52
N MET A 136 60.28 -17.54 39.83
CA MET A 136 58.92 -17.02 39.77
C MET A 136 58.28 -17.29 41.11
N THR A 137 57.12 -16.69 41.34
CA THR A 137 56.39 -16.91 42.58
C THR A 137 56.02 -18.39 42.53
N ASN A 138 55.11 -18.85 43.37
CA ASN A 138 54.77 -20.27 43.33
C ASN A 138 53.69 -20.62 42.33
N GLU A 139 52.70 -19.75 42.18
CA GLU A 139 51.62 -20.02 41.25
C GLU A 139 52.21 -19.94 39.85
N ALA A 140 53.08 -18.96 39.65
CA ALA A 140 53.72 -18.73 38.35
C ALA A 140 54.78 -19.80 38.07
N ALA A 141 55.47 -20.24 39.10
CA ALA A 141 56.50 -21.25 38.93
C ALA A 141 55.89 -22.56 38.44
N SER A 142 54.78 -22.94 39.04
CA SER A 142 54.12 -24.18 38.67
C SER A 142 53.66 -24.10 37.22
N GLU A 143 53.03 -23.00 36.85
CA GLU A 143 52.57 -22.88 35.47
C GLU A 143 53.70 -22.98 34.47
N ALA A 144 54.87 -22.50 34.84
CA ALA A 144 56.01 -22.59 33.95
C ALA A 144 56.48 -24.05 33.90
N LEU A 145 56.32 -24.77 35.02
CA LEU A 145 56.74 -26.18 35.07
C LEU A 145 55.77 -27.05 34.26
N PHE A 146 54.48 -26.81 34.42
CA PHE A 146 53.46 -27.55 33.67
C PHE A 146 53.71 -27.31 32.19
N SER A 147 54.01 -26.07 31.83
CA SER A 147 54.26 -25.79 30.43
C SER A 147 55.54 -26.48 29.99
N ALA A 148 56.52 -26.56 30.87
CA ALA A 148 57.77 -27.25 30.58
C ALA A 148 57.42 -28.71 30.32
N SER A 149 56.57 -29.25 31.18
CA SER A 149 56.12 -30.64 31.10
C SER A 149 55.51 -30.98 29.75
N LEU A 150 54.68 -30.06 29.24
CA LEU A 150 53.99 -30.25 27.97
C LEU A 150 54.96 -30.26 26.79
N CYS A 151 55.95 -29.37 26.83
CA CYS A 151 56.95 -29.31 25.77
C CYS A 151 57.69 -30.64 25.74
N TYR A 152 58.09 -31.13 26.91
CA TYR A 152 58.78 -32.41 26.95
C TYR A 152 57.93 -33.49 26.33
N SER A 153 56.63 -33.45 26.60
CA SER A 153 55.74 -34.45 26.06
C SER A 153 55.67 -34.39 24.54
N ILE A 154 55.49 -33.19 24.01
CA ILE A 154 55.44 -32.98 22.57
C ILE A 154 56.76 -33.46 21.97
N ALA A 155 57.85 -33.15 22.65
CA ALA A 155 59.18 -33.55 22.22
C ALA A 155 59.23 -35.07 21.96
N GLY A 156 58.47 -35.85 22.72
CA GLY A 156 58.49 -37.29 22.50
C GLY A 156 57.41 -37.83 21.57
N TYR A 157 56.41 -37.00 21.29
CA TYR A 157 55.30 -37.35 20.41
C TYR A 157 55.85 -37.90 19.09
N PRO A 158 55.22 -38.93 18.51
CA PRO A 158 54.03 -39.66 18.96
C PRO A 158 54.32 -40.80 19.94
N HIS A 159 55.46 -40.76 20.62
CA HIS A 159 55.79 -41.77 21.62
C HIS A 159 55.84 -43.24 21.13
N LEU A 160 56.84 -43.57 20.32
CA LEU A 160 57.01 -44.92 19.81
C LEU A 160 57.87 -45.60 20.87
N LYS A 161 57.50 -46.82 21.25
CA LYS A 161 58.20 -47.57 22.30
C LYS A 161 59.71 -47.68 22.13
N SER A 162 60.16 -47.73 20.88
CA SER A 162 61.59 -47.87 20.60
C SER A 162 62.37 -46.57 20.57
N ASP A 163 61.67 -45.43 20.68
CA ASP A 163 62.31 -44.12 20.63
C ASP A 163 62.98 -43.71 21.93
N ASN A 164 64.30 -43.90 22.02
CA ASN A 164 65.03 -43.55 23.22
C ASN A 164 65.07 -42.04 23.54
N LEU A 165 64.98 -41.21 22.50
CA LEU A 165 64.96 -39.77 22.73
C LEU A 165 63.60 -39.43 23.34
N ALA A 166 62.54 -39.98 22.76
CA ALA A 166 61.19 -39.75 23.25
C ALA A 166 61.04 -40.24 24.67
N ILE A 167 61.75 -41.32 25.01
CA ILE A 167 61.64 -41.88 26.35
C ILE A 167 62.26 -41.04 27.43
N GLN A 168 63.42 -40.46 27.20
CA GLN A 168 63.92 -39.64 28.28
C GLN A 168 63.12 -38.32 28.30
N ALA A 169 62.56 -37.96 27.16
CA ALA A 169 61.76 -36.73 27.09
C ALA A 169 60.56 -36.97 28.01
N GLN A 170 60.07 -38.21 27.99
CA GLN A 170 58.94 -38.62 28.82
C GLN A 170 59.32 -38.53 30.32
N VAL A 171 60.58 -38.84 30.64
CA VAL A 171 61.04 -38.76 32.02
C VAL A 171 61.01 -37.30 32.45
N LEU A 172 61.51 -36.44 31.58
CA LEU A 172 61.48 -35.01 31.88
C LEU A 172 60.05 -34.54 32.11
N ALA A 173 59.15 -34.96 31.22
CA ALA A 173 57.73 -34.64 31.30
C ALA A 173 57.14 -35.01 32.67
N ASN A 174 57.37 -36.26 33.12
CA ASN A 174 56.87 -36.73 34.42
C ASN A 174 57.40 -35.88 35.57
N SER A 175 58.71 -35.68 35.58
CA SER A 175 59.40 -34.89 36.60
C SER A 175 58.87 -33.47 36.71
N ALA A 176 58.82 -32.80 35.56
CA ALA A 176 58.35 -31.43 35.50
C ALA A 176 56.92 -31.38 35.99
N TYR A 177 56.14 -32.41 35.67
CA TYR A 177 54.75 -32.45 36.10
C TYR A 177 54.71 -32.59 37.64
N LEU A 178 55.61 -33.39 38.20
CA LEU A 178 55.65 -33.58 39.65
C LEU A 178 56.00 -32.26 40.35
N GLU A 179 57.08 -31.62 39.89
CA GLU A 179 57.50 -30.36 40.47
C GLU A 179 56.44 -29.28 40.35
N ALA A 180 55.72 -29.26 39.22
CA ALA A 180 54.67 -28.26 39.05
C ALA A 180 53.58 -28.43 40.13
N ALA A 181 53.24 -29.68 40.42
CA ALA A 181 52.22 -29.96 41.42
C ALA A 181 52.66 -29.49 42.82
N LYS A 182 53.95 -29.62 43.12
CA LYS A 182 54.44 -29.19 44.42
C LYS A 182 54.11 -27.73 44.64
N LYS A 183 54.42 -26.92 43.64
CA LYS A 183 54.20 -25.49 43.72
C LYS A 183 52.81 -24.98 43.34
N SER A 184 51.88 -25.90 43.16
CA SER A 184 50.51 -25.53 42.78
C SER A 184 49.58 -25.34 43.99
N LYS A 185 48.53 -24.56 43.82
CA LYS A 185 47.58 -24.33 44.89
C LYS A 185 46.74 -25.59 45.00
N TYR A 186 46.75 -26.38 43.94
CA TYR A 186 45.98 -27.61 43.88
C TYR A 186 46.75 -28.83 44.33
N ILE A 187 46.02 -29.93 44.48
CA ILE A 187 46.61 -31.18 44.93
C ILE A 187 46.69 -32.18 43.78
N ILE A 188 47.91 -32.62 43.47
CA ILE A 188 48.09 -33.62 42.44
C ILE A 188 48.82 -34.78 43.07
N LYS A 189 48.17 -35.93 43.19
CA LYS A 189 48.81 -37.08 43.80
C LYS A 189 49.12 -38.12 42.73
N GLN A 190 50.32 -38.68 42.78
CA GLN A 190 50.67 -39.71 41.82
C GLN A 190 50.37 -41.03 42.54
N LEU A 191 49.37 -41.74 42.03
CA LEU A 191 48.96 -43.01 42.60
C LEU A 191 49.56 -44.19 41.87
N GLU A 192 49.83 -45.25 42.63
CA GLU A 192 50.38 -46.48 42.09
C GLU A 192 49.40 -47.54 42.50
N ILE A 193 48.91 -48.29 41.52
CA ILE A 193 47.94 -49.31 41.80
C ILE A 193 48.47 -50.63 41.28
N PRO A 194 48.65 -51.61 42.19
CA PRO A 194 49.15 -52.93 41.84
C PRO A 194 48.27 -53.58 40.76
N PHE A 195 48.91 -54.27 39.83
CA PHE A 195 48.16 -54.93 38.75
C PHE A 195 49.07 -55.85 37.91
N GLU A 196 48.52 -56.98 37.47
CA GLU A 196 49.24 -57.96 36.64
C GLU A 196 50.74 -58.00 36.94
N LYS A 197 51.11 -58.32 38.18
CA LYS A 197 52.51 -58.37 38.55
C LYS A 197 53.14 -57.14 37.90
N GLY A 198 52.77 -55.98 38.44
CA GLY A 198 53.24 -54.71 37.95
C GLY A 198 52.34 -53.64 38.54
N LYS A 199 52.55 -52.39 38.17
CA LYS A 199 51.70 -51.33 38.71
C LYS A 199 51.21 -50.33 37.68
N ILE A 200 50.01 -49.81 37.92
CA ILE A 200 49.40 -48.82 37.06
C ILE A 200 49.67 -47.46 37.71
N THR A 201 50.06 -46.48 36.92
CA THR A 201 50.30 -45.13 37.45
C THR A 201 49.15 -44.24 37.02
N ALA A 202 48.59 -43.51 37.97
CA ALA A 202 47.48 -42.63 37.64
C ALA A 202 47.71 -41.36 38.44
N HIS A 203 47.21 -40.24 37.95
CA HIS A 203 47.38 -38.97 38.66
C HIS A 203 46.04 -38.46 39.14
N LEU A 204 45.95 -38.20 40.44
CA LEU A 204 44.71 -37.71 41.04
C LEU A 204 44.79 -36.20 41.32
N HIS A 205 43.99 -35.44 40.58
CA HIS A 205 43.96 -33.98 40.73
C HIS A 205 42.79 -33.58 41.63
N LEU A 206 43.09 -33.01 42.78
CA LEU A 206 42.06 -32.58 43.71
C LEU A 206 42.14 -31.08 43.95
N THR A 207 40.99 -30.44 44.04
CA THR A 207 40.93 -29.02 44.30
C THR A 207 41.32 -28.83 45.76
N ASN A 208 41.01 -29.83 46.56
CA ASN A 208 41.31 -29.80 47.99
C ASN A 208 40.90 -31.11 48.66
N THR A 209 41.41 -31.33 49.86
CA THR A 209 41.09 -32.52 50.62
C THR A 209 40.12 -32.21 51.76
N ASP A 210 39.09 -31.43 51.48
CA ASP A 210 38.09 -31.10 52.50
C ASP A 210 37.07 -32.24 52.53
N LYS A 211 36.11 -32.19 51.61
CA LYS A 211 35.08 -33.22 51.52
C LYS A 211 35.42 -34.15 50.36
N PRO A 212 34.93 -35.40 50.40
CA PRO A 212 35.22 -36.31 49.29
C PRO A 212 34.69 -35.68 48.01
N HIS A 213 35.33 -35.96 46.88
CA HIS A 213 34.91 -35.37 45.62
C HIS A 213 34.50 -36.33 44.53
N PRO A 214 33.55 -35.92 43.68
CA PRO A 214 33.17 -36.84 42.61
C PRO A 214 34.43 -36.86 41.74
N VAL A 215 34.76 -38.01 41.18
CA VAL A 215 35.95 -38.09 40.35
C VAL A 215 35.61 -38.51 38.95
N VAL A 216 36.39 -38.01 37.99
CA VAL A 216 36.22 -38.34 36.59
C VAL A 216 37.50 -39.01 36.15
N ILE A 217 37.38 -40.24 35.66
CA ILE A 217 38.55 -40.98 35.19
C ILE A 217 38.76 -40.53 33.75
N VAL A 218 39.95 -40.00 33.47
CA VAL A 218 40.22 -39.50 32.13
C VAL A 218 41.30 -40.20 31.38
N SER A 219 41.03 -40.46 30.11
CA SER A 219 42.00 -41.10 29.25
C SER A 219 41.95 -40.54 27.84
N ALA A 220 43.13 -40.24 27.28
CA ALA A 220 43.24 -39.68 25.93
C ALA A 220 43.55 -40.75 24.88
N GLY A 221 44.17 -40.33 23.78
CA GLY A 221 44.47 -41.25 22.70
C GLY A 221 45.82 -41.95 22.72
N LEU A 222 46.01 -42.83 21.73
CA LEU A 222 47.22 -43.65 21.59
C LEU A 222 48.53 -42.89 21.43
N ASP A 223 48.46 -41.62 21.04
CA ASP A 223 49.68 -40.83 20.90
C ASP A 223 49.83 -39.75 21.96
N SER A 224 49.07 -39.87 23.04
CA SER A 224 49.15 -38.90 24.14
C SER A 224 49.76 -39.48 25.42
N LEU A 225 49.99 -38.61 26.39
CA LEU A 225 50.50 -39.03 27.69
C LEU A 225 49.40 -38.57 28.62
N GLN A 226 49.20 -39.27 29.73
CA GLN A 226 48.13 -38.92 30.64
C GLN A 226 48.28 -37.56 31.29
N THR A 227 49.51 -37.05 31.26
CA THR A 227 49.78 -35.76 31.85
C THR A 227 49.57 -34.58 30.90
N ASP A 228 49.01 -34.82 29.70
CA ASP A 228 48.77 -33.76 28.72
C ASP A 228 47.42 -33.06 28.92
N MET A 229 46.77 -33.28 30.06
CA MET A 229 45.46 -32.69 30.26
C MET A 229 45.29 -31.85 31.50
N TRP A 230 46.38 -31.23 31.93
CA TRP A 230 46.32 -30.36 33.09
C TRP A 230 45.26 -29.29 32.88
N ARG A 231 45.19 -28.72 31.68
CA ARG A 231 44.19 -27.69 31.42
C ARG A 231 42.74 -28.15 31.58
N LEU A 232 42.47 -29.42 31.26
CA LEU A 232 41.11 -29.96 31.39
C LEU A 232 40.72 -29.91 32.85
N PHE A 233 41.71 -29.94 33.74
CA PHE A 233 41.43 -29.88 35.18
C PHE A 233 41.38 -28.44 35.67
N ARG A 234 42.46 -27.71 35.40
CA ARG A 234 42.58 -26.33 35.83
C ARG A 234 41.53 -25.35 35.32
N ASP A 235 41.07 -25.53 34.08
CA ASP A 235 40.09 -24.59 33.52
C ASP A 235 38.69 -25.16 33.32
N HIS A 236 38.45 -26.38 33.76
CA HIS A 236 37.13 -26.95 33.53
C HIS A 236 36.60 -27.87 34.64
N LEU A 237 37.46 -28.72 35.20
CA LEU A 237 37.00 -29.60 36.25
C LEU A 237 37.18 -28.97 37.62
N ALA A 238 38.34 -28.40 37.88
CA ALA A 238 38.62 -27.76 39.17
C ALA A 238 37.56 -26.73 39.52
N LYS A 239 37.14 -25.97 38.52
CA LYS A 239 36.14 -24.91 38.72
C LYS A 239 34.84 -25.43 39.35
N HIS A 240 34.55 -26.71 39.15
CA HIS A 240 33.32 -27.29 39.70
C HIS A 240 33.63 -28.19 40.90
N ASP A 241 34.88 -28.14 41.37
CA ASP A 241 35.29 -28.95 42.51
C ASP A 241 35.33 -30.46 42.20
N ILE A 242 35.38 -30.80 40.91
CA ILE A 242 35.41 -32.20 40.47
C ILE A 242 36.85 -32.74 40.39
N ALA A 243 37.09 -33.91 40.97
CA ALA A 243 38.44 -34.48 40.94
C ALA A 243 38.68 -35.14 39.58
N MET A 244 39.93 -35.07 39.10
CA MET A 244 40.29 -35.67 37.81
C MET A 244 41.35 -36.71 38.05
N LEU A 245 41.13 -37.91 37.54
CA LEU A 245 42.08 -39.00 37.69
C LEU A 245 42.46 -39.49 36.32
N THR A 246 43.66 -39.14 35.88
CA THR A 246 44.10 -39.53 34.55
C THR A 246 44.77 -40.90 34.58
N VAL A 247 44.67 -41.62 33.47
CA VAL A 247 45.27 -42.94 33.35
C VAL A 247 45.70 -43.19 31.91
N ASP A 248 46.76 -43.94 31.71
CA ASP A 248 47.18 -44.24 30.35
C ASP A 248 46.64 -45.63 29.97
N MET A 249 46.05 -45.71 28.78
CA MET A 249 45.55 -46.99 28.27
C MET A 249 46.76 -47.92 28.15
N PRO A 250 46.54 -49.23 28.25
CA PRO A 250 47.67 -50.17 28.14
C PRO A 250 48.45 -49.95 26.83
N SER A 251 49.78 -49.92 26.95
CA SER A 251 50.73 -49.72 25.85
C SER A 251 51.05 -48.24 25.61
N VAL A 252 50.37 -47.36 26.34
CA VAL A 252 50.58 -45.92 26.22
C VAL A 252 51.21 -45.35 27.51
N GLY A 253 52.11 -44.37 27.34
CA GLY A 253 52.74 -43.71 28.46
C GLY A 253 53.20 -44.53 29.66
N TYR A 254 52.71 -44.18 30.85
CA TYR A 254 53.09 -44.91 32.06
C TYR A 254 52.64 -46.38 31.97
N SER A 255 51.68 -46.64 31.09
CA SER A 255 51.16 -48.00 30.95
C SER A 255 51.73 -48.76 29.75
N SER A 256 52.87 -48.29 29.26
CA SER A 256 53.52 -48.90 28.10
C SER A 256 54.04 -50.31 28.34
N LYS A 257 54.26 -50.68 29.59
CA LYS A 257 54.74 -52.03 29.90
C LYS A 257 53.61 -53.06 29.76
N TYR A 258 52.37 -52.59 29.73
CA TYR A 258 51.21 -53.46 29.59
C TYR A 258 50.83 -53.58 28.13
N PRO A 259 50.80 -54.80 27.57
CA PRO A 259 50.43 -54.95 26.15
C PRO A 259 48.98 -54.53 25.86
N LEU A 260 48.74 -54.06 24.64
CA LEU A 260 47.41 -53.63 24.21
C LEU A 260 46.66 -54.87 23.69
N THR A 261 45.93 -55.54 24.58
CA THR A 261 45.20 -56.77 24.24
C THR A 261 43.72 -56.58 23.94
N GLU A 262 43.00 -57.70 23.81
CA GLU A 262 41.56 -57.71 23.54
C GLU A 262 40.85 -56.84 24.59
N ASP A 263 41.12 -57.09 25.86
CA ASP A 263 40.51 -56.29 26.90
C ASP A 263 41.47 -55.14 27.26
N TYR A 264 41.32 -54.05 26.51
CA TYR A 264 42.16 -52.88 26.71
C TYR A 264 41.52 -51.82 27.59
N SER A 265 40.59 -52.24 28.46
CA SER A 265 39.93 -51.33 29.39
C SER A 265 40.13 -51.93 30.79
N ARG A 266 40.97 -52.97 30.84
CA ARG A 266 41.27 -53.65 32.09
C ARG A 266 41.93 -52.72 33.10
N LEU A 267 42.86 -51.88 32.62
CA LEU A 267 43.54 -50.97 33.52
C LEU A 267 42.51 -50.05 34.17
N HIS A 268 41.67 -49.44 33.33
CA HIS A 268 40.64 -48.56 33.83
C HIS A 268 39.74 -49.28 34.84
N GLN A 269 39.49 -50.56 34.61
CA GLN A 269 38.67 -51.33 35.54
C GLN A 269 39.42 -51.47 36.85
N ALA A 270 40.72 -51.73 36.77
CA ALA A 270 41.52 -51.88 37.96
C ALA A 270 41.51 -50.59 38.78
N VAL A 271 41.54 -49.45 38.08
CA VAL A 271 41.54 -48.15 38.76
C VAL A 271 40.19 -47.94 39.44
N LEU A 272 39.15 -48.42 38.81
CA LEU A 272 37.82 -48.30 39.33
C LEU A 272 37.73 -49.07 40.65
N ASN A 273 38.38 -50.22 40.73
CA ASN A 273 38.35 -51.01 41.95
C ASN A 273 39.13 -50.34 43.07
N GLU A 274 40.16 -49.58 42.72
CA GLU A 274 40.96 -48.96 43.75
C GLU A 274 40.29 -47.75 44.37
N LEU A 275 39.31 -47.19 43.66
CA LEU A 275 38.61 -46.01 44.14
C LEU A 275 38.05 -46.16 45.55
N PHE A 276 37.45 -47.31 45.84
CA PHE A 276 36.86 -47.53 47.15
C PHE A 276 37.86 -47.36 48.29
N SER A 277 39.15 -47.36 47.96
CA SER A 277 40.18 -47.20 48.99
C SER A 277 40.95 -45.88 48.92
N ILE A 278 40.40 -44.91 48.20
CA ILE A 278 41.02 -43.59 48.08
C ILE A 278 40.10 -42.60 48.79
N PRO A 279 40.45 -42.24 50.03
CA PRO A 279 39.70 -41.32 50.91
C PRO A 279 39.25 -39.97 50.33
N TYR A 280 39.92 -39.49 49.29
CA TYR A 280 39.59 -38.20 48.72
C TYR A 280 38.47 -38.21 47.69
N VAL A 281 38.11 -39.39 47.21
CA VAL A 281 37.07 -39.44 46.22
C VAL A 281 35.80 -40.15 46.68
N ASP A 282 34.70 -39.75 46.05
CA ASP A 282 33.38 -40.31 46.29
C ASP A 282 33.26 -41.45 45.27
N HIS A 283 33.75 -42.64 45.63
CA HIS A 283 33.70 -43.78 44.73
C HIS A 283 32.28 -44.17 44.32
N HIS A 284 31.30 -43.41 44.81
CA HIS A 284 29.91 -43.66 44.47
C HIS A 284 29.50 -42.63 43.41
N ARG A 285 30.39 -41.68 43.12
CA ARG A 285 30.15 -40.65 42.12
C ARG A 285 31.31 -40.60 41.11
N VAL A 286 31.38 -41.62 40.26
CA VAL A 286 32.44 -41.75 39.28
C VAL A 286 32.00 -41.44 37.84
N GLY A 287 32.74 -40.54 37.19
CA GLY A 287 32.42 -40.18 35.82
C GLY A 287 33.59 -40.54 34.90
N LEU A 288 33.32 -40.63 33.60
CA LEU A 288 34.35 -40.97 32.63
C LEU A 288 34.41 -40.01 31.44
N ILE A 289 35.62 -39.57 31.08
CA ILE A 289 35.84 -38.74 29.92
C ILE A 289 36.95 -39.40 29.10
N GLY A 290 36.71 -39.58 27.81
CA GLY A 290 37.72 -40.22 26.98
C GLY A 290 37.89 -39.48 25.67
N PHE A 291 39.15 -39.29 25.26
CA PHE A 291 39.47 -38.61 24.01
C PHE A 291 40.04 -39.62 23.01
N ARG A 292 39.70 -39.46 21.73
CA ARG A 292 40.18 -40.39 20.72
C ARG A 292 39.97 -41.86 21.13
N PHE A 293 40.94 -42.72 20.89
CA PHE A 293 40.73 -44.12 21.26
C PHE A 293 40.36 -44.25 22.72
N GLY A 294 40.81 -43.30 23.53
CA GLY A 294 40.51 -43.34 24.94
C GLY A 294 39.00 -43.45 25.11
N GLY A 295 38.27 -42.81 24.19
CA GLY A 295 36.82 -42.82 24.24
C GLY A 295 36.19 -44.15 23.91
N ASN A 296 36.85 -44.90 23.04
CA ASN A 296 36.38 -46.21 22.68
C ASN A 296 36.39 -47.08 23.94
N ALA A 297 37.52 -47.03 24.67
CA ALA A 297 37.69 -47.78 25.91
C ALA A 297 36.72 -47.35 27.01
N MET A 298 36.37 -46.07 27.04
CA MET A 298 35.44 -45.59 28.04
C MET A 298 34.03 -46.12 27.77
N VAL A 299 33.64 -46.20 26.50
CA VAL A 299 32.33 -46.74 26.20
C VAL A 299 32.37 -48.19 26.71
N ARG A 300 33.42 -48.89 26.32
CA ARG A 300 33.64 -50.26 26.72
C ARG A 300 33.45 -50.39 28.24
N LEU A 301 34.25 -49.67 29.01
CA LEU A 301 34.14 -49.72 30.47
C LEU A 301 32.72 -49.40 30.90
N SER A 302 32.05 -48.55 30.13
CA SER A 302 30.68 -48.17 30.48
C SER A 302 29.68 -49.29 30.30
N PHE A 303 30.10 -50.35 29.61
CA PHE A 303 29.24 -51.52 29.44
C PHE A 303 29.60 -52.56 30.50
N LEU A 304 30.90 -52.68 30.77
CA LEU A 304 31.43 -53.63 31.72
C LEU A 304 31.24 -53.30 33.21
N GLU A 305 30.94 -52.05 33.52
CA GLU A 305 30.78 -51.61 34.91
C GLU A 305 29.62 -50.63 35.08
N GLN A 306 28.51 -50.88 34.38
CA GLN A 306 27.36 -49.98 34.45
C GLN A 306 26.98 -49.54 35.86
N GLU A 307 26.96 -50.51 36.77
CA GLU A 307 26.57 -50.22 38.14
C GLU A 307 27.51 -49.27 38.87
N LYS A 308 28.79 -49.30 38.55
CA LYS A 308 29.75 -48.46 39.25
C LYS A 308 30.18 -47.17 38.54
N ILE A 309 29.43 -46.76 37.52
CA ILE A 309 29.76 -45.53 36.80
C ILE A 309 28.51 -44.70 36.56
N LYS A 310 28.58 -43.42 36.92
CA LYS A 310 27.44 -42.52 36.76
C LYS A 310 27.22 -42.00 35.33
N ALA A 311 28.27 -41.48 34.70
CA ALA A 311 28.15 -40.96 33.34
C ALA A 311 29.47 -41.07 32.57
N CYS A 312 29.38 -41.07 31.25
CA CYS A 312 30.55 -41.14 30.38
C CYS A 312 30.43 -40.12 29.26
N VAL A 313 31.56 -39.49 28.95
CA VAL A 313 31.63 -38.47 27.89
C VAL A 313 32.84 -38.79 27.01
N ILE A 314 32.61 -38.83 25.71
CA ILE A 314 33.66 -39.12 24.77
C ILE A 314 33.76 -38.03 23.68
N LEU A 315 34.99 -37.81 23.22
CA LEU A 315 35.25 -36.80 22.21
C LEU A 315 36.23 -37.29 21.15
N GLY A 316 35.81 -37.20 19.89
CA GLY A 316 36.66 -37.63 18.79
C GLY A 316 36.92 -39.10 18.87
N ALA A 317 35.98 -39.84 19.45
CA ALA A 317 36.16 -41.28 19.59
C ALA A 317 35.89 -42.07 18.31
N PRO A 318 36.83 -42.94 17.92
CA PRO A 318 36.74 -43.78 16.72
C PRO A 318 36.01 -45.07 17.09
N ILE A 319 34.68 -45.02 17.09
CA ILE A 319 33.86 -46.18 17.43
C ILE A 319 33.90 -47.30 16.40
N HIS A 320 33.29 -47.07 15.23
CA HIS A 320 33.25 -48.11 14.22
C HIS A 320 33.76 -47.78 12.83
N ASP A 321 33.19 -46.74 12.22
CA ASP A 321 33.55 -46.35 10.85
C ASP A 321 34.98 -46.59 10.39
N ILE A 322 35.92 -45.80 10.89
CA ILE A 322 37.31 -45.94 10.49
C ILE A 322 37.82 -47.37 10.62
N PHE A 323 37.22 -48.12 11.54
CA PHE A 323 37.65 -49.50 11.72
C PHE A 323 37.09 -50.37 10.60
N ALA A 324 35.96 -49.95 10.05
CA ALA A 324 35.33 -50.66 8.94
C ALA A 324 35.73 -49.90 7.67
N SER A 325 37.04 -49.86 7.40
CA SER A 325 37.54 -49.14 6.25
C SER A 325 39.05 -49.35 6.09
N PRO A 326 39.45 -50.51 5.55
CA PRO A 326 40.87 -50.87 5.33
C PRO A 326 41.55 -50.03 4.25
N GLN A 327 40.75 -49.49 3.33
CA GLN A 327 41.28 -48.64 2.29
C GLN A 327 41.89 -47.44 3.01
N LYS A 328 41.05 -46.75 3.77
CA LYS A 328 41.47 -45.58 4.54
C LYS A 328 42.67 -45.86 5.44
N LEU A 329 42.57 -46.90 6.25
CA LEU A 329 43.65 -47.26 7.17
C LEU A 329 45.01 -47.42 6.50
N GLN A 330 45.05 -48.15 5.40
CA GLN A 330 46.30 -48.37 4.67
C GLN A 330 46.69 -47.14 3.85
N GLN A 331 45.92 -46.06 4.01
CA GLN A 331 46.17 -44.82 3.31
C GLN A 331 46.71 -43.74 4.27
N MET A 332 46.23 -43.74 5.51
CA MET A 332 46.66 -42.77 6.54
C MET A 332 48.14 -42.45 6.48
N PRO A 333 48.54 -41.35 7.12
CA PRO A 333 49.94 -40.92 7.16
C PRO A 333 50.78 -41.95 7.91
N LYS A 334 52.04 -42.09 7.51
CA LYS A 334 52.91 -43.04 8.16
C LYS A 334 53.01 -42.90 9.69
N MET A 335 52.92 -41.69 10.22
CA MET A 335 53.05 -41.50 11.67
C MET A 335 52.02 -42.35 12.41
N TYR A 336 50.79 -42.33 11.91
CA TYR A 336 49.71 -43.10 12.50
C TYR A 336 49.93 -44.60 12.43
N LEU A 337 50.54 -45.08 11.34
CA LEU A 337 50.78 -46.50 11.20
C LEU A 337 51.91 -46.88 12.14
N ASP A 338 52.88 -45.99 12.29
CA ASP A 338 54.02 -46.24 13.16
C ASP A 338 53.49 -46.40 14.57
N VAL A 339 52.48 -45.61 14.90
CA VAL A 339 51.89 -45.64 16.23
C VAL A 339 51.21 -46.99 16.49
N LEU A 340 50.36 -47.42 15.56
CA LEU A 340 49.68 -48.70 15.68
C LEU A 340 50.72 -49.82 15.82
N ALA A 341 51.65 -49.89 14.87
CA ALA A 341 52.68 -50.93 14.91
C ALA A 341 53.35 -50.95 16.29
N SER A 342 53.48 -49.78 16.90
CA SER A 342 54.12 -49.71 18.20
C SER A 342 53.22 -50.20 19.35
N ARG A 343 51.96 -49.77 19.36
CA ARG A 343 51.06 -50.19 20.42
C ARG A 343 50.78 -51.69 20.34
N LEU A 344 50.72 -52.20 19.12
CA LEU A 344 50.45 -53.62 18.89
C LEU A 344 51.67 -54.52 19.02
N GLY A 345 52.82 -53.94 19.34
CA GLY A 345 54.03 -54.73 19.51
C GLY A 345 54.57 -55.47 18.29
N LYS A 346 54.18 -55.04 17.11
CA LYS A 346 54.63 -55.66 15.86
C LYS A 346 56.14 -55.54 15.69
N SER A 347 56.76 -56.59 15.15
CA SER A 347 58.20 -56.60 14.94
C SER A 347 58.52 -56.12 13.53
N VAL A 348 57.62 -56.43 12.61
CA VAL A 348 57.76 -56.03 11.21
C VAL A 348 56.34 -55.79 10.73
N VAL A 349 56.15 -54.71 9.99
CA VAL A 349 54.82 -54.36 9.52
C VAL A 349 54.50 -54.68 8.09
N ASP A 350 53.26 -55.09 7.87
CA ASP A 350 52.73 -55.36 6.55
C ASP A 350 51.50 -54.48 6.66
N ILE A 351 51.57 -53.28 6.10
CA ILE A 351 50.46 -52.34 6.16
C ILE A 351 49.13 -52.98 5.82
N TYR A 352 49.16 -53.97 4.93
CA TYR A 352 47.93 -54.64 4.53
C TYR A 352 47.44 -55.55 5.66
N SER A 353 48.34 -56.33 6.22
CA SER A 353 48.00 -57.23 7.32
C SER A 353 47.37 -56.43 8.47
N LEU A 354 48.04 -55.37 8.92
CA LEU A 354 47.56 -54.52 10.01
C LEU A 354 46.18 -53.94 9.75
N SER A 355 45.95 -53.47 8.53
CA SER A 355 44.66 -52.91 8.20
C SER A 355 43.60 -53.94 8.58
N GLY A 356 43.96 -55.21 8.43
CA GLY A 356 43.06 -56.29 8.76
C GLY A 356 42.73 -56.32 10.24
N GLN A 357 43.71 -56.67 11.07
CA GLN A 357 43.52 -56.73 12.52
C GLN A 357 42.56 -55.65 13.04
N MET A 358 42.87 -54.40 12.72
CA MET A 358 42.09 -53.23 13.13
C MET A 358 40.56 -53.39 13.13
N ALA A 359 40.05 -54.32 12.34
CA ALA A 359 38.61 -54.52 12.27
C ALA A 359 38.09 -54.91 13.65
N ALA A 360 38.97 -55.53 14.43
CA ALA A 360 38.62 -55.97 15.77
C ALA A 360 38.36 -54.83 16.76
N TRP A 361 39.07 -53.72 16.60
CA TRP A 361 38.93 -52.56 17.49
C TRP A 361 37.55 -51.91 17.44
N SER A 362 36.71 -52.40 16.54
CA SER A 362 35.36 -51.86 16.41
C SER A 362 34.51 -52.37 17.57
N LEU A 363 33.68 -51.49 18.13
CA LEU A 363 32.84 -51.90 19.24
C LEU A 363 31.64 -52.68 18.73
N LYS A 364 31.28 -52.47 17.46
CA LYS A 364 30.17 -53.21 16.86
C LYS A 364 30.72 -54.60 16.56
N VAL A 365 31.96 -54.65 16.09
CA VAL A 365 32.61 -55.92 15.77
C VAL A 365 33.01 -56.68 17.05
N GLN A 366 32.86 -56.02 18.21
CA GLN A 366 33.19 -56.64 19.48
C GLN A 366 31.92 -57.09 20.22
N GLY A 367 30.80 -56.44 19.92
CA GLY A 367 29.54 -56.82 20.55
C GLY A 367 28.84 -55.79 21.40
N PHE A 368 29.59 -55.05 22.20
CA PHE A 368 29.05 -54.02 23.09
C PHE A 368 27.86 -53.30 22.45
N LEU A 369 27.93 -53.10 21.13
CA LEU A 369 26.87 -52.43 20.40
C LEU A 369 26.14 -53.41 19.47
N SER A 370 24.82 -53.53 19.65
CA SER A 370 23.99 -54.41 18.82
C SER A 370 22.59 -54.63 19.39
N SER A 371 22.51 -55.30 20.54
CA SER A 371 21.23 -55.59 21.18
C SER A 371 20.96 -54.81 22.47
N ARG A 372 21.67 -55.15 23.55
CA ARG A 372 21.49 -54.50 24.85
C ARG A 372 22.09 -53.10 24.98
N LYS A 373 21.41 -52.26 25.76
CA LYS A 373 21.86 -50.88 25.99
C LYS A 373 22.39 -50.75 27.43
N THR A 374 23.36 -49.86 27.63
CA THR A 374 23.91 -49.65 28.97
C THR A 374 23.09 -48.63 29.75
N LYS A 375 23.03 -48.79 31.07
CA LYS A 375 22.28 -47.88 31.92
C LYS A 375 23.05 -46.59 32.04
N VAL A 376 24.35 -46.64 31.76
CA VAL A 376 25.21 -45.47 31.83
C VAL A 376 24.87 -44.48 30.70
N PRO A 377 24.58 -43.22 31.07
CA PRO A 377 24.27 -42.21 30.06
C PRO A 377 25.61 -41.76 29.45
N ILE A 378 25.73 -41.82 28.14
CA ILE A 378 26.95 -41.44 27.43
C ILE A 378 26.76 -40.29 26.44
N LEU A 379 27.52 -39.22 26.60
CA LEU A 379 27.46 -38.07 25.69
C LEU A 379 28.65 -38.18 24.71
N ALA A 380 28.36 -38.47 23.46
CA ALA A 380 29.40 -38.61 22.44
C ALA A 380 29.40 -37.39 21.50
N MET A 381 30.59 -36.83 21.28
CA MET A 381 30.74 -35.67 20.41
C MET A 381 32.01 -35.78 19.60
N SER A 382 32.12 -34.89 18.62
CA SER A 382 33.30 -34.79 17.76
C SER A 382 33.05 -33.64 16.79
N LEU A 383 34.13 -33.13 16.19
CA LEU A 383 34.04 -32.03 15.24
C LEU A 383 33.42 -32.42 13.92
N GLU A 384 32.78 -31.45 13.28
CA GLU A 384 32.20 -31.68 11.97
C GLU A 384 33.39 -32.12 11.10
N GLY A 385 33.20 -33.16 10.31
CA GLY A 385 34.27 -33.62 9.44
C GLY A 385 35.32 -34.57 10.01
N ASP A 386 35.46 -34.67 11.33
CA ASP A 386 36.46 -35.57 11.90
C ASP A 386 36.47 -36.87 11.10
N PRO A 387 37.59 -37.17 10.43
CA PRO A 387 37.69 -38.40 9.63
C PRO A 387 37.61 -39.61 10.53
N VAL A 388 38.17 -39.48 11.72
CA VAL A 388 38.22 -40.58 12.67
C VAL A 388 36.93 -40.80 13.45
N SER A 389 36.12 -39.75 13.61
CA SER A 389 34.90 -39.88 14.40
C SER A 389 33.65 -39.19 13.81
N PRO A 390 32.97 -39.84 12.86
CA PRO A 390 31.77 -39.27 12.24
C PRO A 390 30.57 -39.28 13.16
N TYR A 391 29.69 -38.28 13.01
CA TYR A 391 28.48 -38.16 13.83
C TYR A 391 27.73 -39.50 13.93
N SER A 392 27.95 -40.35 12.93
CA SER A 392 27.31 -41.67 12.86
C SER A 392 27.87 -42.59 13.94
N ASP A 393 29.03 -42.28 14.48
CA ASP A 393 29.64 -43.11 15.52
C ASP A 393 29.11 -42.65 16.87
N ASN A 394 28.99 -41.33 17.04
CA ASN A 394 28.45 -40.77 18.29
C ASN A 394 26.98 -41.18 18.26
N GLN A 395 26.56 -41.64 17.08
CA GLN A 395 25.20 -42.06 16.84
C GLN A 395 24.92 -43.42 17.50
N MET A 396 25.71 -44.42 17.12
CA MET A 396 25.54 -45.76 17.69
C MET A 396 25.62 -45.63 19.19
N VAL A 397 26.76 -45.14 19.68
CA VAL A 397 26.99 -44.94 21.10
C VAL A 397 25.80 -44.30 21.81
N ALA A 398 25.25 -43.24 21.22
CA ALA A 398 24.11 -42.57 21.83
C ALA A 398 22.92 -43.53 21.89
N PHE A 399 22.71 -44.29 20.83
CA PHE A 399 21.62 -45.24 20.71
C PHE A 399 21.67 -46.28 21.85
N PHE A 400 22.72 -47.08 21.86
CA PHE A 400 22.90 -48.12 22.87
C PHE A 400 23.18 -47.56 24.26
N SER A 401 22.64 -46.38 24.55
CA SER A 401 22.86 -45.76 25.85
C SER A 401 21.62 -45.03 26.35
N THR A 402 21.12 -45.47 27.49
CA THR A 402 19.95 -44.88 28.12
C THR A 402 20.23 -43.42 28.44
N TYR A 403 19.45 -42.52 27.83
CA TYR A 403 19.61 -41.09 28.05
C TYR A 403 20.89 -40.55 27.43
N GLY A 404 21.41 -41.28 26.44
CA GLY A 404 22.62 -40.86 25.76
C GLY A 404 22.33 -40.04 24.52
N LYS A 405 23.01 -38.90 24.39
CA LYS A 405 22.82 -37.99 23.27
C LYS A 405 24.09 -37.76 22.45
N ALA A 406 23.91 -37.71 21.13
CA ALA A 406 25.02 -37.46 20.20
C ALA A 406 24.88 -36.03 19.67
N LYS A 407 25.83 -35.16 20.01
CA LYS A 407 25.78 -33.76 19.58
C LYS A 407 27.08 -33.32 18.90
N LYS A 408 27.00 -33.00 17.60
CA LYS A 408 28.18 -32.57 16.84
C LYS A 408 28.55 -31.12 17.14
N ILE A 409 29.85 -30.85 17.05
CA ILE A 409 30.39 -29.51 17.29
C ILE A 409 30.90 -29.10 15.92
N SER A 410 30.33 -28.06 15.31
CA SER A 410 30.77 -27.70 13.97
C SER A 410 31.94 -26.74 13.87
N SER A 411 32.61 -26.82 12.73
CA SER A 411 33.79 -26.06 12.40
C SER A 411 33.74 -24.53 12.55
N LYS A 412 32.56 -23.92 12.51
CA LYS A 412 32.48 -22.46 12.65
C LYS A 412 33.35 -22.09 13.86
N THR A 413 34.51 -21.51 13.60
CA THR A 413 35.45 -21.13 14.64
C THR A 413 35.70 -22.30 15.62
N ILE A 414 36.41 -23.30 15.11
CA ILE A 414 36.77 -24.51 15.86
C ILE A 414 37.08 -24.22 17.32
N THR A 415 37.92 -23.21 17.53
CA THR A 415 38.31 -22.81 18.86
C THR A 415 37.10 -22.42 19.72
N GLN A 416 36.26 -21.51 19.23
CA GLN A 416 35.08 -21.08 19.98
C GLN A 416 34.12 -22.26 20.07
N GLY A 417 33.92 -22.93 18.94
CA GLY A 417 33.04 -24.09 18.89
C GLY A 417 33.72 -25.32 19.44
N TYR A 418 34.02 -25.29 20.73
CA TYR A 418 34.66 -26.40 21.43
C TYR A 418 34.62 -26.03 22.89
N GLU A 419 35.24 -24.92 23.24
CA GLU A 419 35.23 -24.47 24.62
C GLU A 419 33.77 -24.50 25.04
N GLN A 420 32.90 -24.03 24.16
CA GLN A 420 31.47 -24.02 24.42
C GLN A 420 31.01 -25.45 24.70
N SER A 421 31.09 -26.30 23.68
CA SER A 421 30.68 -27.69 23.81
C SER A 421 31.32 -28.33 25.05
N LEU A 422 32.63 -28.22 25.15
CA LEU A 422 33.37 -28.76 26.28
C LEU A 422 32.76 -28.31 27.61
N ASP A 423 32.29 -27.06 27.67
CA ASP A 423 31.69 -26.55 28.90
C ASP A 423 30.33 -27.18 29.14
N LEU A 424 29.62 -27.52 28.06
CA LEU A 424 28.32 -28.15 28.19
C LEU A 424 28.60 -29.54 28.77
N ALA A 425 29.47 -30.29 28.08
CA ALA A 425 29.83 -31.63 28.52
C ALA A 425 30.12 -31.71 30.02
N ILE A 426 30.72 -30.65 30.58
CA ILE A 426 31.05 -30.63 32.00
C ILE A 426 29.79 -30.44 32.85
N LYS A 427 28.96 -29.47 32.49
CA LYS A 427 27.73 -29.23 33.24
C LYS A 427 26.94 -30.53 33.21
N TRP A 428 27.01 -31.25 32.08
CA TRP A 428 26.31 -32.52 31.92
C TRP A 428 26.80 -33.52 32.96
N LEU A 429 28.11 -33.66 33.07
CA LEU A 429 28.70 -34.56 34.04
C LEU A 429 28.48 -34.07 35.47
N GLU A 430 28.44 -32.75 35.66
CA GLU A 430 28.21 -32.18 37.00
C GLU A 430 26.82 -32.65 37.45
N ASP A 431 25.89 -32.73 36.49
CA ASP A 431 24.51 -33.14 36.74
C ASP A 431 24.40 -34.63 37.05
N GLU A 432 24.89 -35.45 36.13
CA GLU A 432 24.82 -36.90 36.27
C GLU A 432 25.57 -37.46 37.49
N LEU A 433 26.60 -36.74 37.93
CA LEU A 433 27.39 -37.15 39.09
C LEU A 433 26.74 -36.67 40.37
N LEU A 434 25.72 -35.84 40.24
CA LEU A 434 25.02 -35.30 41.39
C LEU A 434 23.53 -35.65 41.36
N ALA B 34 47.03 6.34 22.43
CA ALA B 34 46.82 6.07 20.98
C ALA B 34 48.14 5.90 20.25
N ILE B 35 48.56 4.65 20.07
CA ILE B 35 49.80 4.35 19.38
C ILE B 35 49.46 3.89 17.97
N GLU B 36 50.18 4.38 16.98
CA GLU B 36 49.93 3.97 15.62
C GLU B 36 50.86 2.82 15.27
N ILE B 37 50.31 1.80 14.62
CA ILE B 37 51.09 0.65 14.21
C ILE B 37 51.32 0.88 12.71
N ILE B 38 52.57 1.08 12.34
CA ILE B 38 52.94 1.34 10.95
C ILE B 38 53.11 0.06 10.13
N ALA B 39 52.60 0.05 8.91
CA ALA B 39 52.70 -1.12 8.04
C ALA B 39 54.10 -1.73 8.00
N PRO B 40 54.25 -2.98 8.45
CA PRO B 40 55.57 -3.61 8.43
C PRO B 40 56.02 -4.00 7.02
N LEU B 41 55.07 -3.94 6.08
CA LEU B 41 55.38 -4.24 4.69
C LEU B 41 54.26 -3.68 3.85
N SER B 42 54.57 -3.42 2.58
CA SER B 42 53.62 -2.84 1.63
C SER B 42 52.63 -3.86 1.07
N GLY B 43 51.39 -3.44 0.90
CA GLY B 43 50.39 -4.34 0.36
C GLY B 43 48.99 -3.84 0.58
N GLU B 44 48.02 -4.74 0.44
CA GLU B 44 46.61 -4.42 0.63
C GLU B 44 46.16 -5.11 1.91
N ILE B 45 45.42 -4.39 2.75
CA ILE B 45 44.94 -4.92 4.01
C ILE B 45 43.75 -5.88 3.84
N VAL B 46 43.78 -6.96 4.60
CA VAL B 46 42.74 -7.98 4.59
C VAL B 46 42.36 -8.32 6.04
N ASN B 47 41.15 -8.82 6.27
CA ASN B 47 40.75 -9.16 7.65
C ASN B 47 41.66 -10.28 8.15
N ILE B 48 42.05 -10.27 9.41
CA ILE B 48 42.91 -11.35 9.88
C ILE B 48 42.18 -12.68 9.75
N GLU B 49 40.86 -12.67 9.91
CA GLU B 49 40.12 -13.93 9.80
C GLU B 49 39.92 -14.47 8.37
N ASP B 50 40.61 -13.88 7.41
CA ASP B 50 40.49 -14.37 6.03
C ASP B 50 41.75 -15.13 5.61
N VAL B 51 42.72 -15.25 6.50
CA VAL B 51 43.95 -15.97 6.15
C VAL B 51 43.69 -17.48 6.24
N PRO B 52 44.22 -18.25 5.29
CA PRO B 52 44.02 -19.71 5.25
C PRO B 52 44.75 -20.53 6.33
N ASP B 53 44.57 -20.14 7.60
CA ASP B 53 45.20 -20.81 8.73
C ASP B 53 44.39 -20.52 10.00
N VAL B 54 43.92 -21.59 10.65
CA VAL B 54 43.11 -21.44 11.86
C VAL B 54 43.72 -20.76 13.04
N VAL B 55 44.99 -21.02 13.37
CA VAL B 55 45.53 -20.37 14.55
C VAL B 55 45.52 -18.85 14.36
N PHE B 56 45.84 -18.38 13.16
CA PHE B 56 45.81 -16.93 12.90
C PHE B 56 44.40 -16.43 12.73
N ALA B 57 43.70 -17.06 11.79
CA ALA B 57 42.34 -16.66 11.47
C ALA B 57 41.39 -16.63 12.66
N GLU B 58 41.61 -17.53 13.62
CA GLU B 58 40.79 -17.63 14.83
C GLU B 58 41.33 -16.70 15.92
N LYS B 59 42.36 -15.95 15.58
CA LYS B 59 42.98 -14.99 16.49
C LYS B 59 43.61 -15.60 17.72
N ILE B 60 44.21 -16.76 17.54
CA ILE B 60 44.87 -17.48 18.60
C ILE B 60 46.24 -16.88 18.88
N VAL B 61 46.95 -16.52 17.82
CA VAL B 61 48.27 -15.93 17.99
C VAL B 61 48.13 -14.49 18.50
N GLY B 62 46.97 -13.89 18.20
CA GLY B 62 46.69 -12.52 18.60
C GLY B 62 45.66 -11.90 17.65
N ASP B 63 45.33 -10.63 17.83
CA ASP B 63 44.34 -10.00 16.94
C ASP B 63 44.98 -8.87 16.14
N GLY B 64 44.40 -8.55 14.99
CA GLY B 64 44.94 -7.49 14.17
C GLY B 64 44.41 -7.57 12.75
N ILE B 65 45.31 -7.51 11.78
CA ILE B 65 44.92 -7.61 10.38
C ILE B 65 46.00 -8.38 9.65
N ALA B 66 45.84 -8.55 8.34
CA ALA B 66 46.84 -9.23 7.53
C ALA B 66 47.07 -8.40 6.27
N ILE B 67 48.21 -8.57 5.64
CA ILE B 67 48.55 -7.79 4.45
C ILE B 67 48.91 -8.67 3.27
N LYS B 68 48.33 -8.34 2.12
CA LYS B 68 48.66 -9.02 0.87
C LYS B 68 49.88 -8.21 0.39
N PRO B 69 51.09 -8.78 0.51
CA PRO B 69 52.33 -8.11 0.11
C PRO B 69 52.46 -7.69 -1.34
N THR B 70 53.05 -6.51 -1.53
CA THR B 70 53.30 -5.93 -2.85
C THR B 70 54.77 -5.49 -2.95
N GLY B 71 55.48 -5.48 -1.82
CA GLY B 71 56.87 -5.03 -1.79
C GLY B 71 58.00 -6.03 -1.60
N ASN B 72 59.02 -5.65 -0.82
CA ASN B 72 60.15 -6.53 -0.67
C ASN B 72 60.87 -6.54 0.68
N LYS B 73 60.25 -5.98 1.71
CA LYS B 73 60.89 -5.99 3.00
C LYS B 73 59.94 -5.83 4.15
N MET B 74 60.36 -6.33 5.30
CA MET B 74 59.57 -6.21 6.50
C MET B 74 60.39 -5.29 7.39
N VAL B 75 59.73 -4.30 7.99
CA VAL B 75 60.39 -3.34 8.84
C VAL B 75 59.65 -3.25 10.16
N ALA B 76 60.28 -2.67 11.19
CA ALA B 76 59.62 -2.55 12.48
C ALA B 76 58.35 -1.74 12.34
N PRO B 77 57.27 -2.22 12.96
CA PRO B 77 56.02 -1.46 12.85
C PRO B 77 55.90 -0.42 13.94
N VAL B 78 56.86 -0.39 14.84
CA VAL B 78 56.83 0.57 15.94
C VAL B 78 58.23 0.80 16.47
N ASN B 79 58.39 1.81 17.30
CA ASN B 79 59.68 2.07 17.91
C ASN B 79 59.72 1.14 19.12
N GLY B 80 60.82 0.44 19.30
CA GLY B 80 60.89 -0.46 20.43
C GLY B 80 62.02 -1.45 20.32
N THR B 81 61.74 -2.68 20.76
CA THR B 81 62.74 -3.73 20.79
C THR B 81 62.34 -5.00 20.07
N ILE B 82 63.17 -5.45 19.13
CA ILE B 82 62.89 -6.68 18.42
C ILE B 82 62.97 -7.79 19.46
N GLY B 83 61.95 -8.64 19.51
CA GLY B 83 61.95 -9.74 20.43
C GLY B 83 62.60 -10.91 19.74
N LYS B 84 61.81 -11.69 19.02
CA LYS B 84 62.32 -12.86 18.31
C LYS B 84 62.38 -12.72 16.81
N ILE B 85 63.22 -13.54 16.19
CA ILE B 85 63.30 -13.56 14.76
C ILE B 85 63.45 -15.04 14.46
N PHE B 86 62.43 -15.61 13.84
CA PHE B 86 62.45 -17.02 13.53
C PHE B 86 63.67 -17.32 12.67
N GLU B 87 64.20 -18.52 12.84
CA GLU B 87 65.37 -18.98 12.11
C GLU B 87 65.12 -19.12 10.63
N THR B 88 63.86 -19.19 10.20
CA THR B 88 63.55 -19.32 8.77
C THR B 88 63.37 -17.92 8.18
N ASN B 89 63.64 -16.93 9.01
CA ASN B 89 63.57 -15.51 8.64
C ASN B 89 62.27 -14.96 8.04
N HIS B 90 61.13 -15.60 8.31
CA HIS B 90 59.89 -15.11 7.77
C HIS B 90 59.00 -14.43 8.83
N ALA B 91 59.44 -14.35 10.07
CA ALA B 91 58.59 -13.75 11.09
C ALA B 91 59.37 -13.22 12.25
N PHE B 92 58.79 -12.25 12.94
CA PHE B 92 59.47 -11.69 14.09
C PHE B 92 58.46 -11.08 15.04
N SER B 93 58.91 -10.82 16.26
CA SER B 93 58.04 -10.24 17.27
C SER B 93 58.72 -8.97 17.69
N ILE B 94 57.97 -8.03 18.26
CA ILE B 94 58.56 -6.76 18.67
C ILE B 94 57.76 -6.18 19.80
N GLU B 95 58.44 -5.58 20.77
CA GLU B 95 57.72 -4.94 21.84
C GLU B 95 57.95 -3.43 21.76
N SER B 96 56.86 -2.68 21.61
CA SER B 96 56.95 -1.22 21.53
C SER B 96 57.42 -0.73 22.90
N ASP B 97 57.95 0.50 22.98
CA ASP B 97 58.38 0.97 24.29
C ASP B 97 57.16 1.23 25.16
N ASP B 98 55.97 1.06 24.60
CA ASP B 98 54.73 1.28 25.34
C ASP B 98 54.28 -0.01 26.04
N GLY B 99 54.79 -1.16 25.59
CA GLY B 99 54.40 -2.41 26.20
C GLY B 99 53.50 -3.29 25.34
N VAL B 100 53.23 -2.83 24.13
CA VAL B 100 52.40 -3.58 23.18
C VAL B 100 53.29 -4.57 22.48
N GLU B 101 52.90 -5.84 22.47
CA GLU B 101 53.70 -6.88 21.82
C GLU B 101 53.12 -7.29 20.47
N LEU B 102 53.89 -7.08 19.42
CA LEU B 102 53.45 -7.37 18.06
C LEU B 102 54.14 -8.59 17.46
N PHE B 103 53.48 -9.21 16.49
CA PHE B 103 54.04 -10.37 15.83
C PHE B 103 53.71 -10.21 14.36
N VAL B 104 54.73 -10.19 13.52
CA VAL B 104 54.54 -10.05 12.07
C VAL B 104 55.00 -11.35 11.42
N HIS B 105 54.12 -11.98 10.66
CA HIS B 105 54.46 -13.27 10.05
C HIS B 105 54.20 -13.32 8.54
N PHE B 106 55.26 -13.35 7.74
CA PHE B 106 55.08 -13.36 6.31
C PHE B 106 54.41 -14.61 5.77
N GLY B 107 53.23 -14.44 5.18
CA GLY B 107 52.52 -15.55 4.61
C GLY B 107 51.96 -16.60 5.56
N ILE B 108 51.54 -17.72 4.96
CA ILE B 108 50.99 -18.82 5.72
C ILE B 108 51.61 -20.14 5.28
N ASP B 109 52.10 -20.88 6.29
CA ASP B 109 52.79 -22.16 6.09
C ASP B 109 54.17 -21.88 5.52
N THR B 110 54.52 -20.60 5.39
CA THR B 110 55.84 -20.22 4.87
C THR B 110 57.05 -20.82 5.61
N VAL B 111 56.84 -21.33 6.84
CA VAL B 111 57.95 -21.93 7.58
C VAL B 111 58.51 -23.14 6.82
N GLU B 112 57.70 -23.79 5.98
CA GLU B 112 58.19 -24.94 5.25
C GLU B 112 59.05 -24.58 4.04
N LEU B 113 59.32 -23.29 3.83
CA LEU B 113 60.17 -22.90 2.71
C LEU B 113 61.60 -22.90 3.22
N LYS B 114 61.73 -23.17 4.51
CA LYS B 114 63.04 -23.29 5.16
C LYS B 114 63.96 -22.07 5.14
N GLY B 115 63.41 -20.87 5.04
CA GLY B 115 64.25 -19.68 5.03
C GLY B 115 64.54 -19.20 3.62
N GLU B 116 64.17 -20.02 2.64
CA GLU B 116 64.37 -19.69 1.25
C GLU B 116 63.54 -18.48 0.87
N GLY B 117 64.20 -17.44 0.37
CA GLY B 117 63.51 -16.24 -0.04
C GLY B 117 63.52 -15.13 0.98
N PHE B 118 64.13 -15.39 2.14
CA PHE B 118 64.19 -14.38 3.18
C PHE B 118 65.63 -14.09 3.54
N THR B 119 65.89 -12.86 3.97
CA THR B 119 67.23 -12.46 4.36
C THR B 119 67.07 -11.63 5.63
N ARG B 120 67.74 -12.06 6.68
CA ARG B 120 67.71 -11.42 7.99
C ARG B 120 68.57 -10.16 8.08
N ILE B 121 68.01 -9.06 8.56
CA ILE B 121 68.82 -7.85 8.65
C ILE B 121 69.08 -7.43 10.07
N ALA B 122 68.03 -7.36 10.88
CA ALA B 122 68.15 -6.97 12.27
C ALA B 122 68.45 -8.21 13.13
N GLU B 123 68.54 -8.04 14.44
CA GLU B 123 68.80 -9.17 15.33
C GLU B 123 67.91 -9.09 16.58
N GLU B 124 67.83 -10.19 17.31
CA GLU B 124 67.03 -10.23 18.52
C GLU B 124 67.56 -9.24 19.55
N GLY B 125 66.65 -8.55 20.22
CA GLY B 125 67.05 -7.59 21.23
C GLY B 125 67.34 -6.22 20.63
N GLN B 126 67.51 -6.17 19.32
CA GLN B 126 67.83 -4.91 18.67
C GLN B 126 66.83 -3.80 18.92
N THR B 127 67.34 -2.64 19.28
CA THR B 127 66.50 -1.47 19.51
C THR B 127 66.27 -0.89 18.12
N VAL B 128 65.03 -0.57 17.80
CA VAL B 128 64.73 -0.02 16.48
C VAL B 128 63.67 1.05 16.51
N LYS B 129 63.61 1.78 15.40
CA LYS B 129 62.66 2.84 15.20
C LYS B 129 61.68 2.30 14.16
N ALA B 130 60.42 2.71 14.22
CA ALA B 130 59.46 2.23 13.24
C ALA B 130 60.04 2.57 11.88
N GLY B 131 59.98 1.62 10.95
CA GLY B 131 60.51 1.85 9.62
C GLY B 131 61.85 1.16 9.39
N ASP B 132 62.52 0.83 10.49
CA ASP B 132 63.81 0.12 10.42
C ASP B 132 63.63 -1.25 9.79
N THR B 133 64.52 -1.62 8.91
CA THR B 133 64.44 -2.90 8.23
C THR B 133 64.76 -4.07 9.14
N VAL B 134 63.88 -5.07 9.13
CA VAL B 134 64.07 -6.26 9.95
C VAL B 134 64.45 -7.43 9.05
N ILE B 135 63.75 -7.58 7.94
CA ILE B 135 63.98 -8.69 7.00
C ILE B 135 63.71 -8.23 5.58
N GLU B 136 64.37 -8.84 4.62
CA GLU B 136 64.18 -8.51 3.20
C GLU B 136 63.75 -9.79 2.53
N PHE B 137 62.85 -9.70 1.56
CA PHE B 137 62.37 -10.92 0.93
C PHE B 137 62.18 -10.83 -0.58
N ASP B 138 62.30 -11.97 -1.21
CA ASP B 138 62.16 -12.12 -2.66
C ASP B 138 60.69 -12.41 -2.98
N LEU B 139 59.91 -11.37 -3.24
CA LEU B 139 58.50 -11.54 -3.51
C LEU B 139 58.11 -12.44 -4.67
N ALA B 140 58.81 -12.34 -5.79
CA ALA B 140 58.48 -13.16 -6.96
C ALA B 140 58.56 -14.61 -6.57
N LEU B 141 59.68 -14.97 -5.96
CA LEU B 141 59.92 -16.32 -5.53
C LEU B 141 58.85 -16.82 -4.58
N LEU B 142 58.42 -15.95 -3.67
CA LEU B 142 57.42 -16.27 -2.68
C LEU B 142 56.01 -16.44 -3.22
N GLU B 143 55.59 -15.54 -4.12
CA GLU B 143 54.25 -15.65 -4.71
C GLU B 143 54.13 -16.93 -5.52
N GLU B 144 55.28 -17.56 -5.76
CA GLU B 144 55.31 -18.79 -6.51
C GLU B 144 55.39 -20.04 -5.63
N LYS B 145 56.15 -19.96 -4.56
CA LYS B 145 56.33 -21.12 -3.68
C LYS B 145 55.49 -21.21 -2.40
N ALA B 146 54.96 -20.08 -1.92
CA ALA B 146 54.17 -20.06 -0.67
C ALA B 146 52.72 -20.47 -0.82
N LYS B 147 52.21 -21.20 0.16
CA LYS B 147 50.82 -21.63 0.12
C LYS B 147 49.98 -20.36 0.00
N SER B 148 50.40 -19.33 0.71
CA SER B 148 49.74 -18.03 0.70
C SER B 148 50.74 -16.98 1.15
N THR B 149 50.59 -15.79 0.60
CA THR B 149 51.47 -14.67 0.87
C THR B 149 50.85 -13.72 1.91
N LEU B 150 49.58 -13.93 2.26
CA LEU B 150 48.92 -13.08 3.25
C LEU B 150 49.77 -13.04 4.52
N THR B 151 49.98 -11.82 5.02
CA THR B 151 50.85 -11.61 6.16
C THR B 151 50.21 -11.02 7.37
N PRO B 152 50.03 -11.83 8.42
CA PRO B 152 49.41 -11.34 9.66
C PRO B 152 50.32 -10.37 10.41
N VAL B 153 49.72 -9.33 10.99
CA VAL B 153 50.46 -8.41 11.83
C VAL B 153 49.46 -8.25 12.97
N VAL B 154 49.76 -8.92 14.09
CA VAL B 154 48.86 -8.92 15.24
C VAL B 154 49.47 -8.53 16.59
N ILE B 155 48.59 -8.17 17.53
CA ILE B 155 49.02 -7.81 18.86
C ILE B 155 48.92 -9.13 19.60
N SER B 156 50.04 -9.62 20.13
CA SER B 156 50.05 -10.90 20.83
C SER B 156 49.63 -10.85 22.29
N ASN B 157 49.64 -9.66 22.90
CA ASN B 157 49.22 -9.58 24.29
C ASN B 157 47.91 -8.80 24.43
N MET B 158 46.88 -9.33 23.78
CA MET B 158 45.56 -8.74 23.78
C MET B 158 45.02 -8.46 25.18
N ASP B 159 45.37 -9.31 26.13
CA ASP B 159 44.93 -9.12 27.51
C ASP B 159 45.46 -7.81 28.12
N GLU B 160 46.64 -7.39 27.70
CA GLU B 160 47.24 -6.16 28.24
C GLU B 160 46.94 -4.86 27.49
N ILE B 161 45.99 -4.89 26.56
CA ILE B 161 45.67 -3.65 25.85
C ILE B 161 44.20 -3.31 26.07
N LYS B 162 43.91 -2.01 25.96
CA LYS B 162 42.57 -1.47 26.18
C LYS B 162 41.67 -1.52 24.95
N GLU B 163 42.20 -1.16 23.79
CA GLU B 163 41.39 -1.27 22.59
C GLU B 163 42.19 -1.30 21.31
N LEU B 164 41.60 -1.93 20.31
CA LEU B 164 42.23 -2.11 19.02
C LEU B 164 41.31 -1.64 17.90
N ASN B 165 41.81 -0.79 17.01
CA ASN B 165 41.02 -0.31 15.87
C ASN B 165 41.78 -0.76 14.65
N LYS B 166 41.06 -1.35 13.70
CA LYS B 166 41.72 -1.83 12.51
C LYS B 166 41.49 -0.87 11.35
N LEU B 167 42.56 -0.58 10.61
CA LEU B 167 42.48 0.31 9.45
C LEU B 167 42.37 -0.57 8.21
N SER B 168 42.21 0.05 7.05
CA SER B 168 42.05 -0.71 5.82
C SER B 168 42.72 -0.01 4.66
N GLY B 169 42.60 -0.59 3.48
CA GLY B 169 43.16 0.01 2.28
C GLY B 169 44.56 -0.38 1.92
N SER B 170 45.16 0.40 1.01
CA SER B 170 46.53 0.21 0.56
C SER B 170 47.44 0.86 1.59
N VAL B 171 48.60 0.25 1.81
CA VAL B 171 49.58 0.76 2.76
C VAL B 171 50.98 0.62 2.17
N VAL B 172 51.87 1.54 2.53
CA VAL B 172 53.25 1.46 2.06
C VAL B 172 54.12 1.25 3.27
N VAL B 173 55.03 0.31 3.14
CA VAL B 173 55.97 -0.09 4.18
C VAL B 173 56.58 1.09 4.93
N GLY B 174 56.50 1.04 6.25
CA GLY B 174 57.06 2.09 7.08
C GLY B 174 56.36 3.43 7.05
N GLU B 175 55.23 3.53 6.35
CA GLU B 175 54.54 4.81 6.28
C GLU B 175 53.08 4.80 6.71
N THR B 176 52.28 4.05 5.97
CA THR B 176 50.87 3.95 6.24
C THR B 176 50.64 3.15 7.50
N PRO B 177 49.89 3.73 8.46
CA PRO B 177 49.65 2.96 9.68
C PRO B 177 48.61 1.90 9.31
N VAL B 178 48.56 0.80 10.06
CA VAL B 178 47.60 -0.27 9.76
C VAL B 178 46.66 -0.57 10.90
N LEU B 179 47.03 -0.13 12.10
CA LEU B 179 46.21 -0.34 13.29
C LEU B 179 46.51 0.77 14.28
N ARG B 180 45.58 1.00 15.20
CA ARG B 180 45.77 1.98 16.25
C ARG B 180 45.41 1.29 17.55
N VAL B 181 46.38 1.22 18.45
CA VAL B 181 46.24 0.56 19.73
C VAL B 181 46.38 1.51 20.91
N THR B 182 45.62 1.25 21.97
CA THR B 182 45.71 2.07 23.16
C THR B 182 46.02 1.14 24.34
N LYS B 183 47.30 1.04 24.67
CA LYS B 183 47.77 0.16 25.75
C LYS B 183 47.07 0.39 27.09
N GLN C 39 37.63 1.35 13.33
CA GLN C 39 36.47 0.44 13.06
C GLN C 39 35.99 0.49 11.59
N ALA C 40 34.95 -0.28 11.27
CA ALA C 40 34.43 -0.34 9.90
C ALA C 40 32.94 -0.07 9.73
N LYS C 41 32.61 1.12 9.24
CA LYS C 41 31.22 1.53 9.01
C LYS C 41 30.49 0.59 8.05
N GLU C 42 29.30 0.17 8.46
CA GLU C 42 28.48 -0.75 7.70
C GLU C 42 28.02 -0.17 6.36
N THR C 43 28.03 -1.03 5.34
CA THR C 43 27.64 -0.65 3.99
C THR C 43 26.47 0.33 3.83
N SER C 44 25.30 -0.03 4.30
CA SER C 44 24.13 0.82 4.16
C SER C 44 24.23 2.16 4.90
N ALA C 45 25.26 2.31 5.74
CA ALA C 45 25.44 3.53 6.53
C ALA C 45 26.43 4.53 5.91
N LEU C 46 27.30 4.06 5.03
CA LEU C 46 28.31 4.92 4.41
C LEU C 46 27.78 6.16 3.70
N THR C 47 26.61 6.04 3.07
CA THR C 47 26.03 7.14 2.32
C THR C 47 25.02 7.95 3.10
N GLN C 48 25.40 9.18 3.43
CA GLN C 48 24.49 10.07 4.15
C GLN C 48 23.58 10.78 3.16
N TYR C 49 22.49 11.33 3.65
CA TYR C 49 21.56 12.02 2.77
C TYR C 49 21.12 13.41 3.27
N MET C 50 20.16 14.02 2.57
CA MET C 50 19.66 15.32 2.94
C MET C 50 18.38 15.07 3.70
N PRO C 51 18.14 15.84 4.78
CA PRO C 51 16.93 15.67 5.58
C PRO C 51 15.68 15.44 4.74
N THR C 52 15.60 16.11 3.60
CA THR C 52 14.46 15.94 2.72
C THR C 52 14.56 14.61 1.96
N SER C 53 15.78 14.24 1.55
CA SER C 53 16.00 12.98 0.84
C SER C 53 15.85 11.79 1.79
N GLN C 54 16.42 11.91 2.99
CA GLN C 54 16.33 10.84 3.98
C GLN C 54 14.87 10.50 4.23
N SER C 55 14.02 11.51 4.20
CA SER C 55 12.61 11.30 4.43
C SER C 55 11.97 10.52 3.28
N LEU C 56 12.33 10.86 2.05
CA LEU C 56 11.79 10.17 0.89
C LEU C 56 12.30 8.73 0.98
N LEU C 57 13.55 8.59 1.42
CA LEU C 57 14.19 7.29 1.57
C LEU C 57 13.35 6.39 2.48
N ASP C 58 13.10 6.88 3.70
CA ASP C 58 12.33 6.13 4.68
C ASP C 58 10.88 5.93 4.25
N GLU C 59 10.55 6.42 3.07
CA GLU C 59 9.22 6.30 2.52
C GLU C 59 9.16 5.05 1.64
N ILE C 60 10.23 4.82 0.89
CA ILE C 60 10.39 3.68 0.00
C ILE C 60 10.59 2.38 0.79
N LYS C 61 11.06 2.53 2.02
CA LYS C 61 11.32 1.40 2.89
C LYS C 61 10.08 0.53 3.10
N GLU C 62 10.28 -0.79 3.16
CA GLU C 62 9.19 -1.75 3.36
C GLU C 62 8.76 -1.79 4.83
N LYS C 63 7.46 -1.56 5.07
CA LYS C 63 6.91 -1.54 6.42
C LYS C 63 7.43 -2.69 7.28
N GLY C 65 7.47 -6.67 8.33
CA GLY C 65 8.31 -7.87 8.32
C GLY C 65 9.78 -7.49 8.15
N PHE C 66 10.59 -8.44 7.69
CA PHE C 66 12.00 -8.16 7.49
C PHE C 66 12.33 -8.28 6.01
N SER C 67 13.34 -7.54 5.58
CA SER C 67 13.75 -7.59 4.18
C SER C 67 15.22 -7.23 4.02
N TRP C 68 15.57 -6.84 2.81
CA TRP C 68 16.95 -6.56 2.48
C TRP C 68 17.29 -5.15 2.03
N TYR C 69 18.53 -4.77 2.31
CA TYR C 69 19.10 -3.48 1.90
C TYR C 69 19.56 -3.72 0.45
N ARG C 70 20.49 -4.65 0.27
CA ARG C 70 20.99 -4.98 -1.07
C ARG C 70 19.86 -5.57 -1.90
N ASN C 71 19.99 -5.42 -3.22
CA ASN C 71 19.03 -6.00 -4.13
C ASN C 71 19.61 -7.37 -4.37
N LEU C 72 18.98 -8.42 -3.84
CA LEU C 72 19.48 -9.77 -4.01
C LEU C 72 19.32 -10.16 -5.48
N ARG C 73 20.40 -10.59 -6.11
CA ARG C 73 20.35 -10.99 -7.51
C ARG C 73 20.58 -12.49 -7.62
N ARG C 74 19.78 -13.25 -6.87
CA ARG C 74 19.89 -14.69 -6.83
C ARG C 74 20.10 -15.37 -8.19
N LEU C 75 19.23 -15.10 -9.14
CA LEU C 75 19.35 -15.75 -10.43
C LEU C 75 20.65 -15.38 -11.16
N GLN C 76 20.98 -14.10 -11.17
CA GLN C 76 22.20 -13.64 -11.82
C GLN C 76 23.43 -14.31 -11.18
N TRP C 77 23.49 -14.30 -9.85
CA TRP C 77 24.64 -14.89 -9.19
C TRP C 77 24.73 -16.38 -9.50
N VAL C 78 23.61 -17.01 -9.76
CA VAL C 78 23.67 -18.42 -10.08
C VAL C 78 24.21 -18.62 -11.49
N TRP C 79 23.77 -17.82 -12.45
CA TRP C 79 24.30 -17.99 -13.81
C TRP C 79 25.78 -17.70 -13.82
N GLN C 80 26.22 -16.82 -12.93
CA GLN C 80 27.63 -16.47 -12.84
C GLN C 80 28.47 -17.55 -12.18
N GLY C 81 27.82 -18.49 -11.49
CA GLY C 81 28.58 -19.57 -10.88
C GLY C 81 28.32 -19.96 -9.43
N VAL C 82 27.45 -19.26 -8.70
CA VAL C 82 27.20 -19.61 -7.30
C VAL C 82 26.14 -20.70 -7.15
N ASP C 83 26.48 -21.76 -6.40
CA ASP C 83 25.52 -22.86 -6.20
C ASP C 83 24.29 -22.32 -5.46
N PRO C 84 23.11 -22.64 -5.96
CA PRO C 84 21.84 -22.20 -5.39
C PRO C 84 21.59 -22.51 -3.92
N ILE C 85 21.88 -23.73 -3.49
CA ILE C 85 21.64 -24.10 -2.11
C ILE C 85 22.66 -23.41 -1.23
N GLU C 86 23.89 -23.35 -1.70
CA GLU C 86 24.96 -22.68 -0.96
C GLU C 86 24.54 -21.22 -0.71
N GLN C 87 23.98 -20.59 -1.74
CA GLN C 87 23.53 -19.20 -1.68
C GLN C 87 22.44 -18.97 -0.63
N GLU C 88 21.39 -19.79 -0.66
CA GLU C 88 20.32 -19.65 0.33
C GLU C 88 20.88 -19.89 1.72
N GLN C 89 21.89 -20.73 1.80
CA GLN C 89 22.53 -21.08 3.07
C GLN C 89 23.28 -19.89 3.68
N VAL C 90 23.88 -19.06 2.82
CA VAL C 90 24.59 -17.85 3.26
C VAL C 90 23.53 -16.85 3.72
N LEU C 91 22.46 -16.73 2.95
CA LEU C 91 21.39 -15.82 3.28
C LEU C 91 20.74 -16.20 4.62
N ALA C 92 20.61 -17.51 4.85
CA ALA C 92 20.03 -17.98 6.09
C ALA C 92 20.95 -17.62 7.26
N ARG C 93 22.27 -17.72 7.05
CA ARG C 93 23.22 -17.35 8.10
C ARG C 93 23.15 -15.86 8.41
N ILE C 94 22.86 -15.08 7.37
CA ILE C 94 22.78 -13.63 7.53
C ILE C 94 21.47 -13.25 8.23
N ALA C 95 20.38 -13.83 7.76
CA ALA C 95 19.06 -13.53 8.31
C ALA C 95 18.93 -13.96 9.76
N SER C 96 19.46 -15.13 10.04
CA SER C 96 19.43 -15.75 11.35
C SER C 96 20.28 -15.08 12.43
N SER C 97 21.23 -14.25 12.04
CA SER C 97 22.09 -13.61 13.01
C SER C 97 21.41 -12.69 14.02
N LYS C 98 21.94 -12.70 15.24
CA LYS C 98 21.46 -11.89 16.34
C LYS C 98 22.42 -10.77 16.68
N HIS C 99 23.43 -10.58 15.82
CA HIS C 99 24.37 -9.52 16.05
C HIS C 99 23.64 -8.25 15.63
N SER C 100 24.07 -7.10 16.14
CA SER C 100 23.42 -5.84 15.83
C SER C 100 23.47 -5.43 14.37
N ARG C 101 22.40 -4.79 13.91
CA ARG C 101 22.26 -4.33 12.54
C ARG C 101 22.03 -2.81 12.49
N THR C 102 22.41 -2.22 11.36
CA THR C 102 22.21 -0.79 11.17
C THR C 102 20.71 -0.55 11.19
N ASP C 103 19.99 -1.47 10.58
CA ASP C 103 18.55 -1.38 10.51
C ASP C 103 18.05 -2.79 10.69
N GLU C 104 17.41 -3.06 11.82
CA GLU C 104 16.92 -4.40 12.07
C GLU C 104 15.93 -4.89 11.03
N GLN C 105 15.46 -3.98 10.18
CA GLN C 105 14.54 -4.37 9.14
C GLN C 105 15.27 -4.87 7.90
N TRP C 106 16.55 -4.54 7.80
CA TRP C 106 17.37 -4.98 6.68
C TRP C 106 18.33 -6.06 7.24
N LEU C 107 17.93 -7.33 7.11
CA LEU C 107 18.68 -8.50 7.65
C LEU C 107 20.16 -8.44 7.34
N ASP C 108 20.33 -7.90 6.16
CA ASP C 108 21.52 -7.63 5.42
C ASP C 108 22.52 -6.68 6.06
N THR C 109 22.15 -6.02 7.16
CA THR C 109 23.04 -5.01 7.72
C THR C 109 23.76 -5.19 9.04
N VAL C 110 24.16 -6.40 9.37
CA VAL C 110 24.89 -6.61 10.60
C VAL C 110 26.19 -5.80 10.51
N MET C 111 26.55 -5.13 11.61
CA MET C 111 27.75 -4.31 11.67
C MET C 111 29.00 -5.05 12.12
N GLY C 112 30.14 -4.59 11.65
CA GLY C 112 31.39 -5.22 12.04
C GLY C 112 31.60 -6.52 11.29
N TYR C 113 32.86 -6.92 11.20
CA TYR C 113 33.19 -8.14 10.48
C TYR C 113 33.13 -9.40 11.35
N HIS C 114 31.98 -10.06 11.35
CA HIS C 114 31.82 -11.29 12.11
C HIS C 114 30.49 -11.93 11.68
N SER C 115 30.21 -13.13 12.18
CA SER C 115 29.00 -13.85 11.78
C SER C 115 27.76 -12.96 11.59
N GLY C 116 26.99 -13.24 10.56
CA GLY C 116 25.81 -12.45 10.29
C GLY C 116 26.10 -11.37 9.25
N ASN C 117 27.29 -10.76 9.32
CA ASN C 117 27.69 -9.71 8.39
C ASN C 117 27.74 -10.26 6.97
N TRP C 118 27.26 -9.46 6.01
CA TRP C 118 27.24 -9.87 4.61
C TRP C 118 28.59 -10.23 4.03
N ALA C 119 29.59 -9.35 4.16
CA ALA C 119 30.92 -9.65 3.62
C ALA C 119 31.50 -10.86 4.33
N TYR C 120 31.22 -10.97 5.62
CA TYR C 120 31.75 -12.07 6.43
C TYR C 120 31.26 -13.42 5.94
N GLU C 121 29.94 -13.56 5.81
CA GLU C 121 29.33 -14.83 5.37
C GLU C 121 29.66 -15.26 3.93
N TRP C 122 29.68 -14.33 2.98
CA TRP C 122 30.03 -14.70 1.62
C TRP C 122 31.50 -15.05 1.56
N THR C 123 32.32 -14.37 2.35
CA THR C 123 33.73 -14.68 2.35
C THR C 123 33.94 -16.09 2.94
N ARG C 124 33.14 -16.48 3.94
CA ARG C 124 33.28 -17.83 4.52
C ARG C 124 33.04 -18.82 3.38
N LEU C 125 31.97 -18.62 2.62
CA LEU C 125 31.66 -19.52 1.52
C LEU C 125 32.82 -19.54 0.54
N GLY C 126 33.30 -18.37 0.15
CA GLY C 126 34.42 -18.31 -0.78
C GLY C 126 35.66 -19.05 -0.30
N MET C 127 36.00 -18.87 0.97
CA MET C 127 37.17 -19.51 1.57
C MET C 127 37.05 -21.03 1.57
N GLU C 128 35.82 -21.50 1.73
CA GLU C 128 35.53 -22.92 1.73
C GLU C 128 35.91 -23.45 0.35
N HIS C 129 35.46 -22.76 -0.70
CA HIS C 129 35.79 -23.21 -2.06
C HIS C 129 37.28 -23.16 -2.30
N GLN C 130 37.92 -22.08 -1.88
CA GLN C 130 39.37 -21.94 -2.06
C GLN C 130 40.11 -23.03 -1.26
N LYS C 131 39.59 -23.38 -0.09
CA LYS C 131 40.22 -24.40 0.73
C LYS C 131 40.14 -25.73 -0.04
N ARG C 132 38.96 -26.05 -0.56
CA ARG C 132 38.75 -27.29 -1.31
C ARG C 132 39.63 -27.37 -2.54
N ALA C 133 39.84 -26.24 -3.21
CA ALA C 133 40.69 -26.19 -4.39
C ALA C 133 42.05 -26.83 -4.15
N GLY C 134 42.63 -26.56 -2.98
CA GLY C 134 43.93 -27.12 -2.65
C GLY C 134 44.02 -28.64 -2.73
N GLU C 135 42.87 -29.30 -2.68
CA GLU C 135 42.77 -30.76 -2.73
C GLU C 135 42.17 -31.24 -4.04
N MET C 136 42.42 -30.54 -5.14
CA MET C 136 41.86 -30.98 -6.40
C MET C 136 42.88 -31.01 -7.51
N THR C 137 42.49 -31.58 -8.65
CA THR C 137 43.39 -31.63 -9.80
C THR C 137 43.26 -30.28 -10.49
N ASN C 138 44.37 -29.74 -10.95
CA ASN C 138 44.42 -28.45 -11.63
C ASN C 138 43.14 -27.97 -12.28
N GLU C 139 42.56 -28.78 -13.15
CA GLU C 139 41.33 -28.40 -13.84
C GLU C 139 40.18 -28.16 -12.88
N ALA C 140 40.01 -28.99 -11.87
CA ALA C 140 38.92 -28.81 -10.92
C ALA C 140 39.26 -27.75 -9.89
N ALA C 141 40.56 -27.54 -9.67
CA ALA C 141 41.04 -26.56 -8.71
C ALA C 141 40.87 -25.14 -9.23
N SER C 142 41.04 -24.95 -10.54
CA SER C 142 40.88 -23.62 -11.14
C SER C 142 39.41 -23.25 -11.06
N GLU C 143 38.54 -24.21 -11.37
CA GLU C 143 37.12 -23.91 -11.29
C GLU C 143 36.74 -23.53 -9.87
N ALA C 144 37.20 -24.33 -8.89
CA ALA C 144 36.90 -24.06 -7.49
C ALA C 144 37.44 -22.69 -7.08
N LEU C 145 38.53 -22.28 -7.71
CA LEU C 145 39.10 -20.98 -7.37
C LEU C 145 38.29 -19.85 -8.03
N PHE C 146 37.82 -20.07 -9.26
CA PHE C 146 36.98 -19.06 -9.92
C PHE C 146 35.70 -18.90 -9.09
N SER C 147 35.22 -19.99 -8.49
CA SER C 147 34.01 -19.94 -7.65
C SER C 147 34.32 -19.11 -6.42
N ALA C 148 35.51 -19.34 -5.85
CA ALA C 148 35.93 -18.61 -4.69
C ALA C 148 35.97 -17.11 -5.02
N SER C 149 36.54 -16.76 -6.19
CA SER C 149 36.64 -15.35 -6.61
C SER C 149 35.29 -14.69 -6.68
N LEU C 150 34.33 -15.41 -7.25
CA LEU C 150 32.96 -14.90 -7.37
C LEU C 150 32.33 -14.68 -6.00
N CYS C 151 32.64 -15.53 -5.03
CA CYS C 151 32.05 -15.34 -3.69
C CYS C 151 32.65 -14.10 -3.05
N TYR C 152 33.95 -13.90 -3.25
CA TYR C 152 34.60 -12.74 -2.67
C TYR C 152 34.06 -11.47 -3.34
N SER C 153 33.76 -11.54 -4.62
CA SER C 153 33.18 -10.41 -5.33
C SER C 153 31.82 -10.05 -4.70
N ILE C 154 30.97 -11.06 -4.57
CA ILE C 154 29.65 -10.86 -3.98
C ILE C 154 29.76 -10.31 -2.55
N ALA C 155 30.79 -10.76 -1.82
CA ALA C 155 30.99 -10.29 -0.47
C ALA C 155 31.11 -8.76 -0.43
N GLY C 156 31.64 -8.17 -1.50
CA GLY C 156 31.81 -6.73 -1.56
C GLY C 156 30.68 -5.98 -2.26
N TYR C 157 29.81 -6.73 -2.93
CA TYR C 157 28.66 -6.14 -3.62
C TYR C 157 27.83 -5.28 -2.65
N PRO C 158 27.33 -4.13 -3.11
CA PRO C 158 27.43 -3.52 -4.44
C PRO C 158 28.73 -2.74 -4.69
N HIS C 159 29.76 -3.01 -3.89
CA HIS C 159 31.05 -2.39 -4.07
C HIS C 159 31.10 -0.87 -3.92
N LEU C 160 30.55 -0.34 -2.84
CA LEU C 160 30.59 1.09 -2.61
C LEU C 160 32.05 1.42 -2.31
N LYS C 161 32.51 2.55 -2.84
CA LYS C 161 33.90 2.99 -2.68
C LYS C 161 34.50 3.05 -1.26
N SER C 162 33.74 3.59 -0.32
CA SER C 162 34.24 3.71 1.05
C SER C 162 33.94 2.51 1.94
N ASP C 163 33.58 1.37 1.34
CA ASP C 163 33.25 0.18 2.12
C ASP C 163 34.52 -0.63 2.34
N ASN C 164 35.13 -0.47 3.50
CA ASN C 164 36.37 -1.18 3.81
C ASN C 164 36.29 -2.68 3.60
N LEU C 165 35.25 -3.30 4.17
CA LEU C 165 35.05 -4.73 4.07
C LEU C 165 34.90 -5.15 2.61
N ALA C 166 34.31 -4.27 1.81
CA ALA C 166 34.14 -4.57 0.39
C ALA C 166 35.51 -4.49 -0.28
N ILE C 167 36.25 -3.45 0.07
CA ILE C 167 37.57 -3.25 -0.51
C ILE C 167 38.46 -4.44 -0.15
N GLN C 168 38.39 -4.89 1.10
CA GLN C 168 39.19 -6.02 1.51
C GLN C 168 38.84 -7.30 0.74
N ALA C 169 37.54 -7.57 0.59
CA ALA C 169 37.10 -8.78 -0.11
C ALA C 169 37.60 -8.81 -1.54
N GLN C 170 37.60 -7.67 -2.20
CA GLN C 170 38.05 -7.59 -3.58
C GLN C 170 39.53 -8.01 -3.67
N VAL C 171 40.31 -7.75 -2.64
CA VAL C 171 41.69 -8.18 -2.59
C VAL C 171 41.68 -9.71 -2.79
N LEU C 172 40.80 -10.36 -2.04
CA LEU C 172 40.68 -11.83 -2.10
C LEU C 172 40.14 -12.29 -3.47
N ALA C 173 39.22 -11.51 -4.03
CA ALA C 173 38.63 -11.82 -5.32
C ALA C 173 39.70 -11.84 -6.42
N ASN C 174 40.59 -10.84 -6.38
CA ASN C 174 41.66 -10.72 -7.36
C ASN C 174 42.59 -11.90 -7.22
N SER C 175 43.09 -12.10 -6.01
CA SER C 175 43.99 -13.20 -5.76
C SER C 175 43.43 -14.56 -6.19
N ALA C 176 42.15 -14.81 -5.93
CA ALA C 176 41.57 -16.10 -6.30
C ALA C 176 41.52 -16.26 -7.80
N TYR C 177 41.13 -15.20 -8.49
CA TYR C 177 41.05 -15.22 -9.94
C TYR C 177 42.42 -15.53 -10.59
N LEU C 178 43.48 -14.86 -10.11
CA LEU C 178 44.81 -15.08 -10.65
C LEU C 178 45.25 -16.53 -10.40
N GLU C 179 44.94 -17.05 -9.21
CA GLU C 179 45.30 -18.42 -8.84
C GLU C 179 44.56 -19.40 -9.73
N ALA C 180 43.28 -19.12 -9.97
CA ALA C 180 42.49 -19.98 -10.82
C ALA C 180 43.06 -19.95 -12.23
N ALA C 181 43.61 -18.79 -12.61
CA ALA C 181 44.19 -18.64 -13.95
C ALA C 181 45.47 -19.46 -14.08
N LYS C 182 46.22 -19.63 -12.98
CA LYS C 182 47.45 -20.41 -13.03
C LYS C 182 47.13 -21.88 -13.26
N LYS C 183 45.98 -22.32 -12.79
CA LYS C 183 45.59 -23.73 -12.91
C LYS C 183 44.71 -24.08 -14.08
N SER C 184 44.17 -23.08 -14.78
CA SER C 184 43.29 -23.32 -15.90
C SER C 184 44.04 -23.81 -17.13
N LYS C 185 43.36 -24.57 -17.99
CA LYS C 185 44.01 -25.02 -19.22
C LYS C 185 43.96 -23.87 -20.26
N TYR C 186 43.13 -22.86 -19.98
CA TYR C 186 43.00 -21.69 -20.85
C TYR C 186 44.03 -20.65 -20.42
N ILE C 187 44.32 -19.72 -21.32
CA ILE C 187 45.28 -18.66 -21.03
C ILE C 187 44.50 -17.45 -20.49
N ILE C 188 44.89 -16.99 -19.30
CA ILE C 188 44.25 -15.84 -18.69
C ILE C 188 45.33 -14.95 -18.11
N LYS C 189 45.47 -13.77 -18.69
CA LYS C 189 46.51 -12.83 -18.29
C LYS C 189 45.93 -11.51 -17.84
N GLN C 190 46.48 -10.97 -16.75
CA GLN C 190 46.03 -9.68 -16.23
C GLN C 190 46.95 -8.65 -16.86
N LEU C 191 46.41 -7.84 -17.76
CA LEU C 191 47.19 -6.81 -18.46
C LEU C 191 47.06 -5.42 -17.84
N GLU C 192 48.14 -4.65 -17.93
CA GLU C 192 48.08 -3.29 -17.45
C GLU C 192 48.32 -2.47 -18.70
N ILE C 193 47.32 -1.66 -19.04
CA ILE C 193 47.35 -0.85 -20.24
C ILE C 193 47.49 0.63 -19.91
N PRO C 194 48.57 1.25 -20.39
CA PRO C 194 48.91 2.65 -20.18
C PRO C 194 47.81 3.64 -20.52
N PHE C 195 47.41 4.43 -19.54
CA PHE C 195 46.40 5.45 -19.77
C PHE C 195 46.61 6.63 -18.84
N GLU C 196 47.00 7.75 -19.46
CA GLU C 196 47.27 9.01 -18.80
C GLU C 196 47.92 8.86 -17.42
N LYS C 197 49.22 8.57 -17.44
CA LYS C 197 50.00 8.38 -16.22
C LYS C 197 49.22 7.44 -15.30
N GLY C 198 49.06 6.21 -15.77
CA GLY C 198 48.33 5.21 -15.03
C GLY C 198 48.20 3.97 -15.89
N LYS C 199 47.48 2.99 -15.37
CA LYS C 199 47.30 1.75 -16.10
C LYS C 199 45.88 1.25 -15.94
N ILE C 200 45.34 0.71 -17.02
CA ILE C 200 44.02 0.14 -16.95
C ILE C 200 44.26 -1.34 -16.85
N THR C 201 43.65 -1.98 -15.84
CA THR C 201 43.80 -3.42 -15.66
C THR C 201 42.75 -4.15 -16.47
N ALA C 202 43.17 -5.08 -17.31
CA ALA C 202 42.23 -5.83 -18.13
C ALA C 202 42.62 -7.30 -18.14
N HIS C 203 41.62 -8.17 -18.11
CA HIS C 203 41.88 -9.59 -18.14
C HIS C 203 41.56 -10.19 -19.48
N LEU C 204 42.59 -10.69 -20.13
CA LEU C 204 42.45 -11.31 -21.43
C LEU C 204 42.26 -12.80 -21.19
N HIS C 205 41.29 -13.38 -21.88
CA HIS C 205 41.00 -14.80 -21.74
C HIS C 205 41.14 -15.40 -23.14
N LEU C 206 42.11 -16.29 -23.29
CA LEU C 206 42.39 -16.94 -24.58
C LEU C 206 42.26 -18.45 -24.52
N THR C 207 41.90 -19.06 -25.64
CA THR C 207 41.76 -20.50 -25.70
C THR C 207 43.12 -21.18 -25.95
N ASN C 208 43.98 -20.52 -26.71
CA ASN C 208 45.31 -21.05 -27.06
C ASN C 208 46.08 -20.00 -27.85
N THR C 209 47.12 -20.41 -28.57
CA THR C 209 47.91 -19.46 -29.37
C THR C 209 48.20 -19.96 -30.79
N ASP C 210 47.37 -20.89 -31.26
CA ASP C 210 47.55 -21.45 -32.60
C ASP C 210 47.31 -20.42 -33.71
N LYS C 211 46.84 -19.22 -33.34
CA LYS C 211 46.58 -18.17 -34.31
C LYS C 211 45.94 -16.97 -33.64
N PRO C 212 45.90 -15.82 -34.35
CA PRO C 212 45.29 -14.64 -33.74
C PRO C 212 43.80 -14.93 -33.60
N HIS C 213 43.22 -14.60 -32.46
CA HIS C 213 41.79 -14.86 -32.21
C HIS C 213 40.91 -13.61 -32.19
N PRO C 214 39.65 -13.73 -32.64
CA PRO C 214 38.76 -12.57 -32.61
C PRO C 214 38.71 -12.18 -31.14
N VAL C 215 38.41 -10.93 -30.83
CA VAL C 215 38.36 -10.57 -29.43
C VAL C 215 37.07 -9.82 -29.08
N VAL C 216 36.62 -10.01 -27.85
CA VAL C 216 35.42 -9.33 -27.40
C VAL C 216 35.71 -8.61 -26.10
N ILE C 217 35.60 -7.29 -26.14
CA ILE C 217 35.83 -6.46 -24.97
C ILE C 217 34.52 -6.44 -24.21
N VAL C 218 34.59 -6.71 -22.91
CA VAL C 218 33.40 -6.80 -22.08
C VAL C 218 33.33 -5.76 -20.98
N SER C 219 32.11 -5.35 -20.66
CA SER C 219 31.87 -4.38 -19.62
C SER C 219 30.57 -4.73 -18.90
N ALA C 220 30.64 -4.90 -17.59
CA ALA C 220 29.45 -5.20 -16.81
C ALA C 220 28.95 -3.89 -16.21
N GLY C 221 27.93 -3.96 -15.35
CA GLY C 221 27.39 -2.75 -14.78
C GLY C 221 28.20 -2.08 -13.69
N LEU C 222 27.64 -1.01 -13.14
CA LEU C 222 28.29 -0.25 -12.08
C LEU C 222 28.48 -0.97 -10.74
N ASP C 223 27.80 -2.10 -10.54
CA ASP C 223 27.93 -2.83 -9.28
C ASP C 223 28.60 -4.19 -9.41
N SER C 224 29.28 -4.43 -10.52
CA SER C 224 29.96 -5.70 -10.74
C SER C 224 31.46 -5.50 -10.81
N LEU C 225 32.19 -6.61 -10.86
CA LEU C 225 33.64 -6.58 -11.00
C LEU C 225 33.92 -7.27 -12.34
N GLN C 226 34.95 -6.83 -13.06
CA GLN C 226 35.25 -7.44 -14.35
C GLN C 226 35.57 -8.94 -14.24
N THR C 227 35.89 -9.40 -13.03
CA THR C 227 36.23 -10.81 -12.79
C THR C 227 35.04 -11.69 -12.44
N ASP C 228 33.83 -11.22 -12.76
CA ASP C 228 32.59 -11.95 -12.47
C ASP C 228 32.01 -12.59 -13.70
N MET C 229 32.78 -12.64 -14.78
CA MET C 229 32.27 -13.19 -16.02
C MET C 229 33.05 -14.35 -16.63
N TRP C 230 33.68 -15.14 -15.78
CA TRP C 230 34.42 -16.31 -16.23
C TRP C 230 33.52 -17.23 -17.07
N ARG C 231 32.27 -17.42 -16.65
CA ARG C 231 31.32 -18.28 -17.39
C ARG C 231 30.99 -17.76 -18.80
N LEU C 232 30.88 -16.43 -18.98
CA LEU C 232 30.59 -15.90 -20.31
C LEU C 232 31.61 -16.48 -21.30
N PHE C 233 32.87 -16.47 -20.89
CA PHE C 233 33.94 -17.01 -21.71
C PHE C 233 33.97 -18.54 -21.69
N ARG C 234 33.99 -19.12 -20.50
CA ARG C 234 34.06 -20.59 -20.41
C ARG C 234 32.91 -21.26 -21.12
N ASP C 235 31.69 -20.79 -20.90
CA ASP C 235 30.55 -21.44 -21.53
C ASP C 235 30.06 -20.85 -22.85
N HIS C 236 30.64 -19.75 -23.32
CA HIS C 236 30.12 -19.18 -24.55
C HIS C 236 31.13 -18.76 -25.62
N LEU C 237 32.06 -17.89 -25.23
CA LEU C 237 33.06 -17.39 -26.18
C LEU C 237 34.17 -18.38 -26.56
N ALA C 238 34.63 -19.20 -25.62
CA ALA C 238 35.69 -20.17 -25.87
C ALA C 238 35.28 -21.25 -26.87
N LYS C 239 34.00 -21.61 -26.87
CA LYS C 239 33.49 -22.63 -27.79
C LYS C 239 33.92 -22.23 -29.19
N HIS C 240 33.48 -21.03 -29.58
CA HIS C 240 33.78 -20.47 -30.88
C HIS C 240 35.25 -20.01 -30.98
N ASP C 241 36.00 -20.18 -29.89
CA ASP C 241 37.40 -19.77 -29.83
C ASP C 241 37.55 -18.26 -29.90
N ILE C 242 36.65 -17.54 -29.25
CA ILE C 242 36.72 -16.08 -29.25
C ILE C 242 37.30 -15.64 -27.92
N ALA C 243 38.28 -14.73 -27.97
CA ALA C 243 38.94 -14.22 -26.77
C ALA C 243 38.04 -13.24 -26.04
N MET C 244 38.27 -13.10 -24.73
CA MET C 244 37.51 -12.17 -23.92
C MET C 244 38.43 -11.28 -23.13
N LEU C 245 38.30 -9.97 -23.34
CA LEU C 245 39.10 -9.00 -22.64
C LEU C 245 38.12 -8.24 -21.77
N THR C 246 38.29 -8.32 -20.45
CA THR C 246 37.37 -7.66 -19.52
C THR C 246 37.97 -6.38 -19.01
N VAL C 247 37.13 -5.40 -18.72
CA VAL C 247 37.62 -4.14 -18.20
C VAL C 247 36.53 -3.51 -17.33
N ASP C 248 36.95 -2.78 -16.31
CA ASP C 248 36.01 -2.09 -15.43
C ASP C 248 35.87 -0.66 -15.95
N MET C 249 34.64 -0.15 -15.95
CA MET C 249 34.39 1.24 -16.34
C MET C 249 35.06 2.09 -15.27
N PRO C 250 35.23 3.39 -15.52
CA PRO C 250 35.87 4.24 -14.51
C PRO C 250 35.07 4.20 -13.21
N SER C 251 35.78 4.26 -12.09
CA SER C 251 35.21 4.24 -10.74
C SER C 251 34.68 2.86 -10.32
N VAL C 252 35.00 1.82 -11.08
CA VAL C 252 34.56 0.46 -10.75
C VAL C 252 35.76 -0.49 -10.62
N GLY C 253 35.78 -1.28 -9.55
CA GLY C 253 36.85 -2.24 -9.34
C GLY C 253 38.26 -1.75 -9.53
N TYR C 254 38.97 -2.34 -10.50
CA TYR C 254 40.36 -1.98 -10.81
C TYR C 254 40.50 -0.60 -11.42
N SER C 255 39.39 -0.01 -11.83
CA SER C 255 39.41 1.31 -12.46
C SER C 255 38.83 2.38 -11.54
N SER C 256 38.72 2.07 -10.25
CA SER C 256 38.14 3.00 -9.29
C SER C 256 38.89 4.33 -9.12
N LYS C 257 40.19 4.36 -9.44
CA LYS C 257 40.97 5.59 -9.30
C LYS C 257 40.68 6.59 -10.42
N TYR C 258 40.04 6.12 -11.50
CA TYR C 258 39.67 6.96 -12.62
C TYR C 258 38.27 7.52 -12.39
N PRO C 259 38.11 8.86 -12.42
CA PRO C 259 36.79 9.45 -12.20
C PRO C 259 35.87 9.19 -13.39
N LEU C 260 34.58 9.08 -13.10
CA LEU C 260 33.53 8.80 -14.06
C LEU C 260 33.05 10.09 -14.76
N THR C 261 33.88 10.65 -15.64
CA THR C 261 33.54 11.89 -16.35
C THR C 261 32.32 11.70 -17.24
N GLU C 262 32.18 12.56 -18.24
CA GLU C 262 31.06 12.43 -19.17
C GLU C 262 31.47 11.49 -20.28
N ASP C 263 32.76 11.21 -20.33
CA ASP C 263 33.31 10.30 -21.32
C ASP C 263 33.62 8.98 -20.60
N TYR C 264 32.60 8.40 -19.99
CA TYR C 264 32.73 7.17 -19.23
C TYR C 264 33.10 5.91 -20.00
N SER C 265 33.29 6.03 -21.31
CA SER C 265 33.68 4.87 -22.10
C SER C 265 35.12 4.99 -22.53
N ARG C 266 35.83 5.96 -21.97
CA ARG C 266 37.23 6.19 -22.36
C ARG C 266 38.25 5.10 -21.97
N LEU C 267 37.97 4.33 -20.92
CA LEU C 267 38.90 3.27 -20.53
C LEU C 267 38.73 2.12 -21.52
N HIS C 268 37.48 1.85 -21.91
CA HIS C 268 37.21 0.77 -22.86
C HIS C 268 37.70 1.21 -24.24
N GLN C 269 37.81 2.51 -24.42
CA GLN C 269 38.29 3.03 -25.69
C GLN C 269 39.80 2.92 -25.70
N ALA C 270 40.41 3.30 -24.58
CA ALA C 270 41.87 3.21 -24.46
C ALA C 270 42.34 1.77 -24.70
N VAL C 271 41.70 0.80 -24.07
CA VAL C 271 42.09 -0.60 -24.26
C VAL C 271 41.88 -0.97 -25.72
N LEU C 272 40.79 -0.48 -26.30
CA LEU C 272 40.49 -0.78 -27.70
C LEU C 272 41.59 -0.34 -28.68
N ASN C 273 42.03 0.92 -28.58
CA ASN C 273 43.08 1.44 -29.48
C ASN C 273 44.46 0.88 -29.13
N GLU C 274 44.51 -0.10 -28.23
CA GLU C 274 45.78 -0.67 -27.83
C GLU C 274 45.93 -2.14 -28.19
N LEU C 275 44.84 -2.75 -28.63
CA LEU C 275 44.86 -4.16 -29.00
C LEU C 275 45.91 -4.52 -30.05
N PHE C 276 46.48 -3.53 -30.72
CA PHE C 276 47.50 -3.81 -31.74
C PHE C 276 48.78 -4.31 -31.07
N SER C 277 48.97 -3.92 -29.81
CA SER C 277 50.15 -4.30 -29.04
C SER C 277 50.04 -5.68 -28.37
N ILE C 278 48.84 -6.25 -28.33
CA ILE C 278 48.61 -7.57 -27.73
C ILE C 278 48.68 -8.61 -28.85
N PRO C 279 49.80 -9.35 -28.92
CA PRO C 279 50.09 -10.38 -29.92
C PRO C 279 49.01 -11.37 -30.38
N TYR C 280 48.33 -12.04 -29.46
CA TYR C 280 47.36 -13.03 -29.91
C TYR C 280 45.94 -12.64 -30.25
N VAL C 281 45.64 -11.34 -30.19
CA VAL C 281 44.30 -10.90 -30.54
C VAL C 281 44.37 -10.25 -31.92
N ASP C 282 43.33 -10.47 -32.71
CA ASP C 282 43.24 -9.92 -34.05
C ASP C 282 42.57 -8.56 -33.92
N HIS C 283 43.35 -7.48 -33.90
CA HIS C 283 42.76 -6.14 -33.75
C HIS C 283 41.90 -5.68 -34.91
N HIS C 284 41.66 -6.56 -35.89
CA HIS C 284 40.81 -6.24 -37.04
C HIS C 284 39.49 -7.02 -36.91
N ARG C 285 39.29 -7.67 -35.77
CA ARG C 285 38.07 -8.43 -35.53
C ARG C 285 37.69 -8.33 -34.05
N VAL C 286 37.33 -7.11 -33.64
CA VAL C 286 36.95 -6.80 -32.27
C VAL C 286 35.42 -6.63 -32.05
N GLY C 287 34.93 -7.25 -30.99
CA GLY C 287 33.51 -7.15 -30.66
C GLY C 287 33.34 -6.48 -29.29
N LEU C 288 32.12 -6.07 -28.98
CA LEU C 288 31.86 -5.46 -27.68
C LEU C 288 30.59 -6.04 -27.08
N ILE C 289 30.67 -6.48 -25.82
CA ILE C 289 29.50 -7.00 -25.10
C ILE C 289 29.41 -6.17 -23.82
N GLY C 290 28.28 -5.51 -23.61
CA GLY C 290 28.08 -4.68 -22.43
C GLY C 290 26.82 -5.10 -21.71
N PHE C 291 26.87 -5.13 -20.39
CA PHE C 291 25.72 -5.51 -19.57
C PHE C 291 25.33 -4.28 -18.73
N ARG C 292 24.03 -4.09 -18.50
CA ARG C 292 23.56 -2.96 -17.71
C ARG C 292 24.17 -1.63 -18.16
N PHE C 293 24.62 -0.81 -17.22
CA PHE C 293 25.20 0.47 -17.63
C PHE C 293 26.37 0.20 -18.56
N GLY C 294 26.96 -0.99 -18.44
CA GLY C 294 28.06 -1.36 -19.32
C GLY C 294 27.69 -1.25 -20.80
N GLY C 295 26.49 -1.71 -21.14
CA GLY C 295 26.03 -1.63 -22.53
C GLY C 295 25.83 -0.17 -22.94
N ASN C 296 25.51 0.68 -21.98
CA ASN C 296 25.32 2.09 -22.25
C ASN C 296 26.64 2.67 -22.70
N ALA C 297 27.72 2.25 -22.05
CA ALA C 297 29.06 2.73 -22.40
C ALA C 297 29.55 2.10 -23.71
N MET C 298 29.13 0.87 -23.98
CA MET C 298 29.54 0.20 -25.21
C MET C 298 28.90 0.82 -26.45
N VAL C 299 27.63 1.19 -26.38
CA VAL C 299 26.96 1.81 -27.52
C VAL C 299 27.67 3.13 -27.76
N ARG C 300 27.99 3.80 -26.66
CA ARG C 300 28.69 5.07 -26.71
C ARG C 300 30.01 4.88 -27.46
N LEU C 301 30.62 3.71 -27.28
CA LEU C 301 31.88 3.43 -27.91
C LEU C 301 31.72 3.04 -29.36
N SER C 302 30.60 2.38 -29.68
CA SER C 302 30.32 1.96 -31.04
C SER C 302 30.13 3.18 -31.97
N PHE C 303 29.95 4.36 -31.39
CA PHE C 303 29.78 5.58 -32.18
C PHE C 303 31.12 6.29 -32.33
N LEU C 304 31.94 6.24 -31.27
CA LEU C 304 33.24 6.90 -31.30
C LEU C 304 34.35 6.16 -32.03
N GLU C 305 34.13 4.89 -32.33
CA GLU C 305 35.16 4.08 -33.01
C GLU C 305 34.49 3.17 -34.01
N GLN C 306 33.83 3.77 -35.00
CA GLN C 306 33.11 3.02 -36.02
C GLN C 306 34.03 2.17 -36.88
N GLU C 307 35.30 2.54 -36.93
CA GLU C 307 36.24 1.79 -37.73
C GLU C 307 36.87 0.57 -37.06
N LYS C 308 37.23 0.71 -35.78
CA LYS C 308 37.87 -0.36 -35.03
C LYS C 308 36.95 -1.45 -34.48
N ILE C 309 35.63 -1.20 -34.47
CA ILE C 309 34.68 -2.17 -33.94
C ILE C 309 33.82 -2.83 -35.02
N LYS C 310 33.73 -4.15 -34.98
CA LYS C 310 32.95 -4.87 -35.98
C LYS C 310 31.51 -5.20 -35.57
N ALA C 311 31.24 -5.22 -34.27
CA ALA C 311 29.89 -5.55 -33.81
C ALA C 311 29.73 -5.25 -32.34
N CYS C 312 28.49 -5.11 -31.91
CA CYS C 312 28.23 -4.78 -30.52
C CYS C 312 26.90 -5.35 -30.06
N VAL C 313 26.91 -5.95 -28.87
CA VAL C 313 25.74 -6.57 -28.25
C VAL C 313 25.56 -5.98 -26.85
N ILE C 314 24.37 -5.51 -26.52
CA ILE C 314 24.16 -4.95 -25.18
C ILE C 314 22.95 -5.63 -24.54
N LEU C 315 23.09 -6.01 -23.27
CA LEU C 315 21.99 -6.68 -22.57
C LEU C 315 21.51 -5.94 -21.33
N GLY C 316 20.21 -5.67 -21.29
CA GLY C 316 19.63 -4.99 -20.15
C GLY C 316 20.25 -3.63 -19.87
N ALA C 317 20.62 -2.94 -20.94
CA ALA C 317 21.25 -1.63 -20.81
C ALA C 317 20.24 -0.49 -20.68
N PRO C 318 20.44 0.37 -19.66
CA PRO C 318 19.55 1.52 -19.41
C PRO C 318 20.09 2.60 -20.35
N ILE C 319 19.41 2.80 -21.48
CA ILE C 319 19.85 3.77 -22.48
C ILE C 319 19.30 5.18 -22.32
N HIS C 320 18.00 5.27 -22.04
CA HIS C 320 17.37 6.57 -21.94
C HIS C 320 16.18 6.67 -20.98
N ASP C 321 15.14 5.90 -21.25
CA ASP C 321 13.92 5.94 -20.44
C ASP C 321 14.14 6.27 -18.98
N ILE C 322 14.83 5.38 -18.27
CA ILE C 322 15.09 5.55 -16.85
C ILE C 322 15.77 6.85 -16.43
N PHE C 323 16.76 7.30 -17.19
CA PHE C 323 17.47 8.52 -16.82
C PHE C 323 16.62 9.76 -17.03
N ALA C 324 15.59 9.63 -17.87
CA ALA C 324 14.68 10.73 -18.16
C ALA C 324 13.41 10.58 -17.34
N SER C 325 13.48 9.79 -16.28
CA SER C 325 12.35 9.57 -15.39
C SER C 325 12.75 10.01 -13.99
N PRO C 326 12.76 11.33 -13.75
CA PRO C 326 13.13 11.81 -12.41
C PRO C 326 12.31 11.15 -11.30
N GLN C 327 11.01 11.04 -11.51
CA GLN C 327 10.13 10.44 -10.51
C GLN C 327 10.56 9.00 -10.21
N LYS C 328 10.81 8.20 -11.24
CA LYS C 328 11.25 6.83 -11.03
C LYS C 328 12.57 6.80 -10.24
N LEU C 329 13.61 7.44 -10.77
CA LEU C 329 14.91 7.51 -10.11
C LEU C 329 14.83 7.85 -8.63
N GLN C 330 13.98 8.82 -8.29
CA GLN C 330 13.78 9.25 -6.90
C GLN C 330 13.16 8.15 -6.06
N GLN C 331 12.45 7.23 -6.71
CA GLN C 331 11.80 6.13 -6.02
C GLN C 331 12.72 4.91 -5.81
N MET C 332 13.87 4.90 -6.49
CA MET C 332 14.79 3.77 -6.37
C MET C 332 15.18 3.40 -4.93
N PRO C 333 15.49 2.11 -4.70
CA PRO C 333 15.90 1.62 -3.39
C PRO C 333 17.17 2.34 -3.01
N LYS C 334 17.43 2.45 -1.72
CA LYS C 334 18.61 3.12 -1.25
C LYS C 334 19.92 2.51 -1.78
N MET C 335 19.93 1.19 -2.00
CA MET C 335 21.17 0.57 -2.47
C MET C 335 21.58 1.12 -3.84
N TYR C 336 20.61 1.36 -4.70
CA TYR C 336 20.90 1.88 -6.03
C TYR C 336 21.35 3.34 -5.98
N LEU C 337 20.63 4.17 -5.23
CA LEU C 337 21.00 5.57 -5.09
C LEU C 337 22.39 5.64 -4.48
N ASP C 338 22.66 4.73 -3.55
CA ASP C 338 23.95 4.63 -2.89
C ASP C 338 25.06 4.31 -3.88
N VAL C 339 24.75 3.48 -4.87
CA VAL C 339 25.78 3.11 -5.86
C VAL C 339 26.12 4.33 -6.71
N LEU C 340 25.09 5.06 -7.11
CA LEU C 340 25.25 6.25 -7.91
C LEU C 340 26.11 7.27 -7.19
N ALA C 341 25.72 7.58 -5.95
CA ALA C 341 26.48 8.55 -5.17
C ALA C 341 27.94 8.18 -5.17
N SER C 342 28.23 6.98 -4.70
CA SER C 342 29.60 6.49 -4.59
C SER C 342 30.40 6.57 -5.89
N ARG C 343 29.78 6.16 -6.99
CA ARG C 343 30.47 6.19 -8.26
C ARG C 343 30.68 7.65 -8.73
N LEU C 344 29.73 8.52 -8.41
CA LEU C 344 29.88 9.91 -8.79
C LEU C 344 30.71 10.61 -7.73
N GLY C 345 31.11 9.86 -6.70
CA GLY C 345 31.90 10.44 -5.63
C GLY C 345 31.21 11.56 -4.88
N LYS C 346 29.87 11.53 -4.86
CA LYS C 346 29.06 12.55 -4.19
C LYS C 346 29.48 12.90 -2.76
N SER C 347 28.67 13.75 -2.12
CA SER C 347 28.91 14.20 -0.75
C SER C 347 27.79 13.68 0.14
N VAL C 348 26.99 14.58 0.70
CA VAL C 348 25.89 14.16 1.55
C VAL C 348 25.00 13.39 0.58
N VAL C 349 24.27 14.14 -0.25
CA VAL C 349 23.38 13.62 -1.30
C VAL C 349 21.96 14.12 -1.23
N ASP C 350 21.54 14.72 -2.34
CA ASP C 350 20.20 15.25 -2.51
C ASP C 350 19.63 14.43 -3.66
N ILE C 351 18.67 13.57 -3.35
CA ILE C 351 18.06 12.70 -4.34
C ILE C 351 17.41 13.50 -5.47
N TYR C 352 16.81 14.63 -5.10
CA TYR C 352 16.14 15.50 -6.06
C TYR C 352 17.18 16.08 -7.00
N SER C 353 18.25 16.58 -6.42
CA SER C 353 19.35 17.13 -7.17
C SER C 353 19.85 16.01 -8.08
N LEU C 354 20.42 14.97 -7.47
CA LEU C 354 20.95 13.82 -8.17
C LEU C 354 20.06 13.31 -9.30
N SER C 355 18.78 13.09 -9.00
CA SER C 355 17.84 12.56 -10.00
C SER C 355 17.79 13.44 -11.22
N GLY C 356 18.03 14.73 -11.03
CA GLY C 356 17.98 15.67 -12.14
C GLY C 356 19.20 15.55 -13.04
N GLN C 357 20.38 15.60 -12.43
CA GLN C 357 21.60 15.50 -13.19
C GLN C 357 21.91 14.12 -13.79
N MET C 358 20.95 13.20 -13.72
CA MET C 358 21.14 11.85 -14.25
C MET C 358 20.65 11.80 -15.70
N ALA C 359 19.92 12.82 -16.10
CA ALA C 359 19.41 12.88 -17.46
C ALA C 359 20.59 12.87 -18.42
N ALA C 360 21.73 13.36 -17.93
CA ALA C 360 22.96 13.45 -18.71
C ALA C 360 23.46 12.08 -19.17
N TRP C 361 23.10 11.03 -18.43
CA TRP C 361 23.53 9.68 -18.76
C TRP C 361 22.80 9.10 -19.93
N SER C 362 21.69 9.73 -20.31
CA SER C 362 20.93 9.24 -21.46
C SER C 362 21.82 9.41 -22.69
N LEU C 363 21.75 8.48 -23.63
CA LEU C 363 22.58 8.59 -24.82
C LEU C 363 21.95 9.59 -25.79
N LYS C 364 20.63 9.74 -25.71
CA LYS C 364 19.92 10.70 -26.55
C LYS C 364 20.34 12.08 -26.08
N VAL C 365 20.11 12.37 -24.81
CA VAL C 365 20.49 13.65 -24.24
C VAL C 365 21.92 14.04 -24.62
N GLN C 366 22.79 13.04 -24.74
CA GLN C 366 24.20 13.27 -25.08
C GLN C 366 24.44 13.59 -26.55
N GLY C 367 23.44 13.33 -27.38
CA GLY C 367 23.60 13.63 -28.80
C GLY C 367 24.29 12.52 -29.56
N PHE C 368 24.11 11.28 -29.12
CA PHE C 368 24.70 10.11 -29.77
C PHE C 368 23.61 9.41 -30.55
N LEU C 369 22.43 9.41 -29.95
CA LEU C 369 21.29 8.76 -30.56
C LEU C 369 20.27 9.79 -31.04
N SER C 370 20.74 10.81 -31.75
CA SER C 370 19.81 11.82 -32.26
C SER C 370 19.87 11.95 -33.78
N SER C 371 21.07 12.07 -34.35
CA SER C 371 21.18 12.21 -35.80
C SER C 371 21.81 11.05 -36.59
N ARG C 372 23.09 11.18 -36.92
CA ARG C 372 23.80 10.18 -37.71
C ARG C 372 23.83 8.74 -37.14
N LYS C 373 23.51 7.74 -37.96
CA LYS C 373 23.56 6.35 -37.50
C LYS C 373 25.03 5.92 -37.44
N THR C 374 25.31 4.86 -36.68
CA THR C 374 26.67 4.34 -36.58
C THR C 374 26.76 3.18 -37.55
N LYS C 375 27.93 2.97 -38.12
CA LYS C 375 28.12 1.89 -39.07
C LYS C 375 28.17 0.56 -38.31
N VAL C 376 28.54 0.62 -37.04
CA VAL C 376 28.63 -0.59 -36.21
C VAL C 376 27.28 -1.24 -36.01
N PRO C 377 27.16 -2.54 -36.31
CA PRO C 377 25.88 -3.23 -36.12
C PRO C 377 25.73 -3.55 -34.64
N ILE C 378 24.71 -2.99 -34.00
CA ILE C 378 24.47 -3.22 -32.57
C ILE C 378 23.21 -4.06 -32.37
N LEU C 379 23.33 -5.11 -31.57
CA LEU C 379 22.19 -5.95 -31.24
C LEU C 379 21.86 -5.55 -29.80
N ALA C 380 20.69 -4.96 -29.59
CA ALA C 380 20.30 -4.51 -28.25
C ALA C 380 19.10 -5.25 -27.67
N MET C 381 19.38 -6.19 -26.78
CA MET C 381 18.31 -6.98 -26.17
C MET C 381 18.14 -6.70 -24.68
N SER C 382 17.07 -7.27 -24.12
CA SER C 382 16.75 -7.16 -22.71
C SER C 382 15.49 -8.00 -22.43
N LEU C 383 15.33 -8.40 -21.17
CA LEU C 383 14.18 -9.20 -20.80
C LEU C 383 12.90 -8.38 -20.76
N GLU C 384 11.83 -8.97 -21.25
CA GLU C 384 10.53 -8.32 -21.26
C GLU C 384 10.17 -7.93 -19.84
N GLY C 385 9.74 -6.69 -19.64
CA GLY C 385 9.38 -6.25 -18.31
C GLY C 385 10.53 -5.63 -17.56
N ASP C 386 11.73 -5.72 -18.13
CA ASP C 386 12.93 -5.14 -17.49
C ASP C 386 12.71 -3.63 -17.29
N PRO C 387 12.56 -3.20 -16.03
CA PRO C 387 12.35 -1.78 -15.69
C PRO C 387 13.41 -0.77 -16.12
N VAL C 388 14.68 -1.11 -15.97
CA VAL C 388 15.73 -0.15 -16.35
C VAL C 388 16.15 -0.23 -17.81
N SER C 389 15.57 -1.17 -18.55
CA SER C 389 15.92 -1.33 -19.94
C SER C 389 14.69 -1.77 -20.77
N PRO C 390 13.87 -0.79 -21.19
CA PRO C 390 12.67 -1.08 -21.98
C PRO C 390 12.96 -1.18 -23.46
N TYR C 391 12.08 -1.89 -24.16
CA TYR C 391 12.19 -2.08 -25.60
C TYR C 391 12.34 -0.75 -26.33
N SER C 392 11.70 0.29 -25.82
CA SER C 392 11.79 1.61 -26.45
C SER C 392 13.26 2.01 -26.52
N ASP C 393 13.97 1.77 -25.42
CA ASP C 393 15.39 2.07 -25.29
C ASP C 393 16.20 1.29 -26.35
N ASN C 394 15.97 -0.01 -26.43
CA ASN C 394 16.69 -0.81 -27.39
C ASN C 394 16.32 -0.48 -28.85
N GLN C 395 15.09 -0.05 -29.10
CA GLN C 395 14.71 0.30 -30.46
C GLN C 395 15.52 1.54 -30.84
N MET C 396 15.60 2.47 -29.91
CA MET C 396 16.33 3.70 -30.15
C MET C 396 17.76 3.41 -30.58
N VAL C 397 18.36 2.38 -29.96
CA VAL C 397 19.72 1.97 -30.27
C VAL C 397 19.77 1.30 -31.64
N ALA C 398 18.81 0.41 -31.90
CA ALA C 398 18.77 -0.28 -33.19
C ALA C 398 18.66 0.74 -34.31
N PHE C 399 17.64 1.60 -34.21
CA PHE C 399 17.40 2.63 -35.20
C PHE C 399 18.63 3.43 -35.58
N PHE C 400 19.42 3.82 -34.59
CA PHE C 400 20.62 4.60 -34.86
C PHE C 400 21.83 3.74 -35.22
N SER C 401 21.56 2.47 -35.49
CA SER C 401 22.60 1.53 -35.88
C SER C 401 22.26 0.95 -37.25
N THR C 402 23.10 1.21 -38.25
CA THR C 402 22.81 0.64 -39.58
C THR C 402 22.97 -0.87 -39.36
N TYR C 403 22.00 -1.65 -39.77
CA TYR C 403 22.04 -3.10 -39.57
C TYR C 403 21.79 -3.38 -38.09
N GLY C 404 21.33 -2.38 -37.35
CA GLY C 404 21.04 -2.55 -35.95
C GLY C 404 19.88 -3.49 -35.74
N LYS C 405 19.78 -4.05 -34.54
CA LYS C 405 18.69 -4.96 -34.23
C LYS C 405 18.34 -4.87 -32.76
N ALA C 406 17.04 -4.84 -32.47
CA ALA C 406 16.57 -4.75 -31.10
C ALA C 406 15.80 -6.02 -30.77
N LYS C 407 15.74 -6.40 -29.50
CA LYS C 407 15.01 -7.60 -29.12
C LYS C 407 14.47 -7.53 -27.70
N LYS C 408 13.17 -7.75 -27.60
CA LYS C 408 12.44 -7.75 -26.35
C LYS C 408 12.08 -9.23 -26.20
N ILE C 409 12.97 -9.99 -25.58
CA ILE C 409 12.76 -11.43 -25.43
C ILE C 409 11.63 -11.85 -24.48
N SER C 410 10.62 -12.47 -25.07
CA SER C 410 9.47 -12.96 -24.33
C SER C 410 9.80 -14.39 -23.96
N SER C 411 9.90 -14.65 -22.67
CA SER C 411 10.24 -15.97 -22.20
C SER C 411 9.27 -16.48 -21.14
N LYS C 412 8.86 -17.73 -21.30
CA LYS C 412 7.96 -18.34 -20.34
C LYS C 412 8.80 -18.47 -19.08
N THR C 413 10.12 -18.57 -19.29
CA THR C 413 11.05 -18.69 -18.18
C THR C 413 12.20 -17.72 -18.38
N ILE C 414 12.47 -16.92 -17.35
CA ILE C 414 13.55 -15.95 -17.40
C ILE C 414 14.85 -16.66 -17.74
N THR C 415 15.02 -17.89 -17.23
CA THR C 415 16.23 -18.64 -17.48
C THR C 415 16.46 -18.99 -18.95
N GLN C 416 15.44 -19.51 -19.61
CA GLN C 416 15.63 -19.84 -21.02
C GLN C 416 15.73 -18.54 -21.81
N GLY C 417 15.00 -17.53 -21.34
CA GLY C 417 15.05 -16.23 -22.01
C GLY C 417 16.49 -15.74 -22.10
N TYR C 418 17.26 -15.89 -21.03
CA TYR C 418 18.65 -15.45 -20.99
C TYR C 418 19.58 -16.26 -21.88
N GLU C 419 19.47 -17.59 -21.82
CA GLU C 419 20.33 -18.42 -22.64
C GLU C 419 19.92 -18.31 -24.09
N GLN C 420 18.65 -17.96 -24.28
CA GLN C 420 18.09 -17.76 -25.61
C GLN C 420 18.87 -16.61 -26.24
N SER C 421 18.74 -15.44 -25.63
CA SER C 421 19.42 -14.26 -26.11
C SER C 421 20.95 -14.39 -26.12
N LEU C 422 21.49 -15.07 -25.13
CA LEU C 422 22.94 -15.22 -25.04
C LEU C 422 23.51 -15.99 -26.22
N ASP C 423 22.82 -17.04 -26.63
CA ASP C 423 23.30 -17.82 -27.76
C ASP C 423 23.06 -17.03 -29.04
N LEU C 424 21.88 -16.44 -29.13
CA LEU C 424 21.48 -15.63 -30.27
C LEU C 424 22.51 -14.52 -30.50
N ALA C 425 22.96 -13.90 -29.42
CA ALA C 425 23.94 -12.84 -29.47
C ALA C 425 25.35 -13.31 -29.87
N ILE C 426 25.80 -14.41 -29.27
CA ILE C 426 27.13 -14.93 -29.58
C ILE C 426 27.29 -15.21 -31.07
N LYS C 427 26.29 -15.83 -31.69
CA LYS C 427 26.34 -16.11 -33.11
C LYS C 427 26.35 -14.78 -33.85
N TRP C 428 25.66 -13.80 -33.28
CA TRP C 428 25.61 -12.46 -33.87
C TRP C 428 27.01 -11.95 -34.01
N LEU C 429 27.77 -12.06 -32.93
CA LEU C 429 29.15 -11.61 -32.95
C LEU C 429 29.99 -12.41 -33.94
N GLU C 430 30.07 -13.72 -33.72
CA GLU C 430 30.86 -14.62 -34.57
C GLU C 430 30.65 -14.37 -36.06
N ASP C 431 29.43 -14.02 -36.46
CA ASP C 431 29.15 -13.77 -37.87
C ASP C 431 29.77 -12.49 -38.41
N GLU C 432 29.53 -11.39 -37.72
CA GLU C 432 30.07 -10.12 -38.18
C GLU C 432 31.49 -9.88 -37.71
N LEU C 433 32.04 -10.82 -36.93
CA LEU C 433 33.41 -10.68 -36.46
C LEU C 433 34.35 -11.01 -37.60
N ALA D 34 13.60 -48.57 -9.17
CA ALA D 34 12.93 -47.24 -8.98
C ALA D 34 12.80 -46.90 -7.51
N ILE D 35 13.40 -45.78 -7.13
CA ILE D 35 13.38 -45.34 -5.75
C ILE D 35 12.15 -44.46 -5.47
N GLU D 36 11.56 -44.61 -4.29
CA GLU D 36 10.39 -43.81 -3.95
C GLU D 36 10.75 -42.65 -3.04
N ILE D 37 10.32 -41.45 -3.41
CA ILE D 37 10.56 -40.29 -2.58
C ILE D 37 9.27 -40.11 -1.79
N ILE D 38 9.39 -40.19 -0.47
CA ILE D 38 8.22 -40.06 0.37
C ILE D 38 8.01 -38.64 0.88
N ALA D 39 6.76 -38.20 0.84
CA ALA D 39 6.35 -36.88 1.29
C ALA D 39 7.03 -36.39 2.55
N PRO D 40 7.82 -35.31 2.44
CA PRO D 40 8.49 -34.79 3.64
C PRO D 40 7.54 -34.00 4.55
N LEU D 41 6.35 -33.72 4.04
CA LEU D 41 5.30 -33.04 4.82
C LEU D 41 3.95 -33.37 4.24
N SER D 42 2.89 -33.20 5.03
CA SER D 42 1.51 -33.47 4.59
C SER D 42 0.95 -32.30 3.77
N GLY D 43 0.11 -32.60 2.79
CA GLY D 43 -0.47 -31.53 2.01
C GLY D 43 -0.90 -31.92 0.62
N GLU D 44 -1.00 -30.93 -0.24
CA GLU D 44 -1.40 -31.16 -1.62
C GLU D 44 -0.22 -30.90 -2.54
N ILE D 45 0.02 -31.83 -3.45
CA ILE D 45 1.11 -31.68 -4.40
C ILE D 45 0.77 -30.61 -5.40
N VAL D 46 1.74 -29.73 -5.66
CA VAL D 46 1.61 -28.61 -6.60
C VAL D 46 2.78 -28.69 -7.58
N ASN D 47 2.54 -28.34 -8.84
CA ASN D 47 3.59 -28.35 -9.84
C ASN D 47 4.72 -27.45 -9.39
N ILE D 48 5.97 -27.88 -9.57
CA ILE D 48 7.10 -27.05 -9.17
C ILE D 48 7.11 -25.75 -9.97
N GLU D 49 6.67 -25.80 -11.21
CA GLU D 49 6.71 -24.59 -12.00
C GLU D 49 5.63 -23.56 -11.63
N ASP D 50 4.82 -23.88 -10.63
CA ASP D 50 3.77 -22.97 -10.19
C ASP D 50 4.15 -22.25 -8.89
N VAL D 51 5.37 -22.49 -8.41
CA VAL D 51 5.90 -21.89 -7.20
C VAL D 51 6.23 -20.41 -7.49
N PRO D 52 5.87 -19.49 -6.58
CA PRO D 52 6.17 -18.06 -6.82
C PRO D 52 7.60 -17.63 -6.49
N ASP D 53 8.57 -18.22 -7.17
CA ASP D 53 9.99 -17.92 -6.99
C ASP D 53 10.66 -18.49 -8.21
N VAL D 54 11.31 -17.65 -8.99
CA VAL D 54 11.97 -18.14 -10.21
C VAL D 54 13.00 -19.24 -10.04
N VAL D 55 13.90 -19.16 -9.07
CA VAL D 55 14.92 -20.21 -8.93
C VAL D 55 14.35 -21.63 -8.76
N PHE D 56 13.26 -21.75 -8.00
CA PHE D 56 12.63 -23.06 -7.81
C PHE D 56 11.79 -23.42 -9.02
N ALA D 57 10.95 -22.48 -9.43
CA ALA D 57 10.02 -22.69 -10.55
C ALA D 57 10.70 -23.02 -11.85
N GLU D 58 11.94 -22.56 -12.02
CA GLU D 58 12.63 -22.84 -13.27
C GLU D 58 13.55 -24.06 -13.16
N LYS D 59 13.53 -24.73 -12.01
CA LYS D 59 14.33 -25.93 -11.79
C LYS D 59 15.85 -25.67 -11.72
N ILE D 60 16.21 -24.46 -11.32
CA ILE D 60 17.61 -24.10 -11.21
C ILE D 60 18.23 -24.81 -10.01
N VAL D 61 17.44 -24.99 -8.95
CA VAL D 61 17.95 -25.67 -7.76
C VAL D 61 17.73 -27.18 -7.91
N GLY D 62 16.84 -27.56 -8.83
CA GLY D 62 16.55 -28.96 -9.07
C GLY D 62 15.13 -29.15 -9.59
N ASP D 63 14.74 -30.39 -9.77
CA ASP D 63 13.42 -30.71 -10.27
C ASP D 63 12.68 -31.58 -9.25
N GLY D 64 11.35 -31.50 -9.26
CA GLY D 64 10.53 -32.27 -8.35
C GLY D 64 9.14 -31.65 -8.30
N ILE D 65 8.55 -31.63 -7.12
CA ILE D 65 7.23 -31.01 -6.98
C ILE D 65 7.25 -30.13 -5.75
N ALA D 66 6.14 -29.46 -5.48
CA ALA D 66 6.01 -28.61 -4.29
C ALA D 66 4.80 -29.07 -3.47
N ILE D 67 4.79 -28.79 -2.18
CA ILE D 67 3.66 -29.18 -1.33
C ILE D 67 3.05 -28.01 -0.55
N LYS D 68 1.72 -27.86 -0.65
CA LYS D 68 0.97 -26.84 0.09
C LYS D 68 0.66 -27.58 1.40
N PRO D 69 1.44 -27.34 2.46
CA PRO D 69 1.36 -27.93 3.80
C PRO D 69 0.07 -27.84 4.59
N THR D 70 -0.20 -28.89 5.34
CA THR D 70 -1.40 -28.99 6.20
C THR D 70 -1.01 -29.60 7.54
N GLY D 71 0.22 -30.12 7.63
CA GLY D 71 0.69 -30.78 8.84
C GLY D 71 1.46 -29.90 9.80
N ASN D 72 2.38 -30.47 10.57
CA ASN D 72 3.16 -29.70 11.53
C ASN D 72 4.64 -30.05 11.62
N LYS D 73 5.13 -30.91 10.74
CA LYS D 73 6.55 -31.23 10.79
C LYS D 73 7.14 -31.60 9.43
N MET D 74 8.44 -31.43 9.30
CA MET D 74 9.11 -31.80 8.07
C MET D 74 9.89 -33.04 8.41
N VAL D 75 9.84 -34.02 7.54
CA VAL D 75 10.48 -35.28 7.82
C VAL D 75 11.36 -35.77 6.67
N ALA D 76 12.24 -36.72 6.93
CA ALA D 76 13.13 -37.25 5.90
C ALA D 76 12.32 -37.95 4.80
N PRO D 77 12.55 -37.61 3.53
CA PRO D 77 11.81 -38.24 2.43
C PRO D 77 12.44 -39.53 1.92
N VAL D 78 13.57 -39.90 2.51
CA VAL D 78 14.29 -41.10 2.11
C VAL D 78 15.16 -41.54 3.28
N ASN D 79 15.82 -42.69 3.13
CA ASN D 79 16.73 -43.21 4.14
C ASN D 79 18.12 -42.72 3.75
N GLY D 80 18.84 -42.10 4.67
CA GLY D 80 20.15 -41.62 4.29
C GLY D 80 20.77 -40.76 5.37
N THR D 81 21.48 -39.72 4.96
CA THR D 81 22.13 -38.83 5.92
C THR D 81 21.71 -37.39 5.67
N ILE D 82 21.46 -36.67 6.77
CA ILE D 82 21.09 -35.26 6.69
C ILE D 82 22.34 -34.49 6.24
N GLY D 83 22.23 -33.75 5.16
CA GLY D 83 23.36 -32.96 4.68
C GLY D 83 23.40 -31.65 5.45
N LYS D 84 22.68 -30.64 4.96
CA LYS D 84 22.63 -29.35 5.62
C LYS D 84 21.25 -29.06 6.20
N ILE D 85 21.24 -28.25 7.25
CA ILE D 85 20.01 -27.79 7.88
C ILE D 85 20.33 -26.32 7.99
N PHE D 86 19.55 -25.47 7.33
CA PHE D 86 19.80 -24.04 7.37
C PHE D 86 19.64 -23.48 8.77
N GLU D 87 20.38 -22.40 9.04
CA GLU D 87 20.33 -21.78 10.36
C GLU D 87 18.96 -21.19 10.71
N THR D 88 18.14 -20.93 9.71
CA THR D 88 16.80 -20.42 9.93
C THR D 88 15.87 -21.63 10.08
N ASN D 89 16.46 -22.82 10.05
CA ASN D 89 15.73 -24.08 10.21
C ASN D 89 14.46 -24.24 9.36
N HIS D 90 14.43 -23.62 8.19
CA HIS D 90 13.26 -23.76 7.34
C HIS D 90 13.52 -24.72 6.18
N ALA D 91 14.79 -25.10 6.00
CA ALA D 91 15.14 -25.99 4.90
C ALA D 91 16.28 -26.91 5.28
N PHE D 92 16.40 -28.03 4.57
CA PHE D 92 17.47 -28.98 4.87
C PHE D 92 17.76 -29.84 3.67
N SER D 93 18.95 -30.43 3.65
CA SER D 93 19.40 -31.32 2.58
C SER D 93 19.54 -32.75 3.05
N ILE D 94 19.43 -33.69 2.12
CA ILE D 94 19.59 -35.09 2.47
C ILE D 94 20.09 -35.93 1.30
N GLU D 95 20.97 -36.88 1.60
CA GLU D 95 21.45 -37.78 0.55
C GLU D 95 20.96 -39.16 0.93
N SER D 96 20.17 -39.76 0.05
CA SER D 96 19.62 -41.09 0.29
C SER D 96 20.73 -42.11 0.23
N ASP D 97 20.46 -43.31 0.74
CA ASP D 97 21.46 -44.34 0.69
C ASP D 97 21.62 -44.79 -0.76
N ASP D 98 20.73 -44.32 -1.62
CA ASP D 98 20.77 -44.65 -3.04
C ASP D 98 21.70 -43.69 -3.78
N GLY D 99 22.04 -42.58 -3.13
CA GLY D 99 22.92 -41.60 -3.75
C GLY D 99 22.18 -40.43 -4.37
N VAL D 100 20.89 -40.30 -4.05
CA VAL D 100 20.05 -39.23 -4.57
C VAL D 100 20.06 -38.10 -3.55
N GLU D 101 20.34 -36.89 -4.01
CA GLU D 101 20.39 -35.72 -3.14
C GLU D 101 19.11 -34.92 -3.27
N LEU D 102 18.47 -34.66 -2.14
CA LEU D 102 17.22 -33.93 -2.19
C LEU D 102 17.34 -32.65 -1.39
N PHE D 103 16.48 -31.67 -1.71
CA PHE D 103 16.44 -30.40 -1.00
C PHE D 103 14.96 -30.12 -0.73
N VAL D 104 14.63 -29.92 0.56
CA VAL D 104 13.27 -29.65 1.02
C VAL D 104 13.32 -28.24 1.61
N HIS D 105 12.48 -27.36 1.11
CA HIS D 105 12.49 -25.95 1.52
C HIS D 105 11.08 -25.49 1.83
N PHE D 106 10.77 -25.27 3.11
CA PHE D 106 9.43 -24.86 3.47
C PHE D 106 9.18 -23.40 3.09
N GLY D 107 8.02 -23.15 2.46
CA GLY D 107 7.65 -21.82 2.05
C GLY D 107 8.61 -21.20 1.05
N ILE D 108 8.31 -19.96 0.67
CA ILE D 108 9.19 -19.26 -0.25
C ILE D 108 9.42 -17.89 0.38
N ASP D 109 10.69 -17.47 0.41
CA ASP D 109 11.14 -16.21 1.03
C ASP D 109 11.10 -16.27 2.55
N THR D 110 10.95 -17.48 3.07
CA THR D 110 10.90 -17.72 4.50
C THR D 110 12.19 -17.49 5.30
N VAL D 111 13.32 -17.27 4.64
CA VAL D 111 14.56 -16.97 5.38
C VAL D 111 14.33 -15.65 6.08
N GLU D 112 13.54 -14.82 5.44
CA GLU D 112 13.24 -13.49 5.97
C GLU D 112 12.44 -13.54 7.26
N LEU D 113 12.12 -14.74 7.73
CA LEU D 113 11.36 -14.90 8.96
C LEU D 113 12.34 -15.19 10.08
N LYS D 114 13.62 -15.11 9.74
CA LYS D 114 14.71 -15.33 10.68
C LYS D 114 14.60 -16.58 11.55
N GLY D 115 13.95 -17.63 11.08
CA GLY D 115 13.85 -18.83 11.89
C GLY D 115 12.60 -18.95 12.75
N GLU D 116 11.76 -17.92 12.77
CA GLU D 116 10.54 -17.95 13.56
C GLU D 116 9.53 -18.96 13.01
N GLY D 117 9.00 -19.80 13.88
CA GLY D 117 8.01 -20.78 13.45
C GLY D 117 8.54 -22.16 13.17
N PHE D 118 9.86 -22.34 13.28
CA PHE D 118 10.50 -23.63 13.04
C PHE D 118 11.30 -24.01 14.26
N THR D 119 11.64 -25.28 14.37
CA THR D 119 12.47 -25.75 15.48
C THR D 119 13.16 -27.03 15.03
N ARG D 120 14.48 -26.99 15.06
CA ARG D 120 15.34 -28.10 14.64
C ARG D 120 15.24 -29.33 15.54
N ILE D 121 15.18 -30.50 14.93
CA ILE D 121 15.11 -31.75 15.66
C ILE D 121 16.27 -32.66 15.28
N ALA D 122 16.42 -32.92 13.98
CA ALA D 122 17.53 -33.75 13.51
C ALA D 122 18.77 -32.85 13.51
N GLU D 123 19.90 -33.38 13.06
CA GLU D 123 21.12 -32.63 13.05
C GLU D 123 21.88 -32.91 11.78
N GLU D 124 22.88 -32.10 11.46
CA GLU D 124 23.65 -32.34 10.23
C GLU D 124 24.51 -33.59 10.40
N GLY D 125 24.50 -34.45 9.39
CA GLY D 125 25.27 -35.68 9.45
C GLY D 125 24.53 -36.85 10.08
N GLN D 126 23.31 -36.60 10.54
CA GLN D 126 22.51 -37.65 11.16
C GLN D 126 22.02 -38.71 10.18
N THR D 127 22.04 -39.96 10.64
CA THR D 127 21.56 -41.09 9.87
C THR D 127 20.05 -41.13 10.14
N VAL D 128 19.25 -41.13 9.09
CA VAL D 128 17.81 -41.12 9.28
C VAL D 128 17.07 -42.13 8.39
N LYS D 129 15.90 -42.56 8.86
CA LYS D 129 15.03 -43.47 8.11
C LYS D 129 13.95 -42.57 7.54
N ALA D 130 13.40 -42.92 6.39
CA ALA D 130 12.34 -42.11 5.82
C ALA D 130 11.29 -41.92 6.91
N GLY D 131 10.84 -40.68 7.11
CA GLY D 131 9.83 -40.41 8.12
C GLY D 131 10.36 -39.87 9.46
N ASP D 132 11.68 -39.91 9.65
CA ASP D 132 12.28 -39.40 10.88
C ASP D 132 12.12 -37.89 10.90
N THR D 133 11.73 -37.35 12.06
CA THR D 133 11.51 -35.92 12.21
C THR D 133 12.77 -35.07 12.09
N VAL D 134 12.78 -34.11 11.17
CA VAL D 134 13.96 -33.27 11.08
C VAL D 134 13.63 -31.88 11.62
N ILE D 135 12.48 -31.34 11.24
CA ILE D 135 12.08 -30.01 11.67
C ILE D 135 10.59 -29.99 11.98
N GLU D 136 10.23 -29.27 13.03
CA GLU D 136 8.84 -29.11 13.40
C GLU D 136 8.48 -27.67 13.11
N PHE D 137 7.23 -27.40 12.77
CA PHE D 137 6.83 -26.03 12.48
C PHE D 137 5.42 -25.65 12.90
N ASP D 138 5.23 -24.35 13.12
CA ASP D 138 3.94 -23.78 13.52
C ASP D 138 3.22 -23.39 12.23
N LEU D 139 2.36 -24.28 11.72
CA LEU D 139 1.66 -23.96 10.48
C LEU D 139 0.81 -22.69 10.56
N ALA D 140 0.05 -22.53 11.66
CA ALA D 140 -0.83 -21.37 11.82
C ALA D 140 -0.07 -20.05 11.75
N LEU D 141 1.07 -19.97 12.43
CA LEU D 141 1.89 -18.78 12.44
C LEU D 141 2.46 -18.49 11.04
N LEU D 142 3.10 -19.50 10.45
CA LEU D 142 3.68 -19.35 9.13
C LEU D 142 2.62 -19.01 8.09
N GLU D 143 1.44 -19.55 8.31
CA GLU D 143 0.30 -19.31 7.43
C GLU D 143 0.01 -17.80 7.39
N GLU D 144 0.25 -17.10 8.50
CA GLU D 144 0.01 -15.67 8.57
C GLU D 144 1.24 -14.78 8.35
N LYS D 145 2.44 -15.32 8.55
CA LYS D 145 3.68 -14.55 8.41
C LYS D 145 4.39 -14.69 7.05
N ALA D 146 4.44 -15.92 6.53
CA ALA D 146 5.13 -16.19 5.27
C ALA D 146 4.43 -15.67 4.03
N LYS D 147 5.20 -15.23 3.05
CA LYS D 147 4.60 -14.75 1.82
C LYS D 147 3.93 -15.97 1.20
N SER D 148 4.58 -17.12 1.31
CA SER D 148 4.00 -18.34 0.78
C SER D 148 4.47 -19.53 1.56
N THR D 149 3.54 -20.43 1.79
CA THR D 149 3.78 -21.63 2.55
C THR D 149 4.23 -22.80 1.67
N LEU D 150 4.05 -22.68 0.35
CA LEU D 150 4.45 -23.71 -0.62
C LEU D 150 5.88 -24.19 -0.41
N THR D 151 6.03 -25.50 -0.29
CA THR D 151 7.31 -26.10 -0.02
C THR D 151 7.85 -27.00 -1.13
N PRO D 152 8.89 -26.53 -1.81
CA PRO D 152 9.44 -27.36 -2.88
C PRO D 152 10.21 -28.55 -2.26
N VAL D 153 10.13 -29.71 -2.90
CA VAL D 153 10.93 -30.84 -2.44
C VAL D 153 11.50 -31.32 -3.79
N VAL D 154 12.80 -31.06 -3.99
CA VAL D 154 13.46 -31.38 -5.25
C VAL D 154 14.78 -32.16 -5.16
N ILE D 155 15.13 -32.83 -6.24
CA ILE D 155 16.38 -33.57 -6.36
C ILE D 155 17.37 -32.54 -6.90
N SER D 156 18.40 -32.24 -6.12
CA SER D 156 19.42 -31.26 -6.50
C SER D 156 20.53 -31.98 -7.22
N ASN D 157 20.28 -33.25 -7.49
CA ASN D 157 21.24 -34.16 -8.10
C ASN D 157 20.80 -34.64 -9.50
N MET D 158 20.00 -33.84 -10.20
CA MET D 158 19.46 -34.23 -11.51
C MET D 158 20.42 -34.79 -12.55
N ASP D 159 21.69 -34.43 -12.49
CA ASP D 159 22.62 -34.93 -13.47
C ASP D 159 22.91 -36.41 -13.27
N GLU D 160 22.70 -36.90 -12.05
CA GLU D 160 22.94 -38.29 -11.73
C GLU D 160 21.63 -39.06 -11.73
N ILE D 161 20.68 -38.63 -12.56
CA ILE D 161 19.36 -39.27 -12.60
C ILE D 161 18.82 -39.43 -14.01
N LYS D 162 18.32 -40.62 -14.32
CA LYS D 162 17.80 -40.95 -15.65
C LYS D 162 16.29 -40.79 -15.80
N GLU D 163 15.53 -41.05 -14.75
CA GLU D 163 14.08 -40.89 -14.83
C GLU D 163 13.50 -40.23 -13.58
N LEU D 164 12.55 -39.33 -13.78
CA LEU D 164 11.92 -38.61 -12.68
C LEU D 164 10.41 -38.60 -12.88
N ASN D 165 9.70 -39.40 -12.11
CA ASN D 165 8.25 -39.45 -12.23
C ASN D 165 7.58 -38.70 -11.09
N LYS D 166 6.83 -37.66 -11.46
CA LYS D 166 6.14 -36.82 -10.50
C LYS D 166 4.71 -37.28 -10.23
N LEU D 167 4.39 -37.47 -8.94
CA LEU D 167 3.07 -37.92 -8.58
C LEU D 167 2.16 -36.73 -8.28
N SER D 168 0.91 -37.01 -7.93
CA SER D 168 -0.05 -35.96 -7.73
C SER D 168 -1.01 -36.21 -6.57
N GLY D 169 -1.82 -35.20 -6.27
CA GLY D 169 -2.83 -35.29 -5.22
C GLY D 169 -2.40 -35.03 -3.79
N SER D 170 -3.22 -35.49 -2.86
CA SER D 170 -2.95 -35.31 -1.45
C SER D 170 -1.84 -36.25 -0.98
N VAL D 171 -1.09 -35.82 0.02
CA VAL D 171 -0.04 -36.65 0.54
C VAL D 171 0.02 -36.53 2.05
N VAL D 172 0.63 -37.52 2.69
CA VAL D 172 0.74 -37.52 4.12
C VAL D 172 2.19 -37.68 4.55
N VAL D 173 2.65 -36.77 5.40
CA VAL D 173 4.01 -36.82 5.91
C VAL D 173 4.48 -38.26 6.20
N GLY D 174 5.56 -38.65 5.54
CA GLY D 174 6.12 -39.96 5.77
C GLY D 174 5.35 -41.18 5.29
N GLU D 175 4.28 -40.99 4.52
CA GLU D 175 3.52 -42.14 4.02
C GLU D 175 3.35 -42.20 2.50
N THR D 176 2.82 -41.12 1.92
CA THR D 176 2.56 -41.04 0.48
C THR D 176 3.78 -40.66 -0.37
N PRO D 177 4.06 -41.43 -1.44
CA PRO D 177 5.21 -41.07 -2.27
C PRO D 177 4.85 -39.85 -3.11
N VAL D 178 5.82 -38.98 -3.39
CA VAL D 178 5.55 -37.77 -4.17
C VAL D 178 6.32 -37.79 -5.49
N LEU D 179 7.43 -38.51 -5.50
CA LEU D 179 8.28 -38.65 -6.67
C LEU D 179 8.80 -40.08 -6.77
N ARG D 180 9.12 -40.51 -7.98
CA ARG D 180 9.65 -41.83 -8.23
C ARG D 180 10.86 -41.57 -9.13
N VAL D 181 12.03 -42.06 -8.71
CA VAL D 181 13.25 -41.84 -9.45
C VAL D 181 14.13 -43.07 -9.65
N THR D 182 14.44 -43.37 -10.91
CA THR D 182 15.31 -44.47 -11.29
C THR D 182 16.69 -43.86 -11.51
N LYS D 183 17.63 -44.21 -10.64
CA LYS D 183 18.98 -43.69 -10.72
C LYS D 183 19.86 -44.58 -11.60
N GLN E 39 -45.52 5.13 2.00
CA GLN E 39 -45.48 4.05 3.02
C GLN E 39 -44.46 2.96 2.67
N ALA E 40 -43.40 3.35 1.97
CA ALA E 40 -42.33 2.41 1.59
C ALA E 40 -41.48 2.16 2.83
N LYS E 41 -40.96 0.95 2.96
CA LYS E 41 -40.12 0.57 4.09
C LYS E 41 -38.86 1.42 4.19
N GLU E 42 -38.58 1.95 5.38
CA GLU E 42 -37.39 2.78 5.57
C GLU E 42 -36.12 1.96 5.46
N THR E 43 -35.15 2.52 4.74
CA THR E 43 -33.86 1.90 4.46
C THR E 43 -33.21 0.98 5.52
N SER E 44 -33.02 1.50 6.72
CA SER E 44 -32.36 0.72 7.78
C SER E 44 -33.25 -0.35 8.36
N ALA E 45 -34.53 -0.34 8.00
CA ALA E 45 -35.48 -1.33 8.50
C ALA E 45 -35.77 -2.46 7.49
N LEU E 46 -35.20 -2.35 6.29
CA LEU E 46 -35.41 -3.36 5.25
C LEU E 46 -34.88 -4.73 5.66
N THR E 47 -33.69 -4.75 6.25
CA THR E 47 -33.03 -5.98 6.66
C THR E 47 -33.39 -6.40 8.08
N GLN E 48 -33.91 -7.60 8.23
CA GLN E 48 -34.26 -8.11 9.55
C GLN E 48 -33.19 -9.09 9.99
N TYR E 49 -32.97 -9.17 11.29
CA TYR E 49 -31.96 -10.04 11.88
C TYR E 49 -32.48 -11.08 12.86
N MET E 50 -31.62 -12.04 13.21
CA MET E 50 -31.96 -13.09 14.16
C MET E 50 -31.95 -12.41 15.52
N PRO E 51 -32.75 -12.88 16.48
CA PRO E 51 -32.79 -12.26 17.81
C PRO E 51 -31.43 -12.14 18.46
N THR E 52 -30.53 -13.07 18.12
CA THR E 52 -29.19 -13.06 18.69
C THR E 52 -28.28 -12.09 17.95
N SER E 53 -28.51 -11.93 16.65
CA SER E 53 -27.74 -11.01 15.82
C SER E 53 -28.24 -9.60 16.08
N GLN E 54 -29.53 -9.50 16.40
CA GLN E 54 -30.18 -8.24 16.70
C GLN E 54 -29.54 -7.68 17.98
N SER E 55 -29.35 -8.55 18.96
CA SER E 55 -28.74 -8.19 20.23
C SER E 55 -27.29 -7.75 20.00
N LEU E 56 -26.61 -8.43 19.08
CA LEU E 56 -25.23 -8.09 18.77
C LEU E 56 -25.25 -6.67 18.22
N LEU E 57 -26.24 -6.41 17.37
CA LEU E 57 -26.43 -5.12 16.73
C LEU E 57 -26.61 -4.00 17.75
N ASP E 58 -27.56 -4.17 18.66
CA ASP E 58 -27.83 -3.16 19.68
C ASP E 58 -26.62 -2.86 20.54
N GLU E 59 -25.63 -3.76 20.52
CA GLU E 59 -24.41 -3.55 21.29
C GLU E 59 -23.56 -2.59 20.49
N ILE E 60 -23.35 -2.95 19.22
CA ILE E 60 -22.54 -2.16 18.28
C ILE E 60 -23.06 -0.73 18.16
N LYS E 61 -24.38 -0.56 18.25
CA LYS E 61 -24.97 0.76 18.14
C LYS E 61 -24.70 1.59 19.37
N GLU E 62 -24.85 0.98 20.55
CA GLU E 62 -24.61 1.67 21.81
C GLU E 62 -23.11 1.87 21.98
N LYS E 63 -22.33 0.90 21.50
CA LYS E 63 -20.89 0.95 21.59
C LYS E 63 -20.35 1.94 20.56
N ASN E 64 -20.97 1.94 19.39
CA ASN E 64 -20.57 2.84 18.31
C ASN E 64 -21.05 4.26 18.65
N GLY E 65 -22.25 4.34 19.24
CA GLY E 65 -22.83 5.61 19.61
C GLY E 65 -22.78 6.56 18.44
N PHE E 66 -23.20 6.05 17.28
CA PHE E 66 -23.22 6.83 16.05
C PHE E 66 -24.53 7.60 15.93
N SER E 67 -24.50 8.72 15.23
CA SER E 67 -25.71 9.49 15.07
C SER E 67 -26.29 9.23 13.71
N TRP E 68 -25.63 8.37 12.94
CA TRP E 68 -26.08 8.02 11.59
C TRP E 68 -26.10 6.52 11.32
N TYR E 69 -27.11 6.08 10.59
CA TYR E 69 -27.19 4.68 10.21
C TYR E 69 -26.16 4.53 9.11
N ARG E 70 -26.30 5.34 8.05
CA ARG E 70 -25.37 5.27 6.93
C ARG E 70 -23.98 5.76 7.32
N ASN E 71 -22.99 5.24 6.61
CA ASN E 71 -21.62 5.64 6.84
C ASN E 71 -21.45 6.87 5.94
N LEU E 72 -21.39 8.04 6.54
CA LEU E 72 -21.22 9.25 5.75
C LEU E 72 -19.82 9.23 5.15
N ARG E 73 -19.72 9.63 3.89
CA ARG E 73 -18.44 9.69 3.22
C ARG E 73 -18.32 11.09 2.66
N ARG E 74 -18.28 12.07 3.56
CA ARG E 74 -18.21 13.48 3.19
C ARG E 74 -17.06 13.79 2.26
N LEU E 75 -15.85 13.40 2.63
CA LEU E 75 -14.69 13.66 1.80
C LEU E 75 -14.82 13.03 0.42
N GLN E 76 -15.10 11.72 0.38
CA GLN E 76 -15.27 11.01 -0.88
C GLN E 76 -16.32 11.66 -1.78
N TRP E 77 -17.42 12.11 -1.19
CA TRP E 77 -18.45 12.74 -2.01
C TRP E 77 -18.04 14.09 -2.52
N VAL E 78 -17.15 14.77 -1.79
CA VAL E 78 -16.69 16.07 -2.23
C VAL E 78 -15.80 15.86 -3.45
N TRP E 79 -14.88 14.90 -3.35
CA TRP E 79 -13.99 14.61 -4.48
C TRP E 79 -14.80 14.17 -5.69
N GLN E 80 -15.95 13.55 -5.46
CA GLN E 80 -16.76 13.12 -6.59
C GLN E 80 -17.54 14.29 -7.18
N GLY E 81 -17.56 15.39 -6.46
CA GLY E 81 -18.25 16.54 -7.01
C GLY E 81 -19.29 17.27 -6.17
N VAL E 82 -19.62 16.78 -4.99
CA VAL E 82 -20.62 17.52 -4.23
C VAL E 82 -20.02 18.72 -3.53
N ASP E 83 -20.74 19.84 -3.55
CA ASP E 83 -20.25 21.02 -2.85
C ASP E 83 -20.34 20.74 -1.37
N PRO E 84 -19.24 20.97 -0.63
CA PRO E 84 -19.26 20.72 0.82
C PRO E 84 -20.26 21.50 1.66
N ILE E 85 -20.59 22.73 1.26
CA ILE E 85 -21.55 23.49 2.04
C ILE E 85 -22.96 22.95 1.74
N GLU E 86 -23.21 22.59 0.47
CA GLU E 86 -24.51 22.04 0.08
C GLU E 86 -24.72 20.71 0.79
N GLN E 87 -23.62 19.97 0.93
CA GLN E 87 -23.64 18.67 1.59
C GLN E 87 -24.07 18.85 3.05
N GLU E 88 -23.43 19.78 3.76
CA GLU E 88 -23.79 20.03 5.16
C GLU E 88 -25.22 20.52 5.30
N GLN E 89 -25.69 21.26 4.30
CA GLN E 89 -27.05 21.79 4.35
C GLN E 89 -28.06 20.65 4.19
N VAL E 90 -27.73 19.67 3.35
CA VAL E 90 -28.60 18.53 3.18
C VAL E 90 -28.66 17.76 4.50
N LEU E 91 -27.49 17.52 5.10
CA LEU E 91 -27.42 16.79 6.38
C LEU E 91 -28.17 17.52 7.51
N ALA E 92 -28.06 18.85 7.53
CA ALA E 92 -28.73 19.62 8.56
C ALA E 92 -30.26 19.50 8.45
N ARG E 93 -30.79 19.48 7.23
CA ARG E 93 -32.24 19.36 7.04
C ARG E 93 -32.72 17.98 7.51
N ILE E 94 -31.90 16.97 7.24
CA ILE E 94 -32.20 15.60 7.64
C ILE E 94 -32.15 15.48 9.16
N ALA E 95 -31.09 16.03 9.74
CA ALA E 95 -30.91 15.95 11.18
C ALA E 95 -31.94 16.69 12.00
N SER E 96 -32.30 17.89 11.57
CA SER E 96 -33.25 18.70 12.31
C SER E 96 -34.71 18.30 12.13
N SER E 97 -34.97 17.41 11.18
CA SER E 97 -36.36 16.99 10.96
C SER E 97 -37.01 16.39 12.19
N LYS E 98 -38.28 16.70 12.39
CA LYS E 98 -39.01 16.16 13.53
C LYS E 98 -39.90 14.99 13.09
N HIS E 99 -39.73 14.51 11.86
CA HIS E 99 -40.54 13.39 11.41
C HIS E 99 -40.12 12.07 12.09
N SER E 100 -41.05 11.14 12.21
CA SER E 100 -40.78 9.86 12.86
C SER E 100 -39.62 9.17 12.18
N ARG E 101 -38.73 8.64 13.00
CA ARG E 101 -37.54 7.94 12.52
C ARG E 101 -37.62 6.44 12.88
N THR E 102 -37.02 5.59 12.06
CA THR E 102 -37.01 4.15 12.37
C THR E 102 -36.29 4.02 13.70
N ASP E 103 -35.20 4.76 13.84
CA ASP E 103 -34.45 4.77 15.09
C ASP E 103 -34.08 6.22 15.36
N GLU E 104 -34.63 6.77 16.44
CA GLU E 104 -34.37 8.16 16.76
C GLU E 104 -32.90 8.45 16.99
N GLN E 105 -32.10 7.43 17.23
CA GLN E 105 -30.69 7.65 17.45
C GLN E 105 -30.00 7.87 16.08
N TRP E 106 -30.60 7.36 15.03
CA TRP E 106 -30.00 7.55 13.72
C TRP E 106 -30.71 8.64 12.91
N LEU E 107 -30.10 9.83 12.90
CA LEU E 107 -30.67 11.00 12.21
C LEU E 107 -31.19 10.73 10.82
N ASP E 108 -30.46 9.90 10.08
CA ASP E 108 -30.86 9.56 8.71
C ASP E 108 -31.95 8.50 8.49
N THR E 109 -32.71 8.12 9.50
CA THR E 109 -33.78 7.13 9.30
C THR E 109 -35.24 7.65 9.28
N VAL E 110 -35.49 8.90 8.89
CA VAL E 110 -36.86 9.40 8.80
C VAL E 110 -37.54 8.49 7.79
N MET E 111 -38.71 8.01 8.18
CA MET E 111 -39.53 7.09 7.39
C MET E 111 -40.54 7.85 6.54
N GLY E 112 -40.64 7.48 5.28
CA GLY E 112 -41.58 8.18 4.42
C GLY E 112 -40.86 9.15 3.51
N TYR E 113 -41.31 9.23 2.26
CA TYR E 113 -40.67 10.13 1.32
C TYR E 113 -41.20 11.55 1.46
N HIS E 114 -40.66 12.27 2.42
CA HIS E 114 -41.04 13.66 2.66
C HIS E 114 -39.87 14.33 3.37
N SER E 115 -40.00 15.57 3.80
CA SER E 115 -38.87 16.24 4.42
C SER E 115 -38.23 15.45 5.57
N GLY E 116 -36.91 15.47 5.62
CA GLY E 116 -36.20 14.75 6.67
C GLY E 116 -35.67 13.41 6.18
N ASN E 117 -36.39 12.77 5.28
CA ASN E 117 -35.96 11.48 4.75
C ASN E 117 -34.69 11.69 3.92
N TRP E 118 -33.76 10.75 4.03
CA TRP E 118 -32.48 10.83 3.32
C TRP E 118 -32.59 10.93 1.81
N ALA E 119 -33.37 10.07 1.18
CA ALA E 119 -33.51 10.11 -0.28
C ALA E 119 -34.22 11.39 -0.68
N TYR E 120 -35.20 11.77 0.13
CA TYR E 120 -35.96 12.97 -0.18
C TYR E 120 -35.09 14.20 -0.22
N GLU E 121 -34.37 14.48 0.86
CA GLU E 121 -33.49 15.65 0.95
C GLU E 121 -32.36 15.64 -0.07
N TRP E 122 -31.69 14.51 -0.27
CA TRP E 122 -30.63 14.49 -1.26
C TRP E 122 -31.20 14.71 -2.66
N THR E 123 -32.44 14.32 -2.86
CA THR E 123 -33.08 14.50 -4.16
C THR E 123 -33.47 15.97 -4.35
N ARG E 124 -33.77 16.69 -3.28
CA ARG E 124 -34.12 18.10 -3.43
C ARG E 124 -32.87 18.78 -3.99
N LEU E 125 -31.70 18.37 -3.51
CA LEU E 125 -30.46 18.99 -3.95
C LEU E 125 -30.25 18.69 -5.41
N GLY E 126 -30.30 17.41 -5.77
CA GLY E 126 -30.12 17.04 -7.16
C GLY E 126 -31.03 17.79 -8.10
N MET E 127 -32.27 17.98 -7.70
CA MET E 127 -33.25 18.68 -8.52
C MET E 127 -32.86 20.15 -8.71
N GLU E 128 -32.27 20.74 -7.68
CA GLU E 128 -31.83 22.12 -7.77
C GLU E 128 -30.76 22.20 -8.86
N HIS E 129 -29.77 21.34 -8.77
CA HIS E 129 -28.71 21.34 -9.78
C HIS E 129 -29.22 21.09 -11.18
N GLN E 130 -30.19 20.20 -11.33
CA GLN E 130 -30.73 19.90 -12.65
C GLN E 130 -31.55 21.06 -13.21
N LYS E 131 -32.21 21.77 -12.32
CA LYS E 131 -33.00 22.92 -12.74
C LYS E 131 -32.01 23.96 -13.20
N ARG E 132 -31.04 24.28 -12.35
CA ARG E 132 -30.01 25.25 -12.69
C ARG E 132 -29.34 24.94 -14.03
N ALA E 133 -29.14 23.66 -14.33
CA ALA E 133 -28.51 23.26 -15.58
C ALA E 133 -29.25 23.85 -16.79
N GLY E 134 -30.56 23.99 -16.65
CA GLY E 134 -31.38 24.52 -17.72
C GLY E 134 -31.19 26.00 -17.97
N GLU E 135 -30.47 26.67 -17.09
CA GLU E 135 -30.19 28.10 -17.22
C GLU E 135 -28.76 28.28 -17.69
N MET E 136 -28.09 27.19 -18.05
CA MET E 136 -26.70 27.31 -18.42
C MET E 136 -26.31 26.91 -19.82
N THR E 137 -25.05 27.22 -20.11
CA THR E 137 -24.44 26.92 -21.38
C THR E 137 -23.97 25.46 -21.28
N ASN E 138 -23.97 24.76 -22.41
CA ASN E 138 -23.61 23.35 -22.48
C ASN E 138 -22.43 22.78 -21.70
N GLU E 139 -21.41 23.59 -21.41
CA GLU E 139 -20.27 23.10 -20.65
C GLU E 139 -20.64 23.04 -19.18
N ALA E 140 -21.22 24.13 -18.70
CA ALA E 140 -21.65 24.26 -17.32
C ALA E 140 -22.87 23.41 -17.06
N ALA E 141 -23.81 23.44 -17.99
CA ALA E 141 -25.05 22.67 -17.87
C ALA E 141 -24.68 21.22 -17.62
N SER E 142 -23.81 20.71 -18.49
CA SER E 142 -23.32 19.34 -18.42
C SER E 142 -22.87 19.04 -17.00
N GLU E 143 -21.94 19.85 -16.51
CA GLU E 143 -21.41 19.71 -15.16
C GLU E 143 -22.47 19.81 -14.06
N ALA E 144 -23.48 20.64 -14.25
CA ALA E 144 -24.52 20.76 -13.24
C ALA E 144 -25.37 19.49 -13.29
N LEU E 145 -25.45 18.87 -14.46
CA LEU E 145 -26.22 17.65 -14.58
C LEU E 145 -25.42 16.50 -13.97
N PHE E 146 -24.10 16.50 -14.13
CA PHE E 146 -23.29 15.43 -13.56
C PHE E 146 -23.33 15.51 -12.04
N SER E 147 -23.48 16.72 -11.51
CA SER E 147 -23.56 16.89 -10.07
C SER E 147 -24.96 16.48 -9.61
N ALA E 148 -25.94 16.69 -10.48
CA ALA E 148 -27.30 16.33 -10.15
C ALA E 148 -27.31 14.80 -10.04
N SER E 149 -26.72 14.17 -11.04
CA SER E 149 -26.63 12.72 -11.12
C SER E 149 -26.07 12.15 -9.81
N LEU E 150 -24.91 12.67 -9.40
CA LEU E 150 -24.26 12.22 -8.19
C LEU E 150 -25.15 12.38 -6.96
N CYS E 151 -25.90 13.47 -6.88
CA CYS E 151 -26.80 13.69 -5.75
C CYS E 151 -27.90 12.63 -5.73
N TYR E 152 -28.41 12.28 -6.91
CA TYR E 152 -29.49 11.30 -6.97
C TYR E 152 -28.94 9.96 -6.55
N SER E 153 -27.67 9.72 -6.85
CA SER E 153 -27.00 8.49 -6.47
C SER E 153 -26.88 8.42 -4.93
N ILE E 154 -26.39 9.50 -4.35
CA ILE E 154 -26.25 9.60 -2.91
C ILE E 154 -27.59 9.39 -2.25
N ALA E 155 -28.66 9.83 -2.90
CA ALA E 155 -29.99 9.66 -2.36
C ALA E 155 -30.27 8.18 -2.20
N GLY E 156 -29.83 7.38 -3.16
CA GLY E 156 -30.07 5.94 -3.08
C GLY E 156 -29.09 5.17 -2.21
N TYR E 157 -27.93 5.73 -1.96
CA TYR E 157 -26.90 5.09 -1.13
C TYR E 157 -27.53 4.55 0.15
N PRO E 158 -27.16 3.32 0.57
CA PRO E 158 -26.19 2.37 -0.01
C PRO E 158 -26.75 1.45 -1.09
N HIS E 159 -27.87 1.83 -1.70
CA HIS E 159 -28.47 1.06 -2.77
C HIS E 159 -28.84 -0.38 -2.40
N LEU E 160 -29.70 -0.53 -1.38
CA LEU E 160 -30.14 -1.86 -1.00
C LEU E 160 -31.18 -2.23 -2.06
N LYS E 161 -31.15 -3.48 -2.52
CA LYS E 161 -32.08 -3.93 -3.58
C LYS E 161 -33.55 -3.58 -3.35
N SER E 162 -34.07 -3.99 -2.20
CA SER E 162 -35.46 -3.79 -1.87
C SER E 162 -35.86 -2.37 -1.46
N ASP E 163 -34.93 -1.43 -1.54
CA ASP E 163 -35.20 -0.04 -1.16
C ASP E 163 -35.90 0.76 -2.28
N ASN E 164 -37.22 0.82 -2.26
CA ASN E 164 -38.01 1.53 -3.27
C ASN E 164 -37.49 2.95 -3.58
N LEU E 165 -37.32 3.77 -2.54
CA LEU E 165 -36.83 5.15 -2.69
C LEU E 165 -35.49 5.18 -3.44
N ALA E 166 -34.57 4.31 -3.03
CA ALA E 166 -33.27 4.22 -3.63
C ALA E 166 -33.38 3.89 -5.12
N ILE E 167 -34.30 2.98 -5.43
CA ILE E 167 -34.55 2.56 -6.80
C ILE E 167 -35.06 3.73 -7.65
N GLN E 168 -36.08 4.45 -7.19
CA GLN E 168 -36.59 5.58 -7.97
C GLN E 168 -35.54 6.66 -8.11
N ALA E 169 -34.73 6.85 -7.06
CA ALA E 169 -33.69 7.86 -7.10
C ALA E 169 -32.68 7.47 -8.18
N GLN E 170 -32.47 6.16 -8.33
CA GLN E 170 -31.53 5.64 -9.33
C GLN E 170 -32.02 5.98 -10.75
N VAL E 171 -33.32 5.96 -10.95
CA VAL E 171 -33.86 6.32 -12.25
C VAL E 171 -33.41 7.74 -12.59
N LEU E 172 -33.51 8.66 -11.63
CA LEU E 172 -33.09 10.06 -11.85
C LEU E 172 -31.57 10.16 -12.03
N ALA E 173 -30.84 9.30 -11.34
CA ALA E 173 -29.39 9.29 -11.43
C ALA E 173 -28.93 8.95 -12.86
N ASN E 174 -29.52 7.91 -13.44
CA ASN E 174 -29.17 7.47 -14.78
C ASN E 174 -29.61 8.55 -15.79
N SER E 175 -30.83 8.99 -15.66
CA SER E 175 -31.36 10.01 -16.53
C SER E 175 -30.48 11.29 -16.52
N ALA E 176 -30.10 11.78 -15.35
CA ALA E 176 -29.28 12.99 -15.32
C ALA E 176 -27.87 12.76 -15.90
N TYR E 177 -27.38 11.54 -15.81
CA TYR E 177 -26.07 11.18 -16.32
C TYR E 177 -26.09 11.19 -17.85
N LEU E 178 -27.08 10.51 -18.44
CA LEU E 178 -27.18 10.45 -19.88
C LEU E 178 -27.36 11.85 -20.48
N GLU E 179 -28.14 12.69 -19.81
CA GLU E 179 -28.40 14.03 -20.30
C GLU E 179 -27.17 14.90 -20.19
N ALA E 180 -26.38 14.68 -19.15
CA ALA E 180 -25.16 15.43 -18.95
C ALA E 180 -24.24 15.03 -20.08
N ALA E 181 -24.34 13.77 -20.48
CA ALA E 181 -23.52 13.23 -21.55
C ALA E 181 -23.81 13.99 -22.85
N LYS E 182 -25.08 14.18 -23.15
CA LYS E 182 -25.47 14.89 -24.39
C LYS E 182 -24.93 16.31 -24.48
N LYS E 183 -24.90 17.02 -23.35
CA LYS E 183 -24.42 18.41 -23.32
C LYS E 183 -22.90 18.51 -23.17
N SER E 184 -22.24 17.36 -23.04
CA SER E 184 -20.79 17.34 -22.84
C SER E 184 -19.98 17.30 -24.10
N LYS E 185 -18.82 17.95 -24.06
CA LYS E 185 -17.92 17.95 -25.21
C LYS E 185 -17.39 16.54 -25.32
N TYR E 186 -17.10 15.93 -24.17
CA TYR E 186 -16.60 14.56 -24.14
C TYR E 186 -17.74 13.68 -24.65
N ILE E 187 -17.41 12.48 -25.09
CA ILE E 187 -18.41 11.55 -25.61
C ILE E 187 -18.67 10.40 -24.64
N ILE E 188 -19.90 10.30 -24.17
CA ILE E 188 -20.28 9.23 -23.25
C ILE E 188 -21.36 8.38 -23.89
N LYS E 189 -21.04 7.10 -24.09
CA LYS E 189 -21.96 6.15 -24.71
C LYS E 189 -22.36 5.06 -23.74
N GLN E 190 -23.65 4.75 -23.69
CA GLN E 190 -24.14 3.69 -22.83
C GLN E 190 -24.23 2.45 -23.71
N LEU E 191 -23.43 1.45 -23.38
CA LEU E 191 -23.38 0.23 -24.13
C LEU E 191 -24.10 -0.90 -23.40
N GLU E 192 -24.57 -1.88 -24.17
CA GLU E 192 -25.26 -3.03 -23.60
C GLU E 192 -24.69 -4.30 -24.21
N ILE E 193 -23.97 -5.07 -23.41
CA ILE E 193 -23.39 -6.33 -23.89
C ILE E 193 -24.21 -7.51 -23.38
N PRO E 194 -24.79 -8.28 -24.32
CA PRO E 194 -25.61 -9.46 -24.01
C PRO E 194 -24.78 -10.51 -23.28
N PHE E 195 -25.34 -11.10 -22.25
CA PHE E 195 -24.61 -12.08 -21.46
C PHE E 195 -25.53 -12.76 -20.47
N GLU E 196 -25.37 -14.07 -20.31
CA GLU E 196 -26.18 -14.84 -19.35
C GLU E 196 -27.66 -14.47 -19.31
N LYS E 197 -28.36 -14.68 -20.43
CA LYS E 197 -29.78 -14.40 -20.52
C LYS E 197 -30.16 -12.90 -20.61
N GLY E 198 -29.49 -12.04 -19.85
CA GLY E 198 -29.79 -10.62 -19.91
C GLY E 198 -28.79 -9.82 -20.74
N LYS E 199 -28.55 -8.58 -20.32
CA LYS E 199 -27.60 -7.70 -20.99
C LYS E 199 -26.82 -6.93 -19.92
N ILE E 200 -25.56 -6.63 -20.21
CA ILE E 200 -24.72 -5.90 -19.28
C ILE E 200 -24.62 -4.44 -19.72
N THR E 201 -25.01 -3.51 -18.86
CA THR E 201 -24.92 -2.11 -19.23
C THR E 201 -23.61 -1.48 -18.77
N ALA E 202 -22.93 -0.79 -19.67
CA ALA E 202 -21.68 -0.12 -19.34
C ALA E 202 -21.70 1.31 -19.90
N HIS E 203 -20.76 2.14 -19.49
CA HIS E 203 -20.68 3.50 -20.01
C HIS E 203 -19.26 3.78 -20.49
N LEU E 204 -19.11 3.96 -21.80
CA LEU E 204 -17.82 4.25 -22.41
C LEU E 204 -17.60 5.75 -22.47
N HIS E 205 -16.50 6.23 -21.89
CA HIS E 205 -16.19 7.65 -21.86
C HIS E 205 -14.98 7.96 -22.76
N LEU E 206 -15.25 8.43 -23.98
CA LEU E 206 -14.20 8.75 -24.94
C LEU E 206 -13.86 10.24 -24.99
N THR E 207 -12.57 10.56 -25.03
CA THR E 207 -12.13 11.96 -25.11
C THR E 207 -12.55 12.54 -26.47
N ASN E 208 -12.48 11.69 -27.49
CA ASN E 208 -12.82 12.05 -28.87
C ASN E 208 -12.77 10.77 -29.70
N THR E 209 -13.36 10.77 -30.90
CA THR E 209 -13.36 9.55 -31.70
C THR E 209 -12.50 9.63 -32.97
N ASP E 210 -11.32 10.24 -32.84
CA ASP E 210 -10.43 10.38 -33.98
C ASP E 210 -9.60 9.11 -34.21
N LYS E 211 -9.32 8.39 -33.12
CA LYS E 211 -8.52 7.16 -33.20
C LYS E 211 -8.89 6.23 -32.06
N PRO E 212 -8.40 4.98 -32.09
CA PRO E 212 -8.74 4.10 -30.97
C PRO E 212 -8.00 4.65 -29.75
N HIS E 213 -8.51 4.41 -28.55
CA HIS E 213 -7.82 4.91 -27.36
C HIS E 213 -7.64 3.77 -26.38
N PRO E 214 -6.55 3.81 -25.61
CA PRO E 214 -6.45 2.68 -24.68
C PRO E 214 -7.64 2.87 -23.74
N VAL E 215 -8.19 1.77 -23.24
CA VAL E 215 -9.33 1.86 -22.36
C VAL E 215 -9.06 1.30 -20.96
N VAL E 216 -9.68 1.91 -19.96
CA VAL E 216 -9.55 1.50 -18.58
C VAL E 216 -10.92 1.05 -18.07
N ILE E 217 -11.07 -0.23 -17.78
CA ILE E 217 -12.35 -0.73 -17.26
C ILE E 217 -12.37 -0.42 -15.76
N VAL E 218 -13.45 0.16 -15.28
CA VAL E 218 -13.55 0.53 -13.87
C VAL E 218 -14.67 -0.22 -13.16
N SER E 219 -14.42 -0.51 -11.90
CA SER E 219 -15.37 -1.20 -11.05
C SER E 219 -15.24 -0.60 -9.67
N ALA E 220 -16.35 -0.16 -9.09
CA ALA E 220 -16.31 0.40 -7.75
C ALA E 220 -16.85 -0.65 -6.78
N GLY E 221 -17.00 -0.27 -5.51
CA GLY E 221 -17.48 -1.20 -4.49
C GLY E 221 -18.96 -1.53 -4.52
N LEU E 222 -19.38 -2.38 -3.58
CA LEU E 222 -20.75 -2.84 -3.49
C LEU E 222 -21.83 -1.81 -3.18
N ASP E 223 -21.45 -0.63 -2.67
CA ASP E 223 -22.45 0.38 -2.37
C ASP E 223 -22.37 1.62 -3.25
N SER E 224 -21.74 1.47 -4.41
CA SER E 224 -21.62 2.56 -5.37
C SER E 224 -22.37 2.22 -6.63
N LEU E 225 -22.49 3.19 -7.53
CA LEU E 225 -23.16 2.99 -8.81
C LEU E 225 -22.06 3.28 -9.81
N GLN E 226 -22.11 2.64 -10.98
CA GLN E 226 -21.07 2.86 -11.99
C GLN E 226 -20.92 4.30 -12.49
N THR E 227 -21.97 5.10 -12.32
CA THR E 227 -21.96 6.50 -12.75
C THR E 227 -21.45 7.45 -11.67
N ASP E 228 -20.82 6.92 -10.63
CA ASP E 228 -20.29 7.75 -9.55
C ASP E 228 -18.87 8.21 -9.80
N MET E 229 -18.28 7.77 -10.91
CA MET E 229 -16.88 8.12 -11.21
C MET E 229 -16.60 9.02 -12.42
N TRP E 230 -17.46 10.00 -12.65
CA TRP E 230 -17.27 10.91 -13.77
C TRP E 230 -15.98 11.69 -13.62
N ARG E 231 -15.63 12.08 -12.41
CA ARG E 231 -14.40 12.84 -12.24
C ARG E 231 -13.10 12.07 -12.41
N LEU E 232 -13.13 10.75 -12.19
CA LEU E 232 -11.94 9.95 -12.37
C LEU E 232 -11.55 10.16 -13.82
N PHE E 233 -12.58 10.25 -14.66
CA PHE E 233 -12.38 10.46 -16.07
C PHE E 233 -12.03 11.91 -16.39
N ARG E 234 -13.00 12.81 -16.21
CA ARG E 234 -12.83 14.23 -16.50
C ARG E 234 -11.54 14.80 -15.95
N ASP E 235 -11.19 14.44 -14.71
CA ASP E 235 -9.98 14.97 -14.10
C ASP E 235 -8.73 14.09 -14.10
N HIS E 236 -8.77 12.92 -14.70
CA HIS E 236 -7.59 12.07 -14.71
C HIS E 236 -7.42 11.29 -16.01
N LEU E 237 -8.19 10.22 -16.17
CA LEU E 237 -8.07 9.40 -17.37
C LEU E 237 -8.13 10.21 -18.67
N ALA E 238 -9.04 11.18 -18.73
CA ALA E 238 -9.20 12.01 -19.92
C ALA E 238 -7.98 12.88 -20.21
N LYS E 239 -7.37 13.40 -19.15
CA LYS E 239 -6.21 14.26 -19.30
C LYS E 239 -5.11 13.56 -20.08
N HIS E 240 -5.23 12.25 -20.18
CA HIS E 240 -4.23 11.43 -20.86
C HIS E 240 -4.82 10.75 -22.09
N ASP E 241 -6.05 11.11 -22.44
CA ASP E 241 -6.75 10.56 -23.60
C ASP E 241 -7.17 9.10 -23.49
N ILE E 242 -7.12 8.57 -22.27
CA ILE E 242 -7.50 7.19 -21.98
C ILE E 242 -9.03 7.08 -21.78
N ALA E 243 -9.66 6.21 -22.55
CA ALA E 243 -11.10 5.98 -22.44
C ALA E 243 -11.42 5.24 -21.14
N MET E 244 -12.57 5.55 -20.56
CA MET E 244 -13.02 4.91 -19.33
C MET E 244 -14.31 4.14 -19.59
N LEU E 245 -14.31 2.89 -19.15
CA LEU E 245 -15.46 2.00 -19.32
C LEU E 245 -15.91 1.52 -17.94
N THR E 246 -17.09 1.97 -17.51
CA THR E 246 -17.61 1.59 -16.21
C THR E 246 -18.65 0.49 -16.33
N VAL E 247 -18.64 -0.39 -15.32
CA VAL E 247 -19.55 -1.52 -15.23
C VAL E 247 -19.90 -1.73 -13.76
N ASP E 248 -21.09 -2.24 -13.47
CA ASP E 248 -21.50 -2.52 -12.09
C ASP E 248 -21.23 -4.00 -11.82
N MET E 249 -20.72 -4.34 -10.64
CA MET E 249 -20.50 -5.76 -10.33
C MET E 249 -21.86 -6.45 -10.22
N PRO E 250 -21.87 -7.79 -10.29
CA PRO E 250 -23.15 -8.49 -10.17
C PRO E 250 -23.88 -8.08 -8.87
N SER E 251 -25.19 -7.88 -8.98
CA SER E 251 -26.08 -7.50 -7.88
C SER E 251 -25.97 -6.02 -7.49
N VAL E 252 -25.30 -5.24 -8.34
CA VAL E 252 -25.12 -3.79 -8.11
C VAL E 252 -25.63 -2.98 -9.30
N GLY E 253 -26.38 -1.92 -9.02
CA GLY E 253 -26.91 -1.05 -10.08
C GLY E 253 -27.54 -1.74 -11.27
N TYR E 254 -27.08 -1.42 -12.47
CA TYR E 254 -27.62 -2.04 -13.69
C TYR E 254 -27.40 -3.56 -13.70
N SER E 255 -26.45 -4.04 -12.92
CA SER E 255 -26.19 -5.47 -12.86
C SER E 255 -26.95 -6.16 -11.73
N SER E 256 -27.93 -5.47 -11.16
CA SER E 256 -28.73 -5.99 -10.06
C SER E 256 -29.40 -7.34 -10.33
N LYS E 257 -29.72 -7.62 -11.59
CA LYS E 257 -30.36 -8.89 -11.90
C LYS E 257 -29.39 -10.08 -11.88
N TYR E 258 -28.12 -9.82 -12.18
CA TYR E 258 -27.09 -10.86 -12.17
C TYR E 258 -26.72 -11.23 -10.75
N PRO E 259 -26.76 -12.52 -10.41
CA PRO E 259 -26.41 -12.98 -9.06
C PRO E 259 -24.91 -12.91 -8.79
N LEU E 260 -24.57 -12.53 -7.58
CA LEU E 260 -23.19 -12.40 -7.15
C LEU E 260 -22.59 -13.76 -6.84
N THR E 261 -22.63 -14.67 -7.82
CA THR E 261 -22.10 -16.02 -7.64
C THR E 261 -20.67 -16.04 -7.14
N GLU E 262 -20.00 -17.19 -7.24
CA GLU E 262 -18.61 -17.28 -6.81
C GLU E 262 -17.75 -16.54 -7.84
N ASP E 263 -18.08 -16.74 -9.10
CA ASP E 263 -17.39 -16.07 -10.19
C ASP E 263 -17.99 -14.68 -10.26
N TYR E 264 -17.69 -13.87 -9.26
CA TYR E 264 -18.26 -12.54 -9.18
C TYR E 264 -17.62 -11.48 -10.08
N SER E 265 -16.61 -11.87 -10.85
CA SER E 265 -15.98 -10.92 -11.75
C SER E 265 -16.34 -11.21 -13.19
N ARG E 266 -17.34 -12.09 -13.41
CA ARG E 266 -17.73 -12.48 -14.75
C ARG E 266 -18.30 -11.40 -15.69
N LEU E 267 -19.02 -10.41 -15.15
CA LEU E 267 -19.57 -9.38 -16.01
C LEU E 267 -18.43 -8.62 -16.66
N HIS E 268 -17.44 -8.28 -15.84
CA HIS E 268 -16.29 -7.54 -16.32
C HIS E 268 -15.48 -8.35 -17.32
N GLN E 269 -15.32 -9.64 -17.07
CA GLN E 269 -14.60 -10.49 -18.00
C GLN E 269 -15.40 -10.47 -19.29
N ALA E 270 -16.70 -10.69 -19.19
CA ALA E 270 -17.58 -10.67 -20.35
C ALA E 270 -17.39 -9.41 -21.17
N VAL E 271 -17.25 -8.27 -20.49
CA VAL E 271 -17.08 -6.99 -21.17
C VAL E 271 -15.72 -6.84 -21.82
N LEU E 272 -14.69 -7.32 -21.11
CA LEU E 272 -13.32 -7.24 -21.59
C LEU E 272 -13.20 -8.01 -22.90
N ASN E 273 -13.88 -9.16 -22.96
CA ASN E 273 -13.84 -9.99 -24.15
C ASN E 273 -14.78 -9.49 -25.24
N GLU E 274 -15.13 -8.21 -25.20
CA GLU E 274 -16.01 -7.61 -26.20
C GLU E 274 -15.40 -6.36 -26.81
N LEU E 275 -14.41 -5.80 -26.13
CA LEU E 275 -13.76 -4.60 -26.60
C LEU E 275 -13.38 -4.65 -28.08
N PHE E 276 -13.06 -5.84 -28.57
CA PHE E 276 -12.69 -6.00 -29.98
C PHE E 276 -13.79 -5.37 -30.85
N SER E 277 -15.05 -5.65 -30.51
CA SER E 277 -16.20 -5.14 -31.24
C SER E 277 -16.63 -3.73 -30.82
N ILE E 278 -15.69 -2.93 -30.31
CA ILE E 278 -15.96 -1.54 -29.92
C ILE E 278 -14.89 -0.71 -30.60
N PRO E 279 -15.14 -0.41 -31.87
CA PRO E 279 -14.24 0.36 -32.72
C PRO E 279 -13.42 1.49 -32.09
N TYR E 280 -13.99 2.19 -31.11
CA TYR E 280 -13.30 3.33 -30.50
C TYR E 280 -12.21 3.03 -29.46
N VAL E 281 -12.00 1.75 -29.11
CA VAL E 281 -10.99 1.41 -28.10
C VAL E 281 -9.93 0.43 -28.57
N ASP E 282 -8.70 0.63 -28.08
CA ASP E 282 -7.56 -0.22 -28.44
C ASP E 282 -7.60 -1.52 -27.62
N HIS E 283 -8.32 -2.53 -28.11
CA HIS E 283 -8.45 -3.80 -27.41
C HIS E 283 -7.11 -4.47 -27.06
N HIS E 284 -6.00 -3.80 -27.32
CA HIS E 284 -4.67 -4.34 -27.02
C HIS E 284 -4.03 -3.60 -25.86
N ARG E 285 -4.71 -2.56 -25.39
CA ARG E 285 -4.21 -1.76 -24.28
C ARG E 285 -5.32 -1.51 -23.29
N VAL E 286 -5.71 -2.57 -22.60
CA VAL E 286 -6.77 -2.48 -21.61
C VAL E 286 -6.19 -2.45 -20.20
N GLY E 287 -6.66 -1.48 -19.40
CA GLY E 287 -6.21 -1.34 -18.03
C GLY E 287 -7.39 -1.61 -17.13
N LEU E 288 -7.15 -1.83 -15.84
CA LEU E 288 -8.24 -2.07 -14.93
C LEU E 288 -8.03 -1.23 -13.69
N ILE E 289 -9.12 -0.72 -13.12
CA ILE E 289 -9.04 0.08 -11.90
C ILE E 289 -10.19 -0.39 -11.02
N GLY E 290 -9.88 -0.80 -9.80
CA GLY E 290 -10.90 -1.27 -8.89
C GLY E 290 -10.81 -0.56 -7.55
N PHE E 291 -11.99 -0.18 -7.03
CA PHE E 291 -12.10 0.51 -5.73
C PHE E 291 -12.81 -0.41 -4.74
N ARG E 292 -12.26 -0.52 -3.54
CA ARG E 292 -12.91 -1.36 -2.54
C ARG E 292 -13.11 -2.77 -3.10
N PHE E 293 -14.24 -3.40 -2.83
CA PHE E 293 -14.48 -4.74 -3.35
C PHE E 293 -14.35 -4.82 -4.86
N GLY E 294 -14.48 -3.68 -5.53
CA GLY E 294 -14.35 -3.68 -6.96
C GLY E 294 -12.92 -4.05 -7.31
N GLY E 295 -12.00 -3.66 -6.44
CA GLY E 295 -10.60 -3.96 -6.64
C GLY E 295 -10.29 -5.43 -6.44
N ASN E 296 -11.00 -6.05 -5.49
CA ASN E 296 -10.84 -7.46 -5.20
C ASN E 296 -11.28 -8.17 -6.49
N ALA E 297 -12.33 -7.65 -7.12
CA ALA E 297 -12.83 -8.23 -8.36
C ALA E 297 -11.84 -8.06 -9.52
N MET E 298 -11.20 -6.90 -9.61
CA MET E 298 -10.26 -6.70 -10.70
C MET E 298 -9.03 -7.61 -10.58
N VAL E 299 -8.60 -7.91 -9.35
CA VAL E 299 -7.46 -8.78 -9.18
C VAL E 299 -7.79 -10.15 -9.74
N ARG E 300 -9.01 -10.63 -9.49
CA ARG E 300 -9.42 -11.94 -10.01
C ARG E 300 -9.29 -11.95 -11.53
N LEU E 301 -9.92 -10.97 -12.15
CA LEU E 301 -9.90 -10.85 -13.60
C LEU E 301 -8.48 -10.77 -14.11
N SER E 302 -7.59 -10.16 -13.33
CA SER E 302 -6.19 -10.03 -13.71
C SER E 302 -5.44 -11.37 -13.69
N PHE E 303 -6.09 -12.39 -13.14
CA PHE E 303 -5.49 -13.73 -13.07
C PHE E 303 -6.13 -14.58 -14.16
N LEU E 304 -7.38 -14.27 -14.48
CA LEU E 304 -8.16 -15.02 -15.47
C LEU E 304 -7.92 -14.64 -16.94
N GLU E 305 -7.60 -13.39 -17.18
CA GLU E 305 -7.36 -12.95 -18.54
C GLU E 305 -6.00 -12.26 -18.55
N GLN E 306 -4.96 -13.04 -18.28
CA GLN E 306 -3.60 -12.48 -18.23
C GLN E 306 -3.05 -11.99 -19.57
N GLU E 307 -3.62 -12.46 -20.67
CA GLU E 307 -3.16 -12.04 -21.98
C GLU E 307 -3.87 -10.80 -22.49
N LYS E 308 -5.04 -10.50 -21.93
CA LYS E 308 -5.84 -9.35 -22.36
C LYS E 308 -5.69 -8.07 -21.53
N ILE E 309 -4.98 -8.13 -20.41
CA ILE E 309 -4.84 -6.96 -19.56
C ILE E 309 -3.40 -6.43 -19.46
N LYS E 310 -3.21 -5.21 -19.93
CA LYS E 310 -1.89 -4.59 -19.88
C LYS E 310 -1.48 -4.30 -18.43
N ALA E 311 -2.41 -3.82 -17.62
CA ALA E 311 -2.10 -3.53 -16.21
C ALA E 311 -3.35 -3.45 -15.33
N CYS E 312 -3.12 -3.25 -14.02
CA CYS E 312 -4.21 -3.17 -13.03
C CYS E 312 -3.85 -2.39 -11.76
N VAL E 313 -4.77 -1.54 -11.32
CA VAL E 313 -4.58 -0.76 -10.11
C VAL E 313 -5.81 -1.00 -9.25
N ILE E 314 -5.61 -1.12 -7.94
CA ILE E 314 -6.71 -1.33 -7.03
C ILE E 314 -6.52 -0.40 -5.83
N LEU E 315 -7.61 0.13 -5.29
CA LEU E 315 -7.50 1.05 -4.17
C LEU E 315 -8.38 0.68 -3.01
N GLY E 316 -7.79 0.67 -1.82
CA GLY E 316 -8.54 0.32 -0.63
C GLY E 316 -9.34 -0.94 -0.83
N ALA E 317 -8.71 -1.95 -1.44
CA ALA E 317 -9.43 -3.19 -1.70
C ALA E 317 -9.27 -4.23 -0.60
N PRO E 318 -10.37 -4.91 -0.23
CA PRO E 318 -10.35 -5.95 0.80
C PRO E 318 -10.03 -7.28 0.11
N ILE E 319 -8.78 -7.71 0.18
CA ILE E 319 -8.38 -8.93 -0.49
C ILE E 319 -8.49 -10.19 0.34
N HIS E 320 -8.16 -10.08 1.61
CA HIS E 320 -8.20 -11.25 2.47
C HIS E 320 -8.40 -11.00 3.95
N ASP E 321 -7.55 -10.18 4.55
CA ASP E 321 -7.63 -9.96 5.97
C ASP E 321 -9.01 -9.88 6.60
N ILE E 322 -9.78 -8.87 6.23
CA ILE E 322 -11.10 -8.70 6.81
C ILE E 322 -11.99 -9.92 6.58
N PHE E 323 -11.87 -10.55 5.43
CA PHE E 323 -12.67 -11.73 5.14
C PHE E 323 -12.27 -12.91 6.02
N ALA E 324 -11.12 -12.78 6.70
CA ALA E 324 -10.63 -13.85 7.56
C ALA E 324 -10.60 -13.39 9.02
N SER E 325 -11.55 -12.52 9.38
CA SER E 325 -11.65 -12.01 10.74
C SER E 325 -13.12 -11.98 11.07
N PRO E 326 -13.73 -13.16 11.23
CA PRO E 326 -15.17 -13.22 11.54
C PRO E 326 -15.56 -12.25 12.65
N GLN E 327 -14.65 -12.05 13.60
CA GLN E 327 -14.87 -11.15 14.74
C GLN E 327 -15.04 -9.72 14.23
N LYS E 328 -14.15 -9.30 13.33
CA LYS E 328 -14.23 -7.97 12.75
C LYS E 328 -15.53 -7.85 11.98
N LEU E 329 -15.78 -8.82 11.10
CA LEU E 329 -17.01 -8.83 10.30
C LEU E 329 -18.28 -8.77 11.16
N GLN E 330 -18.16 -9.19 12.42
CA GLN E 330 -19.28 -9.20 13.35
C GLN E 330 -19.45 -7.89 14.08
N GLN E 331 -18.46 -7.01 13.96
CA GLN E 331 -18.51 -5.73 14.64
C GLN E 331 -18.75 -4.53 13.72
N MET E 332 -19.08 -4.79 12.45
CA MET E 332 -19.33 -3.71 11.51
C MET E 332 -20.64 -3.01 11.83
N PRO E 333 -20.88 -1.84 11.22
CA PRO E 333 -22.11 -1.09 11.45
C PRO E 333 -23.21 -1.82 10.71
N LYS E 334 -24.44 -1.73 11.19
CA LYS E 334 -25.53 -2.40 10.51
C LYS E 334 -25.60 -2.08 9.01
N MET E 335 -25.13 -0.90 8.59
CA MET E 335 -25.22 -0.57 7.16
C MET E 335 -24.39 -1.47 6.28
N TYR E 336 -23.19 -1.83 6.72
CA TYR E 336 -22.33 -2.71 5.94
C TYR E 336 -22.91 -4.13 5.92
N LEU E 337 -23.48 -4.56 7.04
CA LEU E 337 -24.09 -5.88 7.12
C LEU E 337 -25.31 -5.93 6.24
N ASP E 338 -26.06 -4.82 6.18
CA ASP E 338 -27.24 -4.76 5.34
C ASP E 338 -26.85 -4.90 3.87
N VAL E 339 -25.77 -4.22 3.49
CA VAL E 339 -25.31 -4.26 2.12
C VAL E 339 -24.98 -5.69 1.74
N LEU E 340 -24.14 -6.33 2.54
CA LEU E 340 -23.78 -7.72 2.32
C LEU E 340 -25.04 -8.55 2.11
N ALA E 341 -25.96 -8.46 3.06
CA ALA E 341 -27.24 -9.17 3.00
C ALA E 341 -28.04 -8.83 1.75
N SER E 342 -27.91 -7.60 1.27
CA SER E 342 -28.63 -7.21 0.06
C SER E 342 -28.03 -7.87 -1.21
N ARG E 343 -26.72 -7.79 -1.40
CA ARG E 343 -26.08 -8.37 -2.59
C ARG E 343 -26.17 -9.90 -2.60
N LEU E 344 -26.09 -10.49 -1.40
CA LEU E 344 -26.14 -11.93 -1.28
C LEU E 344 -27.56 -12.47 -1.40
N GLY E 345 -28.55 -11.61 -1.15
CA GLY E 345 -29.94 -12.05 -1.26
C GLY E 345 -30.49 -12.69 -0.01
N LYS E 346 -29.70 -12.72 1.06
CA LYS E 346 -30.13 -13.30 2.32
C LYS E 346 -31.30 -12.54 2.92
N SER E 347 -32.37 -13.27 3.26
CA SER E 347 -33.56 -12.67 3.84
C SER E 347 -33.32 -12.21 5.27
N VAL E 348 -33.39 -13.15 6.21
CA VAL E 348 -33.15 -12.83 7.61
C VAL E 348 -31.65 -13.01 7.77
N VAL E 349 -31.05 -12.30 8.70
CA VAL E 349 -29.62 -12.40 8.84
C VAL E 349 -29.07 -12.87 10.17
N ASP E 350 -28.08 -13.75 10.07
CA ASP E 350 -27.39 -14.27 11.23
C ASP E 350 -25.97 -13.76 11.02
N ILE E 351 -25.62 -12.71 11.75
CA ILE E 351 -24.30 -12.12 11.61
C ILE E 351 -23.22 -13.17 11.84
N TYR E 352 -23.45 -14.05 12.81
CA TYR E 352 -22.49 -15.10 13.13
C TYR E 352 -22.31 -16.00 11.93
N SER E 353 -23.42 -16.53 11.44
CA SER E 353 -23.40 -17.39 10.27
C SER E 353 -22.66 -16.69 9.12
N LEU E 354 -23.25 -15.60 8.62
CA LEU E 354 -22.68 -14.83 7.51
C LEU E 354 -21.23 -14.41 7.73
N SER E 355 -20.84 -14.17 8.98
CA SER E 355 -19.48 -13.76 9.28
C SER E 355 -18.52 -14.88 8.96
N GLY E 356 -19.07 -16.08 8.75
CA GLY E 356 -18.22 -17.22 8.43
C GLY E 356 -18.16 -17.47 6.94
N GLN E 357 -19.32 -17.42 6.30
CA GLN E 357 -19.42 -17.64 4.87
C GLN E 357 -18.67 -16.55 4.08
N MET E 358 -18.21 -15.54 4.80
CA MET E 358 -17.51 -14.42 4.18
C MET E 358 -16.06 -14.68 3.86
N ALA E 359 -15.53 -15.78 4.39
CA ALA E 359 -14.14 -16.13 4.14
C ALA E 359 -13.98 -16.50 2.67
N ALA E 360 -15.06 -17.01 2.10
CA ALA E 360 -15.07 -17.41 0.71
C ALA E 360 -14.76 -16.27 -0.27
N TRP E 361 -14.72 -15.03 0.22
CA TRP E 361 -14.41 -13.88 -0.65
C TRP E 361 -12.92 -13.57 -0.63
N SER E 362 -12.20 -14.18 0.31
CA SER E 362 -10.76 -14.02 0.40
C SER E 362 -10.14 -14.57 -0.88
N LEU E 363 -9.27 -13.79 -1.52
CA LEU E 363 -8.64 -14.25 -2.75
C LEU E 363 -7.58 -15.32 -2.47
N LYS E 364 -7.01 -15.25 -1.28
CA LYS E 364 -6.01 -16.21 -0.87
C LYS E 364 -6.72 -17.55 -0.77
N VAL E 365 -7.87 -17.50 -0.11
CA VAL E 365 -8.72 -18.67 0.09
C VAL E 365 -9.27 -19.27 -1.19
N GLN E 366 -9.47 -18.47 -2.23
CA GLN E 366 -10.03 -18.99 -3.47
C GLN E 366 -8.97 -19.68 -4.32
N GLY E 367 -7.71 -19.54 -3.91
CA GLY E 367 -6.61 -20.15 -4.64
C GLY E 367 -5.86 -19.21 -5.56
N PHE E 368 -6.32 -17.98 -5.68
CA PHE E 368 -5.70 -17.01 -6.56
C PHE E 368 -4.37 -16.44 -6.08
N LEU E 369 -4.17 -16.46 -4.77
CA LEU E 369 -2.94 -15.92 -4.22
C LEU E 369 -2.19 -16.93 -3.39
N SER E 370 -2.07 -18.14 -3.92
CA SER E 370 -1.37 -19.21 -3.23
C SER E 370 -0.12 -19.66 -4.00
N SER E 371 -0.23 -19.80 -5.31
CA SER E 371 0.92 -20.25 -6.05
C SER E 371 1.48 -19.34 -7.14
N ARG E 372 1.17 -19.65 -8.39
CA ARG E 372 1.70 -18.87 -9.50
C ARG E 372 1.30 -17.40 -9.58
N LYS E 373 2.27 -16.56 -9.91
CA LYS E 373 2.04 -15.12 -10.06
C LYS E 373 1.30 -14.83 -11.36
N THR E 374 0.79 -13.61 -11.49
CA THR E 374 0.09 -13.21 -12.71
C THR E 374 1.06 -12.34 -13.48
N LYS E 375 1.05 -12.49 -14.81
CA LYS E 375 1.91 -11.73 -15.69
C LYS E 375 1.45 -10.27 -15.65
N VAL E 376 0.23 -10.04 -15.18
CA VAL E 376 -0.33 -8.71 -15.11
C VAL E 376 0.25 -7.93 -13.92
N PRO E 377 0.85 -6.76 -14.20
CA PRO E 377 1.41 -5.95 -13.12
C PRO E 377 0.27 -5.24 -12.39
N ILE E 378 0.28 -5.34 -11.06
CA ILE E 378 -0.77 -4.76 -10.24
C ILE E 378 -0.24 -3.84 -9.17
N LEU E 379 -0.75 -2.61 -9.14
CA LEU E 379 -0.36 -1.61 -8.12
C LEU E 379 -1.51 -1.58 -7.13
N ALA E 380 -1.26 -2.12 -5.93
CA ALA E 380 -2.30 -2.19 -4.90
C ALA E 380 -2.05 -1.18 -3.80
N MET E 381 -3.06 -0.36 -3.53
CA MET E 381 -2.93 0.68 -2.50
C MET E 381 -4.14 0.84 -1.60
N SER E 382 -3.92 1.58 -0.52
CA SER E 382 -4.96 1.89 0.46
C SER E 382 -4.35 2.95 1.36
N LEU E 383 -5.19 3.64 2.13
CA LEU E 383 -4.67 4.66 3.03
C LEU E 383 -4.27 4.10 4.38
N GLU E 384 -3.22 4.68 4.94
CA GLU E 384 -2.72 4.29 6.24
C GLU E 384 -3.88 4.14 7.24
N GLY E 385 -4.03 2.95 7.79
CA GLY E 385 -5.09 2.72 8.75
C GLY E 385 -6.43 2.33 8.16
N ASP E 386 -6.42 1.91 6.90
CA ASP E 386 -7.65 1.50 6.23
C ASP E 386 -8.11 0.19 6.89
N PRO E 387 -9.26 0.23 7.59
CA PRO E 387 -9.83 -0.94 8.28
C PRO E 387 -10.15 -2.16 7.44
N VAL E 388 -10.48 -1.97 6.16
CA VAL E 388 -10.83 -3.10 5.31
C VAL E 388 -9.78 -3.47 4.28
N SER E 389 -8.73 -2.67 4.19
CA SER E 389 -7.68 -2.92 3.23
C SER E 389 -6.32 -2.68 3.85
N PRO E 390 -5.86 -3.63 4.69
CA PRO E 390 -4.55 -3.53 5.36
C PRO E 390 -3.43 -3.63 4.36
N TYR E 391 -2.33 -2.94 4.61
CA TYR E 391 -1.20 -3.00 3.70
C TYR E 391 -0.84 -4.46 3.37
N SER E 392 -0.90 -5.33 4.38
CA SER E 392 -0.57 -6.74 4.21
C SER E 392 -1.43 -7.35 3.08
N ASP E 393 -2.68 -6.91 2.99
CA ASP E 393 -3.57 -7.38 1.95
C ASP E 393 -3.03 -6.96 0.56
N ASN E 394 -2.54 -5.73 0.46
CA ASN E 394 -2.03 -5.23 -0.80
C ASN E 394 -0.69 -5.85 -1.13
N GLN E 395 0.14 -5.90 -0.10
CA GLN E 395 1.46 -6.49 -0.16
C GLN E 395 1.31 -7.91 -0.71
N MET E 396 0.26 -8.60 -0.26
CA MET E 396 0.00 -9.94 -0.71
C MET E 396 -0.29 -9.97 -2.19
N VAL E 397 -1.07 -9.00 -2.66
CA VAL E 397 -1.42 -8.92 -4.08
C VAL E 397 -0.16 -8.57 -4.88
N ALA E 398 0.63 -7.65 -4.35
CA ALA E 398 1.85 -7.22 -5.01
C ALA E 398 2.79 -8.42 -5.22
N PHE E 399 2.79 -9.32 -4.26
CA PHE E 399 3.66 -10.49 -4.33
C PHE E 399 3.25 -11.51 -5.40
N PHE E 400 1.95 -11.74 -5.56
CA PHE E 400 1.50 -12.70 -6.54
C PHE E 400 1.31 -12.14 -7.92
N SER E 401 2.02 -11.04 -8.17
CA SER E 401 2.02 -10.36 -9.46
C SER E 401 3.47 -10.09 -9.87
N THR E 402 3.86 -10.59 -11.05
CA THR E 402 5.20 -10.32 -11.51
C THR E 402 5.17 -8.80 -11.74
N TYR E 403 6.19 -8.08 -11.28
CA TYR E 403 6.21 -6.62 -11.44
C TYR E 403 5.14 -5.97 -10.57
N GLY E 404 4.59 -6.69 -9.61
CA GLY E 404 3.58 -6.12 -8.75
C GLY E 404 4.15 -5.10 -7.79
N LYS E 405 3.29 -4.23 -7.27
CA LYS E 405 3.73 -3.22 -6.31
C LYS E 405 2.63 -2.88 -5.30
N ALA E 406 3.01 -2.82 -4.03
CA ALA E 406 2.09 -2.49 -2.94
C ALA E 406 2.53 -1.19 -2.28
N LYS E 407 1.59 -0.28 -2.02
CA LYS E 407 1.92 0.99 -1.40
C LYS E 407 0.90 1.36 -0.31
N LYS E 408 1.41 1.87 0.81
CA LYS E 408 0.58 2.30 1.94
C LYS E 408 0.60 3.82 1.90
N ILE E 409 -0.40 4.44 1.27
CA ILE E 409 -0.41 5.89 1.18
C ILE E 409 -0.68 6.57 2.51
N SER E 410 0.30 7.34 2.96
CA SER E 410 0.20 8.09 4.21
C SER E 410 0.71 9.51 3.93
N SER E 411 -0.10 10.50 4.24
CA SER E 411 0.26 11.89 3.99
C SER E 411 -0.18 12.79 5.13
N LYS E 412 0.43 13.96 5.23
CA LYS E 412 0.09 14.90 6.28
C LYS E 412 -1.41 15.18 6.20
N THR E 413 -1.91 15.40 4.99
CA THR E 413 -3.34 15.66 4.76
C THR E 413 -3.95 14.59 3.87
N ILE E 414 -5.18 14.20 4.17
CA ILE E 414 -5.86 13.17 3.39
C ILE E 414 -5.98 13.62 1.93
N THR E 415 -6.45 14.84 1.74
CA THR E 415 -6.62 15.41 0.42
C THR E 415 -5.29 15.39 -0.36
N GLN E 416 -4.18 15.36 0.36
CA GLN E 416 -2.86 15.32 -0.27
C GLN E 416 -2.53 13.87 -0.60
N GLY E 417 -2.92 12.96 0.29
CA GLY E 417 -2.68 11.55 0.08
C GLY E 417 -3.50 11.01 -1.08
N TYR E 418 -4.81 11.22 -1.02
CA TYR E 418 -5.69 10.74 -2.07
C TYR E 418 -5.27 11.27 -3.44
N GLU E 419 -4.89 12.53 -3.50
CA GLU E 419 -4.48 13.12 -4.77
C GLU E 419 -3.19 12.51 -5.27
N GLN E 420 -2.28 12.26 -4.33
CA GLN E 420 -1.00 11.67 -4.66
C GLN E 420 -1.24 10.37 -5.41
N SER E 421 -1.46 9.32 -4.64
CA SER E 421 -1.69 8.00 -5.19
C SER E 421 -2.51 8.00 -6.48
N LEU E 422 -3.56 8.81 -6.54
CA LEU E 422 -4.37 8.80 -7.75
C LEU E 422 -3.51 9.19 -8.95
N ASP E 423 -2.73 10.25 -8.82
CA ASP E 423 -1.86 10.68 -9.92
C ASP E 423 -0.95 9.51 -10.23
N LEU E 424 -0.51 8.83 -9.17
CA LEU E 424 0.37 7.68 -9.27
C LEU E 424 -0.28 6.51 -10.00
N ALA E 425 -1.48 6.12 -9.56
CA ALA E 425 -2.21 5.02 -10.19
C ALA E 425 -2.39 5.28 -11.69
N ILE E 426 -2.55 6.54 -12.06
CA ILE E 426 -2.74 6.92 -13.44
C ILE E 426 -1.43 6.80 -14.21
N LYS E 427 -0.38 7.42 -13.68
CA LYS E 427 0.93 7.36 -14.31
C LYS E 427 1.27 5.91 -14.58
N TRP E 428 1.24 5.10 -13.52
CA TRP E 428 1.54 3.69 -13.62
C TRP E 428 0.71 3.05 -14.74
N LEU E 429 -0.60 3.29 -14.72
CA LEU E 429 -1.47 2.75 -15.74
C LEU E 429 -0.99 3.16 -17.14
N GLU E 430 -0.56 4.41 -17.28
CA GLU E 430 -0.08 4.89 -18.57
C GLU E 430 1.15 4.13 -19.07
N ASP E 431 2.23 4.15 -18.28
CA ASP E 431 3.46 3.50 -18.67
C ASP E 431 3.21 2.10 -19.24
N GLU E 432 2.10 1.49 -18.85
CA GLU E 432 1.74 0.15 -19.34
C GLU E 432 0.79 0.29 -20.53
N LEU E 433 0.05 1.38 -20.56
CA LEU E 433 -0.91 1.67 -21.62
C LEU E 433 -0.38 2.64 -22.66
N LEU E 434 -0.66 3.93 -22.46
CA LEU E 434 -0.24 5.01 -23.37
C LEU E 434 1.13 4.79 -24.01
N ALA F 34 -9.83 46.36 0.19
CA ALA F 34 -9.20 45.97 1.50
C ALA F 34 -10.29 45.92 2.55
N ILE F 35 -11.01 44.80 2.62
CA ILE F 35 -12.12 44.64 3.55
C ILE F 35 -11.77 43.96 4.87
N GLU F 36 -12.33 44.48 5.96
CA GLU F 36 -12.09 43.89 7.27
C GLU F 36 -13.18 42.88 7.59
N ILE F 37 -12.78 41.65 7.92
CA ILE F 37 -13.76 40.66 8.30
C ILE F 37 -13.79 40.78 9.82
N ILE F 38 -14.97 41.03 10.39
CA ILE F 38 -15.13 41.19 11.84
C ILE F 38 -15.50 39.87 12.54
N ALA F 39 -14.96 39.67 13.74
CA ALA F 39 -15.23 38.43 14.48
C ALA F 39 -16.72 38.09 14.61
N PRO F 40 -17.11 36.92 14.08
CA PRO F 40 -18.54 36.56 14.19
C PRO F 40 -18.92 36.13 15.61
N LEU F 41 -17.94 35.76 16.42
CA LEU F 41 -18.18 35.41 17.84
C LEU F 41 -16.92 35.63 18.64
N SER F 42 -17.07 35.89 19.93
CA SER F 42 -15.95 36.14 20.83
C SER F 42 -15.14 34.88 21.13
N GLY F 43 -13.84 35.03 21.34
CA GLY F 43 -13.01 33.88 21.64
C GLY F 43 -11.56 34.10 21.28
N GLU F 44 -10.84 33.02 21.02
CA GLU F 44 -9.43 33.11 20.67
C GLU F 44 -9.25 32.59 19.26
N ILE F 45 -8.51 33.32 18.44
CA ILE F 45 -8.27 32.91 17.05
C ILE F 45 -7.39 31.68 16.96
N VAL F 46 -7.81 30.71 16.17
CA VAL F 46 -7.02 29.48 15.99
C VAL F 46 -6.73 29.31 14.51
N ASN F 47 -5.58 28.73 14.19
CA ASN F 47 -5.25 28.48 12.79
C ASN F 47 -6.33 27.56 12.25
N ILE F 48 -6.70 27.77 11.00
CA ILE F 48 -7.74 26.96 10.40
C ILE F 48 -7.20 25.54 10.17
N GLU F 49 -5.91 25.42 9.84
CA GLU F 49 -5.33 24.08 9.64
C GLU F 49 -5.28 23.24 10.94
N ASP F 50 -5.62 23.86 12.07
CA ASP F 50 -5.61 23.17 13.35
C ASP F 50 -7.01 22.70 13.78
N VAL F 51 -7.98 22.87 12.91
CA VAL F 51 -9.35 22.44 13.21
C VAL F 51 -9.43 20.91 12.97
N PRO F 52 -9.92 20.17 13.97
CA PRO F 52 -10.07 18.70 13.95
C PRO F 52 -11.15 18.19 12.98
N ASP F 53 -11.02 18.56 11.72
CA ASP F 53 -11.98 18.19 10.69
C ASP F 53 -11.36 18.51 9.34
N VAL F 54 -10.90 17.47 8.65
CA VAL F 54 -10.24 17.64 7.34
C VAL F 54 -10.84 18.62 6.35
N VAL F 55 -12.14 18.53 6.08
CA VAL F 55 -12.73 19.44 5.10
C VAL F 55 -12.37 20.91 5.41
N PHE F 56 -12.40 21.30 6.68
CA PHE F 56 -12.03 22.66 7.05
C PHE F 56 -10.52 22.88 7.08
N ALA F 57 -9.81 22.01 7.80
CA ALA F 57 -8.36 22.11 7.94
C ALA F 57 -7.58 22.02 6.64
N GLU F 58 -8.15 21.36 5.65
CA GLU F 58 -7.48 21.27 4.37
C GLU F 58 -7.95 22.35 3.38
N LYS F 59 -8.73 23.30 3.91
CA LYS F 59 -9.22 24.43 3.14
C LYS F 59 -10.07 24.07 1.95
N ILE F 60 -10.75 22.94 2.04
CA ILE F 60 -11.59 22.49 0.95
C ILE F 60 -12.78 23.41 0.81
N VAL F 61 -13.39 23.73 1.95
CA VAL F 61 -14.55 24.60 1.97
C VAL F 61 -14.13 26.04 1.73
N GLY F 62 -12.85 26.35 2.03
CA GLY F 62 -12.33 27.68 1.87
C GLY F 62 -11.26 28.02 2.90
N ASP F 63 -10.69 29.22 2.82
CA ASP F 63 -9.64 29.62 3.75
C ASP F 63 -10.08 30.67 4.78
N GLY F 64 -9.39 30.71 5.91
CA GLY F 64 -9.71 31.65 6.96
C GLY F 64 -9.13 31.20 8.28
N ILE F 65 -9.84 31.47 9.36
CA ILE F 65 -9.37 31.05 10.66
C ILE F 65 -10.52 30.44 11.41
N ALA F 66 -10.29 30.07 12.66
CA ALA F 66 -11.34 29.50 13.48
C ALA F 66 -11.24 30.21 14.82
N ILE F 67 -12.33 30.19 15.58
CA ILE F 67 -12.35 30.85 16.88
C ILE F 67 -12.80 29.87 17.96
N LYS F 68 -12.16 29.93 19.12
CA LYS F 68 -12.50 29.07 20.25
C LYS F 68 -13.41 30.00 21.03
N PRO F 69 -14.72 29.74 21.00
CA PRO F 69 -15.76 30.55 21.65
C PRO F 69 -15.73 30.74 23.15
N THR F 70 -16.09 31.96 23.58
CA THR F 70 -16.18 32.29 24.98
C THR F 70 -17.51 32.99 25.23
N GLY F 71 -18.12 33.51 24.16
CA GLY F 71 -19.37 34.24 24.30
C GLY F 71 -20.67 33.48 24.21
N ASN F 72 -21.73 34.15 23.74
CA ASN F 72 -23.05 33.52 23.61
C ASN F 72 -23.79 33.76 22.29
N LYS F 73 -23.11 34.22 21.26
CA LYS F 73 -23.83 34.45 20.04
C LYS F 73 -22.92 34.58 18.86
N MET F 74 -23.47 34.32 17.69
CA MET F 74 -22.75 34.44 16.44
C MET F 74 -23.35 35.68 15.79
N VAL F 75 -22.52 36.44 15.11
CA VAL F 75 -22.89 37.71 14.52
C VAL F 75 -22.42 37.81 13.07
N ALA F 76 -23.05 38.67 12.27
CA ALA F 76 -22.62 38.82 10.88
C ALA F 76 -21.21 39.37 10.96
N PRO F 77 -20.27 38.80 10.19
CA PRO F 77 -18.88 39.28 10.22
C PRO F 77 -18.59 40.40 9.21
N VAL F 78 -19.60 40.75 8.42
CA VAL F 78 -19.48 41.82 7.42
C VAL F 78 -20.85 42.43 7.18
N ASN F 79 -20.89 43.53 6.41
CA ASN F 79 -22.16 44.16 6.07
C ASN F 79 -22.58 43.47 4.79
N GLY F 80 -23.87 43.22 4.65
CA GLY F 80 -24.33 42.57 3.45
C GLY F 80 -25.62 41.82 3.68
N THR F 81 -25.73 40.64 3.08
CA THR F 81 -26.93 39.84 3.21
C THR F 81 -26.66 38.39 3.60
N ILE F 82 -27.47 37.87 4.53
CA ILE F 82 -27.34 36.50 4.99
C ILE F 82 -27.73 35.59 3.84
N GLY F 83 -26.94 34.55 3.59
CA GLY F 83 -27.28 33.62 2.53
C GLY F 83 -28.12 32.47 3.08
N LYS F 84 -27.46 31.46 3.64
CA LYS F 84 -28.15 30.32 4.21
C LYS F 84 -27.97 30.25 5.72
N ILE F 85 -28.90 29.58 6.37
CA ILE F 85 -28.83 29.33 7.80
C ILE F 85 -29.29 27.87 7.86
N PHE F 86 -28.38 26.96 8.20
CA PHE F 86 -28.72 25.54 8.28
C PHE F 86 -29.85 25.37 9.26
N GLU F 87 -30.69 24.38 9.00
CA GLU F 87 -31.86 24.14 9.85
C GLU F 87 -31.52 23.81 11.29
N THR F 88 -30.29 23.39 11.52
CA THR F 88 -29.86 23.06 12.86
C THR F 88 -29.33 24.31 13.52
N ASN F 89 -29.40 25.42 12.79
CA ASN F 89 -28.99 26.73 13.31
C ASN F 89 -27.59 26.82 13.89
N HIS F 90 -26.69 25.96 13.44
CA HIS F 90 -25.34 26.02 13.96
C HIS F 90 -24.37 26.67 12.96
N ALA F 91 -24.82 26.93 11.74
CA ALA F 91 -23.95 27.55 10.74
C ALA F 91 -24.76 28.39 9.79
N PHE F 92 -24.10 29.33 9.12
CA PHE F 92 -24.79 30.19 8.17
C PHE F 92 -23.80 30.75 7.17
N SER F 93 -24.35 31.24 6.07
CA SER F 93 -23.58 31.82 4.98
C SER F 93 -23.94 33.31 4.86
N ILE F 94 -23.02 34.10 4.33
CA ILE F 94 -23.29 35.53 4.15
C ILE F 94 -22.48 36.11 2.98
N GLU F 95 -23.05 37.06 2.24
CA GLU F 95 -22.32 37.72 1.16
C GLU F 95 -22.14 39.21 1.48
N SER F 96 -20.89 39.66 1.52
CA SER F 96 -20.62 41.07 1.85
C SER F 96 -21.11 41.99 0.75
N ASP F 97 -21.20 43.29 1.06
CA ASP F 97 -21.63 44.26 0.07
C ASP F 97 -20.67 44.19 -1.11
N ASP F 98 -19.42 43.91 -0.81
CA ASP F 98 -18.37 43.80 -1.82
C ASP F 98 -18.30 42.49 -2.60
N GLY F 99 -19.18 41.53 -2.30
CA GLY F 99 -19.14 40.28 -3.01
C GLY F 99 -18.24 39.20 -2.42
N VAL F 100 -17.87 39.34 -1.14
CA VAL F 100 -17.06 38.32 -0.48
C VAL F 100 -18.04 37.37 0.20
N GLU F 101 -17.95 36.08 -0.14
CA GLU F 101 -18.86 35.07 0.45
C GLU F 101 -18.16 34.36 1.63
N LEU F 102 -18.81 34.41 2.80
CA LEU F 102 -18.26 33.80 4.02
C LEU F 102 -19.16 32.70 4.61
N PHE F 103 -18.54 31.74 5.28
CA PHE F 103 -19.25 30.63 5.92
C PHE F 103 -18.77 30.55 7.36
N VAL F 104 -19.70 30.59 8.31
CA VAL F 104 -19.38 30.53 9.75
C VAL F 104 -20.06 29.28 10.28
N HIS F 105 -19.27 28.38 10.86
CA HIS F 105 -19.76 27.08 11.32
C HIS F 105 -19.42 26.81 12.77
N PHE F 106 -20.41 26.87 13.66
CA PHE F 106 -20.09 26.65 15.06
C PHE F 106 -19.74 25.20 15.38
N GLY F 107 -18.56 24.99 15.96
CA GLY F 107 -18.17 23.65 16.36
C GLY F 107 -17.94 22.62 15.27
N ILE F 108 -17.64 21.39 15.68
CA ILE F 108 -17.38 20.30 14.73
C ILE F 108 -18.40 19.18 14.94
N ASP F 109 -18.99 18.73 13.83
CA ASP F 109 -19.99 17.67 13.86
C ASP F 109 -21.22 18.10 14.63
N THR F 110 -21.35 19.41 14.79
CA THR F 110 -22.46 20.00 15.50
C THR F 110 -23.82 19.74 14.86
N VAL F 111 -23.84 19.26 13.61
CA VAL F 111 -25.12 18.93 12.95
C VAL F 111 -25.85 17.91 13.82
N GLU F 112 -25.10 17.01 14.43
CA GLU F 112 -25.64 15.93 15.26
C GLU F 112 -26.35 16.40 16.54
N LEU F 113 -26.26 17.69 16.84
CA LEU F 113 -26.95 18.21 18.01
C LEU F 113 -28.38 18.54 17.59
N LYS F 114 -28.64 18.37 16.30
CA LYS F 114 -29.93 18.68 15.71
C LYS F 114 -30.54 19.96 16.25
N GLY F 115 -29.72 21.01 16.23
CA GLY F 115 -30.16 22.32 16.66
C GLY F 115 -30.21 22.66 18.13
N GLU F 116 -29.97 21.69 19.02
CA GLU F 116 -30.00 21.97 20.46
C GLU F 116 -28.86 22.88 20.93
N GLY F 117 -29.20 23.93 21.68
CA GLY F 117 -28.19 24.84 22.14
C GLY F 117 -28.09 26.06 21.24
N PHE F 118 -28.87 26.07 20.15
CA PHE F 118 -28.89 27.19 19.21
C PHE F 118 -30.29 27.75 19.09
N THR F 119 -30.36 29.04 18.75
CA THR F 119 -31.63 29.75 18.59
C THR F 119 -31.43 30.72 17.43
N ARG F 120 -32.23 30.59 16.39
CA ARG F 120 -32.08 31.46 15.23
C ARG F 120 -32.72 32.83 15.48
N ILE F 121 -32.01 33.88 15.09
CA ILE F 121 -32.55 35.23 15.26
C ILE F 121 -32.74 35.86 13.88
N ALA F 122 -31.69 35.90 13.08
CA ALA F 122 -31.80 36.48 11.75
C ALA F 122 -32.53 35.49 10.85
N GLU F 123 -32.65 35.85 9.58
CA GLU F 123 -33.32 35.01 8.60
C GLU F 123 -32.55 35.08 7.29
N GLU F 124 -32.69 34.04 6.50
CA GLU F 124 -32.01 33.93 5.24
C GLU F 124 -31.90 35.16 4.32
N GLY F 125 -32.97 35.82 3.95
CA GLY F 125 -32.71 36.96 3.08
C GLY F 125 -32.29 38.27 3.76
N GLN F 126 -32.07 38.22 5.08
CA GLN F 126 -31.76 39.41 5.87
C GLN F 126 -30.57 40.28 5.58
N THR F 127 -30.82 41.59 5.52
CA THR F 127 -29.77 42.58 5.29
C THR F 127 -29.18 42.84 6.66
N VAL F 128 -27.86 42.73 6.75
CA VAL F 128 -27.19 42.93 8.01
C VAL F 128 -25.98 43.82 7.95
N LYS F 129 -25.69 44.39 9.11
CA LYS F 129 -24.53 45.24 9.31
C LYS F 129 -23.58 44.35 10.15
N ALA F 130 -22.29 44.36 9.85
CA ALA F 130 -21.37 43.55 10.63
C ALA F 130 -21.72 43.81 12.11
N GLY F 131 -21.90 42.75 12.91
CA GLY F 131 -22.24 42.93 14.31
C GLY F 131 -23.65 42.49 14.63
N ASP F 132 -24.53 42.50 13.62
CA ASP F 132 -25.92 42.07 13.84
C ASP F 132 -26.03 40.59 14.28
N THR F 133 -26.85 40.33 15.28
CA THR F 133 -27.02 38.98 15.80
C THR F 133 -27.66 38.00 14.80
N VAL F 134 -27.00 36.88 14.55
CA VAL F 134 -27.55 35.91 13.62
C VAL F 134 -28.11 34.70 14.35
N ILE F 135 -27.34 34.20 15.30
CA ILE F 135 -27.70 33.04 16.10
C ILE F 135 -27.16 33.21 17.52
N GLU F 136 -27.97 32.81 18.49
CA GLU F 136 -27.58 32.88 19.89
C GLU F 136 -27.41 31.43 20.30
N PHE F 137 -26.38 31.14 21.10
CA PHE F 137 -26.14 29.78 21.53
C PHE F 137 -25.82 29.66 23.00
N ASP F 138 -26.04 28.46 23.52
CA ASP F 138 -25.79 28.14 24.92
C ASP F 138 -24.42 27.53 25.04
N LEU F 139 -23.42 28.32 25.44
CA LEU F 139 -22.07 27.81 25.53
C LEU F 139 -21.85 26.74 26.59
N ALA F 140 -22.49 26.86 27.75
CA ALA F 140 -22.29 25.85 28.78
C ALA F 140 -22.73 24.51 28.19
N LEU F 141 -23.91 24.51 27.58
CA LEU F 141 -24.44 23.29 26.99
C LEU F 141 -23.57 22.75 25.84
N LEU F 142 -23.17 23.63 24.92
CA LEU F 142 -22.37 23.17 23.80
C LEU F 142 -20.96 22.69 24.14
N GLU F 143 -20.33 23.30 25.15
CA GLU F 143 -18.99 22.88 25.50
C GLU F 143 -19.04 21.45 26.03
N GLU F 144 -20.18 21.11 26.61
CA GLU F 144 -20.45 19.82 27.19
C GLU F 144 -20.93 18.76 26.17
N LYS F 145 -21.76 19.15 25.21
CA LYS F 145 -22.29 18.21 24.22
C LYS F 145 -21.64 18.17 22.83
N ALA F 146 -20.80 19.15 22.50
CA ALA F 146 -20.17 19.13 21.18
C ALA F 146 -18.81 18.43 21.20
N LYS F 147 -18.44 17.80 20.09
CA LYS F 147 -17.16 17.13 20.06
C LYS F 147 -16.10 18.21 20.13
N SER F 148 -16.49 19.43 19.79
CA SER F 148 -15.60 20.59 19.80
C SER F 148 -16.39 21.85 19.49
N THR F 149 -16.02 22.96 20.13
CA THR F 149 -16.71 24.21 19.89
C THR F 149 -15.95 25.05 18.86
N LEU F 150 -14.72 24.68 18.53
CA LEU F 150 -13.93 25.41 17.51
C LEU F 150 -14.86 25.80 16.37
N THR F 151 -14.89 27.10 16.05
CA THR F 151 -15.77 27.62 15.01
C THR F 151 -15.05 28.22 13.80
N PRO F 152 -15.07 27.49 12.67
CA PRO F 152 -14.41 28.03 11.49
C PRO F 152 -15.17 29.23 10.91
N VAL F 153 -14.43 30.22 10.42
CA VAL F 153 -15.05 31.38 9.76
C VAL F 153 -14.12 31.54 8.56
N VAL F 154 -14.63 31.18 7.38
CA VAL F 154 -13.81 31.22 6.16
C VAL F 154 -14.50 31.87 4.96
N ILE F 155 -13.72 32.18 3.95
CA ILE F 155 -14.23 32.77 2.72
C ILE F 155 -14.39 31.59 1.78
N SER F 156 -15.60 31.39 1.27
CA SER F 156 -15.90 30.27 0.38
C SER F 156 -15.73 30.51 -1.12
N ASN F 157 -15.45 31.76 -1.52
CA ASN F 157 -15.20 32.09 -2.91
C ASN F 157 -13.77 32.63 -3.00
N MET F 158 -12.83 31.79 -2.57
CA MET F 158 -11.42 32.13 -2.57
C MET F 158 -10.88 32.50 -3.95
N ASP F 159 -11.38 31.88 -5.01
CA ASP F 159 -10.88 32.23 -6.34
C ASP F 159 -11.34 33.62 -6.77
N GLU F 160 -12.24 34.22 -6.01
CA GLU F 160 -12.73 35.56 -6.31
C GLU F 160 -12.00 36.63 -5.52
N ILE F 161 -10.94 36.28 -4.79
CA ILE F 161 -10.23 37.28 -4.01
C ILE F 161 -8.74 37.29 -4.34
N LYS F 162 -8.09 38.44 -4.19
CA LYS F 162 -6.67 38.54 -4.51
C LYS F 162 -5.73 38.43 -3.32
N GLU F 163 -6.18 38.80 -2.12
CA GLU F 163 -5.33 38.70 -0.94
C GLU F 163 -6.08 38.53 0.39
N LEU F 164 -5.62 37.58 1.18
CA LEU F 164 -6.19 37.25 2.48
C LEU F 164 -5.11 37.37 3.54
N ASN F 165 -5.40 38.13 4.61
CA ASN F 165 -4.46 38.29 5.70
C ASN F 165 -5.12 37.80 6.97
N LYS F 166 -4.48 36.87 7.65
CA LYS F 166 -5.05 36.31 8.87
C LYS F 166 -4.54 37.05 10.10
N LEU F 167 -5.46 37.46 10.96
CA LEU F 167 -5.08 38.16 12.17
C LEU F 167 -4.89 37.16 13.27
N SER F 168 -4.54 37.65 14.46
CA SER F 168 -4.29 36.76 15.57
C SER F 168 -4.74 37.26 16.92
N GLY F 169 -4.68 36.37 17.91
CA GLY F 169 -5.05 36.70 19.27
C GLY F 169 -6.51 36.52 19.61
N SER F 170 -6.96 37.23 20.64
CA SER F 170 -8.35 37.13 21.05
C SER F 170 -9.19 38.22 20.40
N VAL F 171 -10.49 37.96 20.34
CA VAL F 171 -11.40 38.88 19.70
C VAL F 171 -12.72 39.06 20.43
N VAL F 172 -13.30 40.25 20.27
CA VAL F 172 -14.61 40.56 20.87
C VAL F 172 -15.69 40.49 19.80
N VAL F 173 -16.80 39.83 20.12
CA VAL F 173 -17.89 39.69 19.16
C VAL F 173 -18.38 41.00 18.49
N GLY F 174 -18.28 41.02 17.17
CA GLY F 174 -18.75 42.15 16.40
C GLY F 174 -17.91 43.42 16.49
N GLU F 175 -16.63 43.29 16.79
CA GLU F 175 -15.76 44.43 16.90
C GLU F 175 -14.38 44.13 16.30
N THR F 176 -13.71 43.14 16.90
CA THR F 176 -12.38 42.77 16.47
C THR F 176 -12.28 42.08 15.13
N PRO F 177 -11.41 42.58 14.27
CA PRO F 177 -11.21 42.00 12.94
C PRO F 177 -10.46 40.69 13.08
N VAL F 178 -10.82 39.69 12.26
CA VAL F 178 -10.12 38.42 12.29
C VAL F 178 -9.36 38.19 11.01
N LEU F 179 -9.84 38.82 9.93
CA LEU F 179 -9.21 38.69 8.62
C LEU F 179 -9.27 40.01 7.88
N ARG F 180 -8.42 40.13 6.86
CA ARG F 180 -8.37 41.30 6.01
C ARG F 180 -8.37 40.73 4.58
N VAL F 181 -9.39 41.08 3.82
CA VAL F 181 -9.52 40.59 2.45
C VAL F 181 -9.42 41.70 1.41
N THR F 182 -8.86 41.34 0.25
CA THR F 182 -8.68 42.24 -0.88
C THR F 182 -9.38 41.60 -2.06
N LYS F 183 -10.33 42.29 -2.70
CA LYS F 183 -11.01 41.66 -3.82
C LYS F 183 -10.69 42.19 -5.23
N ALA G 40 -60.10 44.58 -33.04
CA ALA G 40 -59.76 44.45 -31.57
C ALA G 40 -58.29 44.08 -31.41
N LYS G 41 -57.44 45.09 -31.27
CA LYS G 41 -56.01 44.86 -31.11
C LYS G 41 -55.73 43.90 -29.95
N GLU G 42 -54.96 42.86 -30.25
CA GLU G 42 -54.57 41.84 -29.29
C GLU G 42 -53.76 42.41 -28.11
N THR G 43 -54.06 41.89 -26.93
CA THR G 43 -53.45 42.33 -25.68
C THR G 43 -51.97 42.69 -25.74
N SER G 44 -51.10 41.74 -26.11
CA SER G 44 -49.67 42.04 -26.14
C SER G 44 -49.27 43.17 -27.09
N ALA G 45 -50.17 43.55 -27.99
CA ALA G 45 -49.88 44.60 -28.95
C ALA G 45 -50.42 45.96 -28.51
N LEU G 46 -51.35 45.96 -27.56
CA LEU G 46 -51.93 47.20 -27.07
C LEU G 46 -50.94 48.30 -26.69
N THR G 47 -49.81 47.92 -26.11
CA THR G 47 -48.81 48.89 -25.67
C THR G 47 -47.63 49.00 -26.63
N GLN G 48 -47.22 50.24 -26.91
CA GLN G 48 -46.10 50.46 -27.81
C GLN G 48 -44.93 51.15 -27.16
N TYR G 49 -43.74 50.78 -27.59
CA TYR G 49 -42.51 51.30 -27.02
C TYR G 49 -41.64 52.10 -27.98
N MET G 50 -40.82 52.98 -27.41
CA MET G 50 -39.90 53.79 -28.20
C MET G 50 -38.96 52.83 -28.91
N PRO G 51 -38.27 53.30 -29.97
CA PRO G 51 -37.34 52.49 -30.75
C PRO G 51 -36.39 51.68 -29.87
N THR G 52 -35.68 52.39 -29.00
CA THR G 52 -34.74 51.79 -28.07
C THR G 52 -35.40 50.68 -27.26
N SER G 53 -36.48 51.04 -26.57
CA SER G 53 -37.22 50.10 -25.74
C SER G 53 -37.63 48.82 -26.47
N GLN G 54 -38.23 48.96 -27.65
CA GLN G 54 -38.67 47.80 -28.44
C GLN G 54 -37.48 46.90 -28.78
N SER G 55 -36.28 47.47 -28.74
CA SER G 55 -35.08 46.70 -29.04
C SER G 55 -34.76 45.84 -27.82
N LEU G 56 -34.75 46.47 -26.64
CA LEU G 56 -34.47 45.79 -25.40
C LEU G 56 -35.54 44.70 -25.18
N LEU G 57 -36.77 45.01 -25.59
CA LEU G 57 -37.88 44.07 -25.45
C LEU G 57 -37.59 42.80 -26.26
N ASP G 58 -37.03 42.96 -27.44
CA ASP G 58 -36.70 41.83 -28.29
C ASP G 58 -35.63 40.97 -27.66
N GLU G 59 -34.64 41.62 -27.05
CA GLU G 59 -33.55 40.92 -26.37
C GLU G 59 -34.13 40.10 -25.23
N ILE G 60 -34.92 40.76 -24.39
CA ILE G 60 -35.55 40.13 -23.25
C ILE G 60 -36.35 38.89 -23.67
N LYS G 61 -37.15 39.04 -24.73
CA LYS G 61 -37.95 37.93 -25.25
C LYS G 61 -37.04 36.78 -25.67
N GLU G 62 -35.94 37.14 -26.32
CA GLU G 62 -34.95 36.15 -26.78
C GLU G 62 -34.27 35.48 -25.60
N LYS G 63 -33.91 36.27 -24.58
CA LYS G 63 -33.21 35.76 -23.40
C LYS G 63 -34.07 34.78 -22.60
N ASN G 64 -35.28 35.20 -22.26
CA ASN G 64 -36.17 34.35 -21.49
C ASN G 64 -36.46 33.04 -22.22
N GLY G 65 -36.84 33.14 -23.49
CA GLY G 65 -37.17 31.95 -24.26
C GLY G 65 -38.53 31.38 -23.86
N PHE G 66 -39.36 32.19 -23.20
CA PHE G 66 -40.69 31.74 -22.79
C PHE G 66 -41.61 31.52 -23.96
N SER G 67 -42.60 30.68 -23.76
CA SER G 67 -43.57 30.41 -24.79
C SER G 67 -44.85 31.15 -24.47
N TRP G 68 -44.76 32.17 -23.62
CA TRP G 68 -45.93 32.94 -23.23
C TRP G 68 -45.64 34.43 -23.03
N TYR G 69 -46.61 35.27 -23.40
CA TYR G 69 -46.54 36.71 -23.19
C TYR G 69 -46.88 36.95 -21.71
N ARG G 70 -48.04 36.44 -21.29
CA ARG G 70 -48.50 36.55 -19.90
C ARG G 70 -47.65 35.72 -18.96
N ASN G 71 -47.60 36.15 -17.70
CA ASN G 71 -46.89 35.41 -16.68
C ASN G 71 -47.96 34.41 -16.23
N LEU G 72 -47.76 33.13 -16.46
CA LEU G 72 -48.77 32.15 -16.02
C LEU G 72 -48.62 31.88 -14.52
N ARG G 73 -49.74 31.95 -13.81
CA ARG G 73 -49.75 31.75 -12.37
C ARG G 73 -50.60 30.55 -11.98
N ARG G 74 -50.27 29.43 -12.59
CA ARG G 74 -50.99 28.19 -12.39
C ARG G 74 -51.30 27.87 -10.94
N LEU G 75 -50.29 27.93 -10.10
CA LEU G 75 -50.46 27.62 -8.70
C LEU G 75 -51.41 28.63 -8.04
N GLN G 76 -51.11 29.92 -8.18
CA GLN G 76 -51.95 30.94 -7.59
C GLN G 76 -53.41 30.81 -8.08
N TRP G 77 -53.60 30.65 -9.38
CA TRP G 77 -54.95 30.53 -9.90
C TRP G 77 -55.65 29.34 -9.30
N VAL G 78 -54.89 28.27 -9.01
CA VAL G 78 -55.47 27.09 -8.37
C VAL G 78 -55.89 27.45 -6.94
N TRP G 79 -55.04 28.15 -6.21
CA TRP G 79 -55.44 28.55 -4.84
C TRP G 79 -56.67 29.43 -4.90
N GLN G 80 -56.77 30.30 -5.91
CA GLN G 80 -57.93 31.18 -5.99
C GLN G 80 -59.18 30.42 -6.32
N GLY G 81 -59.05 29.22 -6.89
CA GLY G 81 -60.24 28.46 -7.17
C GLY G 81 -60.42 27.74 -8.49
N VAL G 82 -59.45 27.84 -9.40
CA VAL G 82 -59.59 27.14 -10.66
C VAL G 82 -59.11 25.70 -10.56
N ASP G 83 -59.92 24.77 -11.03
CA ASP G 83 -59.53 23.36 -11.04
C ASP G 83 -58.21 23.27 -11.86
N PRO G 84 -57.18 22.63 -11.31
CA PRO G 84 -55.90 22.50 -12.03
C PRO G 84 -55.94 21.75 -13.38
N ILE G 85 -56.85 20.79 -13.51
CA ILE G 85 -56.93 20.08 -14.76
C ILE G 85 -57.65 20.97 -15.78
N GLU G 86 -58.70 21.67 -15.35
CA GLU G 86 -59.40 22.53 -16.30
C GLU G 86 -58.48 23.62 -16.84
N GLN G 87 -57.60 24.10 -15.97
CA GLN G 87 -56.63 25.11 -16.33
C GLN G 87 -55.71 24.61 -17.45
N GLU G 88 -55.10 23.44 -17.25
CA GLU G 88 -54.20 22.86 -18.26
C GLU G 88 -54.97 22.63 -19.55
N GLN G 89 -56.22 22.21 -19.43
CA GLN G 89 -57.02 21.97 -20.60
C GLN G 89 -57.18 23.28 -21.39
N VAL G 90 -57.43 24.37 -20.68
CA VAL G 90 -57.58 25.66 -21.35
C VAL G 90 -56.26 26.03 -21.99
N LEU G 91 -55.16 25.83 -21.28
CA LEU G 91 -53.87 26.15 -21.86
C LEU G 91 -53.60 25.31 -23.15
N ALA G 92 -54.15 24.10 -23.19
CA ALA G 92 -53.98 23.21 -24.34
C ALA G 92 -54.75 23.72 -25.56
N ARG G 93 -55.95 24.23 -25.34
CA ARG G 93 -56.76 24.79 -26.42
C ARG G 93 -56.06 26.03 -26.99
N ILE G 94 -55.47 26.82 -26.09
CA ILE G 94 -54.76 28.02 -26.46
C ILE G 94 -53.50 27.66 -27.25
N ALA G 95 -52.73 26.70 -26.72
CA ALA G 95 -51.50 26.27 -27.35
C ALA G 95 -51.69 25.56 -28.70
N SER G 96 -52.74 24.76 -28.85
CA SER G 96 -53.02 24.00 -30.08
C SER G 96 -53.43 24.86 -31.27
N SER G 97 -54.04 25.99 -30.98
CA SER G 97 -54.56 26.87 -32.01
C SER G 97 -53.69 27.15 -33.21
N LYS G 98 -54.33 27.09 -34.38
CA LYS G 98 -53.68 27.33 -35.65
C LYS G 98 -53.93 28.78 -36.03
N HIS G 99 -54.77 29.47 -35.28
CA HIS G 99 -55.05 30.87 -35.58
C HIS G 99 -53.80 31.75 -35.37
N SER G 100 -53.67 32.76 -36.22
CA SER G 100 -52.55 33.69 -36.20
C SER G 100 -52.35 34.36 -34.85
N ARG G 101 -51.09 34.51 -34.44
CA ARG G 101 -50.78 35.15 -33.17
C ARG G 101 -49.96 36.38 -33.44
N THR G 102 -50.00 37.33 -32.51
CA THR G 102 -49.22 38.57 -32.61
C THR G 102 -47.77 38.18 -32.67
N ASP G 103 -47.39 37.19 -31.88
CA ASP G 103 -46.02 36.74 -31.84
C ASP G 103 -46.05 35.21 -31.67
N GLU G 104 -45.65 34.50 -32.72
CA GLU G 104 -45.68 33.04 -32.70
C GLU G 104 -44.94 32.38 -31.56
N GLN G 105 -44.03 33.10 -30.94
CA GLN G 105 -43.30 32.54 -29.80
C GLN G 105 -44.23 32.46 -28.57
N TRP G 106 -45.19 33.38 -28.49
CA TRP G 106 -46.12 33.44 -27.37
C TRP G 106 -47.46 32.83 -27.74
N LEU G 107 -47.66 31.56 -27.35
CA LEU G 107 -48.88 30.80 -27.65
C LEU G 107 -50.13 31.56 -27.29
N ASP G 108 -49.88 32.39 -26.29
CA ASP G 108 -50.75 33.31 -25.58
C ASP G 108 -51.43 34.44 -26.40
N THR G 109 -50.94 34.68 -27.61
CA THR G 109 -51.40 35.81 -28.42
C THR G 109 -52.24 35.61 -29.65
N VAL G 110 -53.16 34.66 -29.64
CA VAL G 110 -54.01 34.49 -30.82
C VAL G 110 -54.89 35.75 -30.92
N MET G 111 -54.93 36.35 -32.11
CA MET G 111 -55.70 37.58 -32.33
C MET G 111 -57.19 37.36 -32.61
N GLY G 112 -58.02 38.26 -32.07
CA GLY G 112 -59.45 38.15 -32.31
C GLY G 112 -60.13 37.21 -31.33
N TYR G 113 -61.40 37.48 -31.06
CA TYR G 113 -62.20 36.70 -30.13
C TYR G 113 -62.76 35.42 -30.73
N HIS G 114 -61.92 34.40 -30.88
CA HIS G 114 -62.32 33.08 -31.37
C HIS G 114 -61.37 32.05 -30.77
N SER G 115 -61.60 30.76 -31.07
CA SER G 115 -60.79 29.68 -30.52
C SER G 115 -59.30 29.95 -30.51
N GLY G 116 -58.65 29.59 -29.41
CA GLY G 116 -57.23 29.83 -29.31
C GLY G 116 -56.90 31.16 -28.65
N ASN G 117 -57.80 32.12 -28.70
CA ASN G 117 -57.56 33.43 -28.06
C ASN G 117 -57.67 33.24 -26.53
N TRP G 118 -56.77 33.89 -25.80
CA TRP G 118 -56.74 33.79 -24.33
C TRP G 118 -58.05 34.13 -23.64
N ALA G 119 -58.61 35.29 -23.96
CA ALA G 119 -59.85 35.72 -23.37
C ALA G 119 -60.97 34.75 -23.70
N TYR G 120 -60.99 34.33 -24.96
CA TYR G 120 -62.00 33.43 -25.47
C TYR G 120 -62.00 32.05 -24.78
N GLU G 121 -60.84 31.41 -24.65
CA GLU G 121 -60.80 30.08 -24.04
C GLU G 121 -61.09 30.08 -22.51
N TRP G 122 -60.63 31.12 -21.81
CA TRP G 122 -60.90 31.20 -20.38
C TRP G 122 -62.38 31.52 -20.18
N THR G 123 -62.94 32.35 -21.06
CA THR G 123 -64.35 32.69 -20.96
C THR G 123 -65.16 31.43 -21.20
N ARG G 124 -64.71 30.61 -22.16
CA ARG G 124 -65.41 29.36 -22.41
C ARG G 124 -65.53 28.54 -21.13
N LEU G 125 -64.42 28.40 -20.39
CA LEU G 125 -64.40 27.66 -19.13
C LEU G 125 -65.32 28.35 -18.11
N GLY G 126 -65.31 29.68 -18.10
CA GLY G 126 -66.19 30.39 -17.18
C GLY G 126 -67.63 30.03 -17.52
N MET G 127 -67.96 30.07 -18.80
CA MET G 127 -69.33 29.75 -19.22
C MET G 127 -69.78 28.36 -18.76
N GLU G 128 -68.90 27.36 -18.81
CA GLU G 128 -69.29 26.02 -18.38
C GLU G 128 -69.68 25.98 -16.91
N HIS G 129 -68.89 26.61 -16.04
CA HIS G 129 -69.21 26.64 -14.62
C HIS G 129 -70.52 27.37 -14.44
N GLN G 130 -70.66 28.50 -15.13
CA GLN G 130 -71.87 29.28 -15.02
C GLN G 130 -73.07 28.45 -15.46
N LYS G 131 -72.90 27.64 -16.50
CA LYS G 131 -73.99 26.77 -16.96
C LYS G 131 -74.25 25.66 -15.93
N ARG G 132 -73.19 25.08 -15.39
CA ARG G 132 -73.36 24.04 -14.38
C ARG G 132 -74.16 24.62 -13.21
N ALA G 133 -73.77 25.81 -12.78
CA ALA G 133 -74.43 26.49 -11.65
C ALA G 133 -75.95 26.35 -11.68
N GLY G 134 -76.53 26.42 -12.88
CA GLY G 134 -77.97 26.33 -13.03
C GLY G 134 -78.63 24.99 -12.71
N GLU G 135 -77.87 24.00 -12.29
CA GLU G 135 -78.46 22.72 -11.97
C GLU G 135 -77.85 22.14 -10.71
N MET G 136 -77.53 23.00 -9.75
CA MET G 136 -76.94 22.54 -8.51
C MET G 136 -77.74 23.01 -7.30
N THR G 137 -77.39 22.51 -6.11
CA THR G 137 -78.06 22.94 -4.90
C THR G 137 -77.53 24.36 -4.73
N ASN G 138 -78.16 25.14 -3.84
CA ASN G 138 -77.74 26.52 -3.66
C ASN G 138 -76.28 26.78 -3.36
N GLU G 139 -75.76 26.25 -2.24
CA GLU G 139 -74.37 26.50 -1.89
C GLU G 139 -73.48 26.08 -3.06
N ALA G 140 -73.83 24.97 -3.69
CA ALA G 140 -73.07 24.43 -4.82
C ALA G 140 -73.06 25.38 -6.03
N ALA G 141 -74.22 25.93 -6.35
CA ALA G 141 -74.37 26.85 -7.47
C ALA G 141 -73.62 28.15 -7.21
N SER G 142 -73.62 28.55 -5.95
CA SER G 142 -72.95 29.76 -5.52
C SER G 142 -71.46 29.63 -5.80
N GLU G 143 -70.87 28.55 -5.31
CA GLU G 143 -69.45 28.33 -5.51
C GLU G 143 -69.08 28.18 -6.99
N ALA G 144 -69.99 27.59 -7.76
CA ALA G 144 -69.76 27.41 -9.19
C ALA G 144 -69.71 28.77 -9.87
N LEU G 145 -70.57 29.68 -9.42
CA LEU G 145 -70.59 31.03 -9.97
C LEU G 145 -69.32 31.80 -9.59
N PHE G 146 -68.86 31.64 -8.35
CA PHE G 146 -67.61 32.31 -7.92
C PHE G 146 -66.47 31.79 -8.80
N SER G 147 -66.52 30.49 -9.11
CA SER G 147 -65.50 29.91 -9.97
C SER G 147 -65.59 30.52 -11.36
N ALA G 148 -66.81 30.69 -11.87
CA ALA G 148 -67.03 31.28 -13.19
C ALA G 148 -66.40 32.68 -13.23
N SER G 149 -66.72 33.48 -12.22
CA SER G 149 -66.20 34.85 -12.06
C SER G 149 -64.67 34.89 -12.15
N LEU G 150 -64.04 33.92 -11.50
CA LEU G 150 -62.58 33.83 -11.50
C LEU G 150 -62.05 33.50 -12.91
N CYS G 151 -62.70 32.56 -13.59
CA CYS G 151 -62.26 32.24 -14.93
C CYS G 151 -62.40 33.50 -15.79
N TYR G 152 -63.49 34.25 -15.61
CA TYR G 152 -63.70 35.47 -16.41
C TYR G 152 -62.61 36.49 -16.13
N SER G 153 -62.28 36.68 -14.85
CA SER G 153 -61.26 37.65 -14.50
C SER G 153 -59.90 37.23 -15.09
N ILE G 154 -59.61 35.94 -15.04
CA ILE G 154 -58.38 35.43 -15.62
C ILE G 154 -58.38 35.69 -17.14
N ALA G 155 -59.56 35.69 -17.76
CA ALA G 155 -59.66 35.93 -19.19
C ALA G 155 -59.23 37.36 -19.52
N GLY G 156 -59.43 38.29 -18.60
CA GLY G 156 -59.05 39.67 -18.85
C GLY G 156 -57.64 39.99 -18.41
N TYR G 157 -57.10 39.12 -17.56
CA TYR G 157 -55.76 39.28 -17.04
C TYR G 157 -54.81 39.47 -18.23
N PRO G 158 -53.85 40.40 -18.13
CA PRO G 158 -53.53 41.29 -17.01
C PRO G 158 -54.38 42.56 -16.87
N HIS G 159 -55.53 42.61 -17.55
CA HIS G 159 -56.43 43.75 -17.44
C HIS G 159 -55.89 45.10 -17.92
N LEU G 160 -55.39 45.17 -19.14
CA LEU G 160 -54.86 46.42 -19.68
C LEU G 160 -56.04 47.33 -20.02
N LYS G 161 -55.91 48.63 -19.72
CA LYS G 161 -56.96 49.63 -19.97
C LYS G 161 -57.57 49.57 -21.37
N SER G 162 -56.73 49.48 -22.37
CA SER G 162 -57.18 49.46 -23.74
C SER G 162 -57.69 48.13 -24.29
N ASP G 163 -57.67 47.10 -23.45
CA ASP G 163 -58.09 45.76 -23.87
C ASP G 163 -59.59 45.57 -23.94
N ASN G 164 -60.13 45.61 -25.15
CA ASN G 164 -61.57 45.42 -25.36
C ASN G 164 -62.09 44.09 -24.88
N LEU G 165 -61.34 43.02 -25.15
CA LEU G 165 -61.78 41.71 -24.71
C LEU G 165 -61.73 41.69 -23.19
N ALA G 166 -60.69 42.29 -22.62
CA ALA G 166 -60.56 42.32 -21.17
C ALA G 166 -61.75 43.02 -20.53
N ILE G 167 -62.23 44.10 -21.15
CA ILE G 167 -63.36 44.85 -20.62
C ILE G 167 -64.60 43.95 -20.56
N GLN G 168 -64.86 43.23 -21.65
CA GLN G 168 -66.01 42.34 -21.73
C GLN G 168 -65.95 41.26 -20.66
N ALA G 169 -64.78 40.63 -20.54
CA ALA G 169 -64.60 39.58 -19.54
C ALA G 169 -64.85 40.10 -18.14
N GLN G 170 -64.48 41.35 -17.92
CA GLN G 170 -64.63 42.00 -16.62
C GLN G 170 -66.09 42.19 -16.23
N VAL G 171 -66.93 42.38 -17.24
CA VAL G 171 -68.36 42.54 -17.02
C VAL G 171 -68.93 41.19 -16.61
N LEU G 172 -68.51 40.13 -17.29
CA LEU G 172 -68.94 38.78 -16.98
C LEU G 172 -68.46 38.44 -15.58
N ALA G 173 -67.25 38.85 -15.25
CA ALA G 173 -66.70 38.56 -13.95
C ALA G 173 -67.55 39.19 -12.85
N ASN G 174 -67.91 40.46 -13.06
CA ASN G 174 -68.71 41.20 -12.09
C ASN G 174 -70.13 40.64 -11.96
N SER G 175 -70.69 40.27 -13.09
CA SER G 175 -72.03 39.70 -13.14
C SER G 175 -72.11 38.35 -12.43
N ALA G 176 -71.07 37.52 -12.59
CA ALA G 176 -71.05 36.21 -11.95
C ALA G 176 -70.83 36.31 -10.45
N TYR G 177 -69.99 37.24 -10.02
CA TYR G 177 -69.72 37.42 -8.60
C TYR G 177 -71.02 37.90 -7.92
N LEU G 178 -71.76 38.78 -8.60
CA LEU G 178 -73.03 39.26 -8.04
C LEU G 178 -74.09 38.15 -7.91
N GLU G 179 -74.19 37.30 -8.92
CA GLU G 179 -75.16 36.21 -8.87
C GLU G 179 -74.68 35.18 -7.84
N ALA G 180 -73.37 34.94 -7.80
CA ALA G 180 -72.80 33.99 -6.83
C ALA G 180 -73.20 34.39 -5.40
N ALA G 181 -73.17 35.69 -5.11
CA ALA G 181 -73.55 36.18 -3.80
C ALA G 181 -75.01 35.84 -3.44
N LYS G 182 -75.92 36.03 -4.39
CA LYS G 182 -77.34 35.77 -4.16
C LYS G 182 -77.61 34.43 -3.54
N LYS G 183 -76.96 33.40 -4.08
CA LYS G 183 -77.18 32.03 -3.61
C LYS G 183 -76.35 31.63 -2.40
N SER G 184 -75.35 32.45 -2.07
CA SER G 184 -74.48 32.15 -0.94
C SER G 184 -75.14 32.26 0.44
N LYS G 185 -74.73 31.36 1.34
CA LYS G 185 -75.25 31.36 2.69
C LYS G 185 -74.67 32.62 3.35
N TYR G 186 -73.49 33.02 2.88
CA TYR G 186 -72.84 34.20 3.40
C TYR G 186 -73.50 35.42 2.78
N ILE G 187 -73.14 36.60 3.30
CA ILE G 187 -73.69 37.85 2.80
C ILE G 187 -72.59 38.63 2.08
N ILE G 188 -72.83 38.99 0.84
CA ILE G 188 -71.88 39.75 0.07
C ILE G 188 -72.66 40.93 -0.50
N LYS G 189 -72.22 42.15 -0.19
CA LYS G 189 -72.89 43.35 -0.67
C LYS G 189 -71.93 44.21 -1.47
N GLN G 190 -72.36 44.66 -2.64
CA GLN G 190 -71.51 45.52 -3.45
C GLN G 190 -71.80 46.94 -3.00
N LEU G 191 -70.84 47.58 -2.32
CA LEU G 191 -71.01 48.94 -1.84
C LEU G 191 -70.40 50.01 -2.76
N GLU G 192 -70.91 51.24 -2.64
CA GLU G 192 -70.41 52.34 -3.45
C GLU G 192 -70.17 53.54 -2.52
N ILE G 193 -68.94 54.05 -2.50
CA ILE G 193 -68.59 55.19 -1.65
C ILE G 193 -68.32 56.39 -2.52
N PRO G 194 -69.04 57.49 -2.31
CA PRO G 194 -68.81 58.68 -3.13
C PRO G 194 -67.40 59.18 -2.86
N PHE G 195 -66.73 59.67 -3.90
CA PHE G 195 -65.38 60.17 -3.74
C PHE G 195 -64.91 60.84 -5.03
N GLU G 196 -64.38 62.05 -4.91
CA GLU G 196 -63.87 62.81 -6.05
C GLU G 196 -64.87 62.93 -7.20
N LYS G 197 -66.11 63.27 -6.89
CA LYS G 197 -67.11 63.40 -7.93
C LYS G 197 -67.41 62.08 -8.66
N GLY G 198 -66.97 60.95 -8.10
CA GLY G 198 -67.24 59.66 -8.69
C GLY G 198 -67.55 58.67 -7.57
N LYS G 199 -67.41 57.38 -7.83
CA LYS G 199 -67.69 56.38 -6.81
C LYS G 199 -66.64 55.28 -6.71
N ILE G 200 -66.38 54.85 -5.48
CA ILE G 200 -65.46 53.78 -5.23
C ILE G 200 -66.33 52.57 -4.97
N THR G 201 -66.10 51.51 -5.73
CA THR G 201 -66.88 50.31 -5.55
C THR G 201 -66.11 49.33 -4.68
N ALA G 202 -66.82 48.76 -3.71
CA ALA G 202 -66.19 47.79 -2.82
C ALA G 202 -67.18 46.67 -2.52
N HIS G 203 -66.67 45.53 -2.09
CA HIS G 203 -67.54 44.43 -1.75
C HIS G 203 -67.29 44.06 -0.31
N LEU G 204 -68.37 44.07 0.45
CA LEU G 204 -68.36 43.72 1.86
C LEU G 204 -68.81 42.26 1.96
N HIS G 205 -68.04 41.44 2.66
CA HIS G 205 -68.40 40.02 2.84
C HIS G 205 -68.68 39.82 4.33
N LEU G 206 -69.88 39.39 4.67
CA LEU G 206 -70.24 39.18 6.07
C LEU G 206 -70.68 37.76 6.34
N THR G 207 -70.21 37.18 7.44
CA THR G 207 -70.63 35.83 7.79
C THR G 207 -72.11 35.92 8.17
N ASN G 208 -72.50 37.02 8.81
CA ASN G 208 -73.88 37.27 9.20
C ASN G 208 -74.02 38.68 9.77
N THR G 209 -75.26 39.13 9.92
CA THR G 209 -75.51 40.46 10.47
C THR G 209 -76.07 40.33 11.88
N ASP G 210 -75.46 39.45 12.68
CA ASP G 210 -75.89 39.24 14.06
C ASP G 210 -75.30 40.29 14.98
N LYS G 211 -74.17 40.85 14.58
CA LYS G 211 -73.50 41.85 15.41
C LYS G 211 -72.39 42.49 14.61
N PRO G 212 -71.90 43.66 15.05
CA PRO G 212 -70.82 44.30 14.31
C PRO G 212 -69.64 43.34 14.29
N HIS G 213 -69.08 43.10 13.11
CA HIS G 213 -67.95 42.19 13.02
C HIS G 213 -66.67 42.93 12.75
N PRO G 214 -65.53 42.39 13.23
CA PRO G 214 -64.26 43.05 12.98
C PRO G 214 -64.15 42.99 11.48
N VAL G 215 -63.37 43.87 10.85
CA VAL G 215 -63.32 43.82 9.42
C VAL G 215 -61.95 44.14 8.85
N VAL G 216 -61.64 43.50 7.72
CA VAL G 216 -60.37 43.73 7.06
C VAL G 216 -60.60 44.30 5.67
N ILE G 217 -59.91 45.40 5.37
CA ILE G 217 -59.98 46.02 4.06
C ILE G 217 -58.87 45.33 3.28
N VAL G 218 -59.20 44.78 2.12
CA VAL G 218 -58.24 44.04 1.28
C VAL G 218 -58.05 44.59 -0.12
N SER G 219 -56.79 44.54 -0.58
CA SER G 219 -56.44 44.98 -1.91
C SER G 219 -55.35 44.11 -2.59
N ALA G 220 -55.65 43.64 -3.80
CA ALA G 220 -54.69 42.82 -4.53
C ALA G 220 -53.77 43.71 -5.39
N GLY G 221 -53.03 43.11 -6.31
CA GLY G 221 -52.09 43.87 -7.12
C GLY G 221 -52.66 44.63 -8.30
N LEU G 222 -51.77 45.16 -9.13
CA LEU G 222 -52.19 45.92 -10.30
C LEU G 222 -52.76 45.09 -11.45
N ASP G 223 -52.51 43.79 -11.45
CA ASP G 223 -53.07 42.96 -12.52
C ASP G 223 -54.15 42.05 -11.97
N SER G 224 -54.75 42.44 -10.85
CA SER G 224 -55.80 41.62 -10.26
C SER G 224 -57.11 42.39 -10.07
N LEU G 225 -58.21 41.66 -9.88
CA LEU G 225 -59.52 42.27 -9.66
C LEU G 225 -59.88 42.08 -8.17
N GLN G 226 -60.65 43.02 -7.60
CA GLN G 226 -61.02 42.90 -6.19
C GLN G 226 -61.90 41.70 -5.92
N THR G 227 -62.54 41.18 -6.96
CA THR G 227 -63.39 40.01 -6.81
C THR G 227 -62.64 38.66 -7.00
N ASP G 228 -61.31 38.67 -6.91
CA ASP G 228 -60.53 37.43 -7.11
C ASP G 228 -60.07 36.81 -5.79
N MET G 229 -60.61 37.31 -4.67
CA MET G 229 -60.19 36.83 -3.36
C MET G 229 -61.30 36.20 -2.55
N TRP G 230 -62.30 35.66 -3.21
CA TRP G 230 -63.38 35.03 -2.50
C TRP G 230 -62.86 34.00 -1.48
N ARG G 231 -61.88 33.20 -1.86
CA ARG G 231 -61.39 32.19 -0.94
C ARG G 231 -60.66 32.75 0.27
N LEU G 232 -60.13 33.96 0.16
CA LEU G 232 -59.45 34.54 1.30
C LEU G 232 -60.48 34.60 2.42
N PHE G 233 -61.70 34.95 2.04
CA PHE G 233 -62.83 35.07 2.97
C PHE G 233 -63.40 33.71 3.34
N ARG G 234 -63.89 33.01 2.33
CA ARG G 234 -64.51 31.72 2.53
C ARG G 234 -63.72 30.70 3.34
N ASP G 235 -62.41 30.64 3.14
CA ASP G 235 -61.59 29.66 3.85
C ASP G 235 -60.64 30.16 4.92
N HIS G 236 -60.61 31.45 5.20
CA HIS G 236 -59.69 31.91 6.22
C HIS G 236 -60.29 32.97 7.18
N LEU G 237 -60.88 34.03 6.63
CA LEU G 237 -61.47 35.07 7.44
C LEU G 237 -62.84 34.73 8.04
N ALA G 238 -63.69 34.08 7.25
CA ALA G 238 -65.03 33.75 7.73
C ALA G 238 -65.06 32.83 8.97
N LYS G 239 -64.11 31.90 9.06
CA LYS G 239 -64.05 30.98 10.19
C LYS G 239 -63.84 31.70 11.52
N HIS G 240 -63.36 32.94 11.45
CA HIS G 240 -63.10 33.78 12.63
C HIS G 240 -64.12 34.92 12.70
N ASP G 241 -65.13 34.87 11.84
CA ASP G 241 -66.16 35.92 11.80
C ASP G 241 -65.59 37.27 11.43
N ILE G 242 -64.52 37.28 10.65
CA ILE G 242 -63.94 38.55 10.25
C ILE G 242 -64.46 38.95 8.88
N ALA G 243 -65.13 40.08 8.82
CA ALA G 243 -65.66 40.59 7.57
C ALA G 243 -64.51 40.98 6.65
N MET G 244 -64.75 40.90 5.35
CA MET G 244 -63.74 41.30 4.38
C MET G 244 -64.37 42.32 3.45
N LEU G 245 -63.69 43.44 3.28
CA LEU G 245 -64.14 44.49 2.38
C LEU G 245 -63.05 44.67 1.33
N THR G 246 -63.36 44.31 0.09
CA THR G 246 -62.37 44.45 -0.96
C THR G 246 -62.50 45.76 -1.71
N VAL G 247 -61.37 46.28 -2.19
CA VAL G 247 -61.33 47.53 -2.92
C VAL G 247 -60.22 47.45 -3.99
N ASP G 248 -60.47 47.99 -5.17
CA ASP G 248 -59.44 48.01 -6.21
C ASP G 248 -58.62 49.30 -6.04
N MET G 249 -57.30 49.19 -6.22
CA MET G 249 -56.46 50.39 -6.12
C MET G 249 -56.78 51.30 -7.29
N PRO G 250 -56.43 52.59 -7.20
CA PRO G 250 -56.74 53.46 -8.34
C PRO G 250 -56.10 52.97 -9.63
N SER G 251 -56.86 53.08 -10.72
CA SER G 251 -56.46 52.66 -12.07
C SER G 251 -56.63 51.18 -12.36
N VAL G 252 -57.21 50.45 -11.42
CA VAL G 252 -57.42 49.00 -11.55
C VAL G 252 -58.88 48.61 -11.34
N GLY G 253 -59.38 47.71 -12.18
CA GLY G 253 -60.75 47.22 -12.06
C GLY G 253 -61.86 48.24 -11.96
N TYR G 254 -62.67 48.17 -10.92
CA TYR G 254 -63.78 49.09 -10.75
C TYR G 254 -63.23 50.49 -10.52
N SER G 255 -61.99 50.58 -10.05
CA SER G 255 -61.36 51.88 -9.78
C SER G 255 -60.52 52.37 -10.96
N SER G 256 -60.80 51.88 -12.16
CA SER G 256 -60.05 52.27 -13.34
C SER G 256 -60.15 53.75 -13.69
N LYS G 257 -61.27 54.39 -13.39
CA LYS G 257 -61.41 55.82 -13.68
C LYS G 257 -60.36 56.67 -12.92
N TYR G 258 -60.13 56.35 -11.66
CA TYR G 258 -59.16 57.10 -10.88
C TYR G 258 -57.75 56.81 -11.36
N PRO G 259 -56.94 57.85 -11.58
CA PRO G 259 -55.58 57.56 -12.04
C PRO G 259 -54.69 57.19 -10.86
N LEU G 260 -53.65 56.40 -11.14
CA LEU G 260 -52.70 55.97 -10.10
C LEU G 260 -51.76 57.13 -9.87
N THR G 261 -52.07 57.96 -8.89
CA THR G 261 -51.23 59.13 -8.61
C THR G 261 -50.13 58.75 -7.63
N GLU G 262 -49.60 59.76 -6.94
CA GLU G 262 -48.56 59.53 -5.93
C GLU G 262 -49.21 59.00 -4.66
N ASP G 263 -50.49 59.33 -4.49
CA ASP G 263 -51.26 58.91 -3.32
C ASP G 263 -52.15 57.75 -3.74
N TYR G 264 -51.51 56.66 -4.15
CA TYR G 264 -52.25 55.50 -4.59
C TYR G 264 -53.00 54.77 -3.47
N SER G 265 -52.98 55.32 -2.26
CA SER G 265 -53.70 54.68 -1.18
C SER G 265 -54.96 55.48 -0.79
N ARG G 266 -55.17 56.62 -1.44
CA ARG G 266 -56.32 57.46 -1.14
C ARG G 266 -57.68 56.74 -1.19
N LEU G 267 -57.88 55.89 -2.20
CA LEU G 267 -59.14 55.19 -2.31
C LEU G 267 -59.38 54.29 -1.12
N HIS G 268 -58.34 53.58 -0.67
CA HIS G 268 -58.48 52.71 0.48
C HIS G 268 -58.69 53.58 1.70
N GLN G 269 -58.07 54.74 1.67
CA GLN G 269 -58.18 55.71 2.75
C GLN G 269 -59.64 56.17 2.86
N ALA G 270 -60.21 56.59 1.74
CA ALA G 270 -61.59 57.04 1.69
C ALA G 270 -62.52 55.96 2.20
N VAL G 271 -62.27 54.72 1.80
CA VAL G 271 -63.11 53.61 2.23
C VAL G 271 -62.96 53.41 3.74
N LEU G 272 -61.76 53.60 4.25
CA LEU G 272 -61.53 53.44 5.68
C LEU G 272 -62.30 54.53 6.44
N ASN G 273 -62.19 55.77 5.97
CA ASN G 273 -62.85 56.87 6.64
C ASN G 273 -64.37 56.85 6.52
N GLU G 274 -64.91 55.90 5.78
CA GLU G 274 -66.36 55.76 5.62
C GLU G 274 -66.91 54.54 6.35
N LEU G 275 -66.05 53.79 7.02
CA LEU G 275 -66.48 52.60 7.73
C LEU G 275 -67.52 52.93 8.78
N PHE G 276 -67.26 54.01 9.51
CA PHE G 276 -68.16 54.45 10.59
C PHE G 276 -69.64 54.40 10.15
N SER G 277 -69.89 54.55 8.85
CA SER G 277 -71.26 54.54 8.32
C SER G 277 -71.79 53.15 7.95
N ILE G 278 -70.90 52.19 7.70
CA ILE G 278 -71.34 50.83 7.38
C ILE G 278 -71.77 50.22 8.73
N PRO G 279 -73.07 49.98 8.90
CA PRO G 279 -73.62 49.42 10.14
C PRO G 279 -73.09 48.04 10.58
N TYR G 280 -72.93 47.14 9.62
CA TYR G 280 -72.49 45.78 9.90
C TYR G 280 -71.04 45.58 10.36
N VAL G 281 -70.23 46.64 10.31
CA VAL G 281 -68.84 46.50 10.72
C VAL G 281 -68.41 47.34 11.92
N ASP G 282 -67.59 46.74 12.78
CA ASP G 282 -67.05 47.42 13.94
C ASP G 282 -65.92 48.30 13.42
N HIS G 283 -66.12 49.62 13.43
CA HIS G 283 -65.08 50.51 12.91
C HIS G 283 -63.90 50.68 13.86
N HIS G 284 -63.98 50.05 15.03
CA HIS G 284 -62.90 50.14 16.02
C HIS G 284 -61.98 48.92 15.92
N ARG G 285 -62.37 47.93 15.12
CA ARG G 285 -61.55 46.73 14.96
C ARG G 285 -61.31 46.48 13.48
N VAL G 286 -60.48 47.34 12.89
CA VAL G 286 -60.21 47.26 11.47
C VAL G 286 -58.77 46.86 11.12
N GLY G 287 -58.63 45.92 10.19
CA GLY G 287 -57.32 45.47 9.77
C GLY G 287 -57.11 45.69 8.28
N LEU G 288 -55.92 45.39 7.80
CA LEU G 288 -55.59 45.55 6.40
C LEU G 288 -54.82 44.35 5.88
N ILE G 289 -55.12 43.93 4.65
CA ILE G 289 -54.38 42.84 4.03
C ILE G 289 -54.11 43.28 2.59
N GLY G 290 -52.84 43.32 2.21
CA GLY G 290 -52.48 43.71 0.86
C GLY G 290 -51.59 42.68 0.18
N PHE G 291 -51.86 42.42 -1.10
CA PHE G 291 -51.07 41.46 -1.90
C PHE G 291 -50.33 42.25 -2.99
N ARG G 292 -49.07 41.90 -3.24
CA ARG G 292 -48.31 42.59 -4.27
C ARG G 292 -48.38 44.09 -4.07
N PHE G 293 -48.59 44.86 -5.12
CA PHE G 293 -48.61 46.31 -4.93
C PHE G 293 -49.69 46.72 -3.90
N GLY G 294 -50.74 45.92 -3.80
CA GLY G 294 -51.78 46.23 -2.81
C GLY G 294 -51.18 46.30 -1.42
N GLY G 295 -50.12 45.50 -1.18
CA GLY G 295 -49.47 45.48 0.12
C GLY G 295 -48.68 46.76 0.37
N ASN G 296 -48.02 47.26 -0.67
CA ASN G 296 -47.28 48.51 -0.60
C ASN G 296 -48.30 49.59 -0.23
N ALA G 297 -49.47 49.53 -0.87
CA ALA G 297 -50.52 50.50 -0.61
C ALA G 297 -50.99 50.39 0.85
N MET G 298 -51.09 49.18 1.37
CA MET G 298 -51.53 49.00 2.74
C MET G 298 -50.51 49.48 3.77
N VAL G 299 -49.26 49.65 3.35
CA VAL G 299 -48.24 50.14 4.26
C VAL G 299 -48.39 51.66 4.36
N ARG G 300 -48.58 52.34 3.22
CA ARG G 300 -48.77 53.79 3.20
C ARG G 300 -49.93 54.13 4.11
N LEU G 301 -51.05 53.50 3.87
CA LEU G 301 -52.23 53.73 4.68
C LEU G 301 -51.94 53.46 6.16
N SER G 302 -51.08 52.48 6.42
CA SER G 302 -50.74 52.14 7.80
C SER G 302 -50.00 53.26 8.54
N PHE G 303 -49.26 54.08 7.79
CA PHE G 303 -48.52 55.21 8.34
C PHE G 303 -49.42 56.48 8.33
N LEU G 304 -50.41 56.50 7.43
CA LEU G 304 -51.33 57.63 7.28
C LEU G 304 -52.55 57.63 8.20
N GLU G 305 -52.93 56.47 8.74
CA GLU G 305 -54.08 56.35 9.60
C GLU G 305 -53.75 55.43 10.77
N GLN G 306 -52.75 55.83 11.54
CA GLN G 306 -52.29 55.04 12.67
C GLN G 306 -53.31 54.93 13.79
N GLU G 307 -54.38 55.70 13.70
CA GLU G 307 -55.42 55.68 14.73
C GLU G 307 -56.65 54.85 14.37
N LYS G 308 -56.81 54.55 13.08
CA LYS G 308 -57.96 53.79 12.62
C LYS G 308 -57.65 52.33 12.29
N ILE G 309 -56.37 51.97 12.28
CA ILE G 309 -55.93 50.61 11.93
C ILE G 309 -55.29 49.78 13.06
N LYS G 310 -55.97 48.69 13.45
CA LYS G 310 -55.47 47.79 14.50
C LYS G 310 -54.27 46.95 14.07
N ALA G 311 -54.19 46.59 12.78
CA ALA G 311 -53.08 45.76 12.29
C ALA G 311 -53.06 45.62 10.76
N CYS G 312 -51.90 45.26 10.21
CA CYS G 312 -51.74 45.12 8.76
C CYS G 312 -50.93 43.88 8.34
N VAL G 313 -51.40 43.19 7.31
CA VAL G 313 -50.69 42.02 6.80
C VAL G 313 -50.44 42.19 5.31
N ILE G 314 -49.19 42.06 4.89
CA ILE G 314 -48.86 42.19 3.48
C ILE G 314 -48.15 40.92 3.01
N LEU G 315 -48.42 40.53 1.76
CA LEU G 315 -47.84 39.32 1.20
C LEU G 315 -47.33 39.58 -0.22
N GLY G 316 -46.07 39.27 -0.45
CA GLY G 316 -45.50 39.45 -1.77
C GLY G 316 -45.46 40.90 -2.25
N ALA G 317 -45.39 41.82 -1.30
CA ALA G 317 -45.39 43.24 -1.63
C ALA G 317 -44.06 43.81 -2.12
N PRO G 318 -44.06 44.52 -3.25
CA PRO G 318 -42.83 45.12 -3.78
C PRO G 318 -42.64 46.44 -3.02
N ILE G 319 -41.81 46.40 -1.98
CA ILE G 319 -41.59 47.57 -1.14
C ILE G 319 -40.51 48.54 -1.57
N HIS G 320 -39.39 48.04 -2.07
CA HIS G 320 -38.29 48.95 -2.43
C HIS G 320 -37.28 48.44 -3.45
N ASP G 321 -36.79 47.23 -3.22
CA ASP G 321 -35.76 46.64 -4.07
C ASP G 321 -35.95 46.77 -5.57
N ILE G 322 -37.04 46.20 -6.08
CA ILE G 322 -37.28 46.26 -7.51
C ILE G 322 -37.38 47.69 -8.07
N PHE G 323 -38.04 48.59 -7.34
CA PHE G 323 -38.17 49.97 -7.81
C PHE G 323 -36.82 50.70 -7.70
N ALA G 324 -35.94 50.22 -6.82
CA ALA G 324 -34.64 50.82 -6.66
C ALA G 324 -33.64 50.07 -7.53
N SER G 325 -34.15 49.25 -8.43
CA SER G 325 -33.29 48.45 -9.30
C SER G 325 -33.66 48.70 -10.74
N PRO G 326 -33.17 49.80 -11.30
CA PRO G 326 -33.46 50.13 -12.69
C PRO G 326 -33.14 48.99 -13.65
N GLN G 327 -31.99 48.35 -13.45
CA GLN G 327 -31.57 47.22 -14.29
C GLN G 327 -32.61 46.10 -14.30
N LYS G 328 -33.11 45.72 -13.12
CA LYS G 328 -34.11 44.66 -13.00
C LYS G 328 -35.37 45.09 -13.77
N LEU G 329 -35.90 46.25 -13.39
CA LEU G 329 -37.08 46.85 -14.01
C LEU G 329 -37.03 46.78 -15.55
N GLN G 330 -35.84 46.98 -16.10
CA GLN G 330 -35.65 46.99 -17.55
C GLN G 330 -35.54 45.61 -18.22
N GLN G 331 -35.45 44.56 -17.43
CA GLN G 331 -35.33 43.23 -18.01
C GLN G 331 -36.55 42.36 -17.74
N MET G 332 -37.58 42.97 -17.17
CA MET G 332 -38.82 42.25 -16.86
C MET G 332 -39.48 41.90 -18.17
N PRO G 333 -40.45 40.98 -18.13
CA PRO G 333 -41.16 40.58 -19.35
C PRO G 333 -42.10 41.72 -19.79
N LYS G 334 -42.32 41.81 -21.09
CA LYS G 334 -43.20 42.82 -21.63
C LYS G 334 -44.53 42.93 -20.88
N MET G 335 -45.06 41.82 -20.39
CA MET G 335 -46.36 41.87 -19.69
C MET G 335 -46.39 42.75 -18.44
N TYR G 336 -45.29 42.84 -17.72
CA TYR G 336 -45.27 43.68 -16.52
C TYR G 336 -45.07 45.13 -16.92
N LEU G 337 -44.22 45.36 -17.91
CA LEU G 337 -44.00 46.73 -18.40
C LEU G 337 -45.35 47.25 -18.94
N ASP G 338 -46.07 46.41 -19.68
CA ASP G 338 -47.39 46.78 -20.20
C ASP G 338 -48.36 47.20 -19.08
N VAL G 339 -48.34 46.47 -17.96
CA VAL G 339 -49.22 46.77 -16.84
C VAL G 339 -48.86 48.13 -16.23
N LEU G 340 -47.58 48.37 -15.98
CA LEU G 340 -47.13 49.64 -15.44
C LEU G 340 -47.64 50.79 -16.32
N ALA G 341 -47.50 50.64 -17.63
CA ALA G 341 -47.93 51.64 -18.60
C ALA G 341 -49.41 51.94 -18.51
N SER G 342 -50.22 50.91 -18.70
CA SER G 342 -51.66 51.09 -18.64
C SER G 342 -52.10 51.76 -17.33
N ARG G 343 -51.43 51.43 -16.23
CA ARG G 343 -51.79 52.00 -14.94
C ARG G 343 -51.32 53.44 -14.80
N LEU G 344 -50.10 53.71 -15.30
CA LEU G 344 -49.53 55.06 -15.26
C LEU G 344 -50.10 55.91 -16.36
N GLY G 345 -50.97 55.30 -17.16
CA GLY G 345 -51.60 56.02 -18.25
C GLY G 345 -50.73 56.39 -19.45
N LYS G 346 -49.50 55.87 -19.55
CA LYS G 346 -48.67 56.22 -20.71
C LYS G 346 -49.35 55.74 -21.99
N SER G 347 -48.90 56.28 -23.11
CA SER G 347 -49.40 55.91 -24.43
C SER G 347 -48.26 55.15 -25.09
N VAL G 348 -47.12 55.83 -25.19
CA VAL G 348 -45.92 55.23 -25.73
C VAL G 348 -45.04 55.02 -24.51
N VAL G 349 -44.16 54.03 -24.56
CA VAL G 349 -43.33 53.72 -23.41
C VAL G 349 -41.83 53.75 -23.64
N ASP G 350 -41.13 54.41 -22.72
CA ASP G 350 -39.68 54.50 -22.74
C ASP G 350 -39.20 53.82 -21.47
N ILE G 351 -38.98 52.52 -21.56
CA ILE G 351 -38.54 51.70 -20.44
C ILE G 351 -37.42 52.37 -19.66
N TYR G 352 -36.43 52.92 -20.38
CA TYR G 352 -35.30 53.55 -19.73
C TYR G 352 -35.73 54.69 -18.82
N SER G 353 -36.45 55.66 -19.37
CA SER G 353 -36.91 56.76 -18.53
C SER G 353 -37.91 56.20 -17.52
N LEU G 354 -38.80 55.33 -17.97
CA LEU G 354 -39.80 54.73 -17.08
C LEU G 354 -39.16 54.02 -15.89
N SER G 355 -38.05 53.33 -16.13
CA SER G 355 -37.40 52.62 -15.03
C SER G 355 -36.99 53.64 -13.98
N GLY G 356 -36.32 54.70 -14.40
CA GLY G 356 -35.90 55.71 -13.46
C GLY G 356 -37.06 56.28 -12.66
N GLN G 357 -38.21 56.44 -13.31
CA GLN G 357 -39.38 56.99 -12.64
C GLN G 357 -40.03 56.05 -11.61
N MET G 358 -39.78 54.75 -11.72
CA MET G 358 -40.36 53.78 -10.80
C MET G 358 -39.78 53.82 -9.40
N ALA G 359 -38.62 54.44 -9.25
CA ALA G 359 -37.99 54.55 -7.95
C ALA G 359 -38.91 55.26 -6.98
N ALA G 360 -39.72 56.17 -7.50
CA ALA G 360 -40.65 56.95 -6.68
C ALA G 360 -41.75 56.12 -6.02
N TRP G 361 -41.82 54.84 -6.36
CA TRP G 361 -42.84 53.98 -5.76
C TRP G 361 -42.31 53.28 -4.54
N SER G 362 -41.04 53.50 -4.27
CA SER G 362 -40.38 52.92 -3.11
C SER G 362 -40.90 53.62 -1.86
N LEU G 363 -41.31 52.85 -0.86
CA LEU G 363 -41.81 53.42 0.37
C LEU G 363 -40.68 54.02 1.20
N LYS G 364 -39.45 53.74 0.77
CA LYS G 364 -38.25 54.26 1.43
C LYS G 364 -38.04 55.63 0.84
N VAL G 365 -37.99 55.67 -0.49
CA VAL G 365 -37.78 56.89 -1.23
C VAL G 365 -38.90 57.91 -1.05
N GLN G 366 -39.95 57.52 -0.33
CA GLN G 366 -41.07 58.40 -0.08
C GLN G 366 -41.01 58.97 1.33
N GLY G 367 -40.22 58.32 2.19
CA GLY G 367 -40.06 58.78 3.56
C GLY G 367 -40.72 57.92 4.61
N PHE G 368 -41.75 57.18 4.22
CA PHE G 368 -42.45 56.33 5.18
C PHE G 368 -41.53 55.38 5.94
N LEU G 369 -40.44 54.96 5.29
CA LEU G 369 -39.51 54.04 5.91
C LEU G 369 -38.14 54.69 6.04
N SER G 370 -38.05 55.70 6.92
CA SER G 370 -36.79 56.40 7.12
C SER G 370 -36.55 56.74 8.57
N SER G 371 -37.59 57.24 9.26
CA SER G 371 -37.47 57.63 10.65
C SER G 371 -38.44 56.97 11.60
N ARG G 372 -39.49 57.70 11.98
CA ARG G 372 -40.51 57.23 12.91
C ARG G 372 -41.20 55.95 12.47
N LYS G 373 -41.39 55.03 13.41
CA LYS G 373 -42.08 53.77 13.12
C LYS G 373 -43.58 54.11 13.17
N THR G 374 -44.42 53.24 12.62
CA THR G 374 -45.85 53.47 12.69
C THR G 374 -46.29 52.70 13.91
N LYS G 375 -47.31 53.24 14.58
CA LYS G 375 -47.87 52.62 15.77
C LYS G 375 -48.63 51.33 15.35
N VAL G 376 -48.82 51.16 14.05
CA VAL G 376 -49.53 50.00 13.49
C VAL G 376 -48.68 48.74 13.31
N PRO G 377 -49.08 47.64 13.96
CA PRO G 377 -48.35 46.38 13.84
C PRO G 377 -48.48 45.85 12.41
N ILE G 378 -47.35 45.61 11.77
CA ILE G 378 -47.38 45.10 10.41
C ILE G 378 -46.62 43.78 10.31
N LEU G 379 -47.26 42.77 9.72
CA LEU G 379 -46.66 41.46 9.51
C LEU G 379 -46.42 41.40 7.99
N ALA G 380 -45.15 41.47 7.58
CA ALA G 380 -44.83 41.44 6.16
C ALA G 380 -44.22 40.09 5.78
N MET G 381 -44.79 39.43 4.78
CA MET G 381 -44.27 38.14 4.35
C MET G 381 -44.23 37.99 2.85
N SER G 382 -43.26 37.20 2.39
CA SER G 382 -43.06 36.91 0.98
C SER G 382 -42.58 35.49 0.88
N LEU G 383 -42.61 34.98 -0.34
CA LEU G 383 -42.17 33.64 -0.63
C LEU G 383 -40.67 33.71 -0.77
N GLU G 384 -39.99 32.74 -0.18
CA GLU G 384 -38.54 32.66 -0.27
C GLU G 384 -38.20 32.69 -1.75
N GLY G 385 -37.27 33.55 -2.14
CA GLY G 385 -36.89 33.62 -3.54
C GLY G 385 -37.64 34.62 -4.40
N ASP G 386 -38.90 34.90 -4.09
CA ASP G 386 -39.73 35.85 -4.85
C ASP G 386 -38.90 37.04 -5.35
N PRO G 387 -38.71 37.16 -6.67
CA PRO G 387 -37.92 38.28 -7.22
C PRO G 387 -38.48 39.69 -6.98
N VAL G 388 -39.79 39.84 -6.94
CA VAL G 388 -40.34 41.17 -6.75
C VAL G 388 -40.45 41.59 -5.27
N SER G 389 -40.38 40.62 -4.36
CA SER G 389 -40.49 40.92 -2.94
C SER G 389 -39.49 40.15 -2.05
N PRO G 390 -38.21 40.56 -2.06
CA PRO G 390 -37.24 39.86 -1.24
C PRO G 390 -37.48 40.06 0.24
N TYR G 391 -36.92 39.16 1.03
CA TYR G 391 -37.04 39.24 2.47
C TYR G 391 -36.62 40.62 2.99
N SER G 392 -35.61 41.24 2.35
CA SER G 392 -35.17 42.56 2.80
C SER G 392 -36.24 43.67 2.71
N ASP G 393 -37.21 43.55 1.78
CA ASP G 393 -38.26 44.56 1.69
C ASP G 393 -39.15 44.35 2.93
N ASN G 394 -39.49 43.09 3.23
CA ASN G 394 -40.32 42.82 4.38
C ASN G 394 -39.61 43.12 5.69
N GLN G 395 -38.29 42.98 5.70
CA GLN G 395 -37.51 43.24 6.90
C GLN G 395 -37.60 44.75 7.23
N MET G 396 -37.47 45.57 6.20
CA MET G 396 -37.56 47.01 6.36
C MET G 396 -38.93 47.41 6.93
N VAL G 397 -39.99 46.97 6.26
CA VAL G 397 -41.33 47.29 6.70
C VAL G 397 -41.49 46.94 8.19
N ALA G 398 -41.12 45.72 8.56
CA ALA G 398 -41.24 45.26 9.95
C ALA G 398 -40.44 46.13 10.92
N PHE G 399 -39.34 46.72 10.43
CA PHE G 399 -38.49 47.56 11.26
C PHE G 399 -39.21 48.84 11.65
N PHE G 400 -39.61 49.59 10.63
CA PHE G 400 -40.31 50.84 10.79
C PHE G 400 -41.74 50.67 11.26
N SER G 401 -41.97 49.61 12.03
CA SER G 401 -43.28 49.33 12.58
C SER G 401 -43.19 48.76 13.97
N THR G 402 -43.80 49.46 14.92
CA THR G 402 -43.82 49.05 16.31
C THR G 402 -44.55 47.70 16.38
N TYR G 403 -43.90 46.69 16.93
CA TYR G 403 -44.48 45.35 17.03
C TYR G 403 -44.54 44.65 15.65
N GLY G 404 -43.87 45.21 14.65
CA GLY G 404 -43.84 44.60 13.34
C GLY G 404 -43.09 43.28 13.29
N LYS G 405 -43.22 42.55 12.19
CA LYS G 405 -42.53 41.29 12.04
C LYS G 405 -42.43 40.88 10.57
N ALA G 406 -41.24 40.44 10.15
CA ALA G 406 -41.04 40.01 8.78
C ALA G 406 -40.97 38.48 8.79
N LYS G 407 -41.53 37.85 7.77
CA LYS G 407 -41.52 36.40 7.67
C LYS G 407 -41.20 35.91 6.26
N LYS G 408 -40.27 34.98 6.21
CA LYS G 408 -39.90 34.33 4.96
C LYS G 408 -40.84 33.12 4.88
N ILE G 409 -41.55 32.96 3.77
CA ILE G 409 -42.41 31.80 3.61
C ILE G 409 -41.59 30.78 2.81
N SER G 410 -41.35 29.61 3.40
CA SER G 410 -40.55 28.57 2.74
C SER G 410 -41.09 28.10 1.38
N SER G 411 -40.18 27.95 0.41
CA SER G 411 -40.60 27.49 -0.90
C SER G 411 -40.61 25.96 -0.92
N LYS G 412 -40.29 25.36 0.23
CA LYS G 412 -40.31 23.92 0.36
C LYS G 412 -41.81 23.65 0.52
N THR G 413 -42.40 22.97 -0.46
CA THR G 413 -43.85 22.71 -0.45
C THR G 413 -44.56 24.05 -0.28
N ILE G 414 -44.47 24.87 -1.33
CA ILE G 414 -45.06 26.20 -1.38
C ILE G 414 -46.49 26.25 -0.85
N THR G 415 -47.34 25.36 -1.34
CA THR G 415 -48.72 25.30 -0.92
C THR G 415 -48.80 25.01 0.57
N GLN G 416 -47.96 24.10 1.04
CA GLN G 416 -47.94 23.74 2.46
C GLN G 416 -47.55 24.96 3.30
N GLY G 417 -46.36 25.50 3.04
CA GLY G 417 -45.88 26.66 3.78
C GLY G 417 -46.76 27.89 3.68
N TYR G 418 -47.32 28.13 2.49
CA TYR G 418 -48.19 29.28 2.29
C TYR G 418 -49.46 29.19 3.13
N GLU G 419 -50.12 28.05 3.05
CA GLU G 419 -51.36 27.85 3.79
C GLU G 419 -51.12 27.95 5.29
N GLN G 420 -49.98 27.44 5.75
CA GLN G 420 -49.65 27.50 7.17
C GLN G 420 -49.41 28.91 7.64
N SER G 421 -48.49 29.61 6.97
CA SER G 421 -48.18 30.97 7.39
C SER G 421 -49.40 31.89 7.23
N LEU G 422 -50.27 31.61 6.26
CA LEU G 422 -51.46 32.44 6.09
C LEU G 422 -52.46 32.28 7.22
N ASP G 423 -52.61 31.06 7.72
CA ASP G 423 -53.55 30.83 8.82
C ASP G 423 -53.04 31.40 10.13
N LEU G 424 -51.72 31.47 10.26
CA LEU G 424 -51.11 32.00 11.44
C LEU G 424 -51.22 33.52 11.41
N ALA G 425 -51.05 34.09 10.22
CA ALA G 425 -51.12 35.52 10.04
C ALA G 425 -52.56 35.97 10.24
N ILE G 426 -53.51 35.07 10.02
CA ILE G 426 -54.91 35.44 10.21
C ILE G 426 -55.19 35.45 11.71
N LYS G 427 -54.48 34.59 12.43
CA LYS G 427 -54.64 34.51 13.89
C LYS G 427 -54.01 35.74 14.51
N TRP G 428 -52.79 36.07 14.08
CA TRP G 428 -52.10 37.24 14.60
C TRP G 428 -52.98 38.44 14.36
N LEU G 429 -53.67 38.46 13.22
CA LEU G 429 -54.56 39.56 12.86
C LEU G 429 -55.78 39.57 13.79
N GLU G 430 -56.40 38.41 13.98
CA GLU G 430 -57.56 38.31 14.86
C GLU G 430 -57.13 38.82 16.24
N ASP G 431 -56.14 38.15 16.82
CA ASP G 431 -55.63 38.53 18.14
C ASP G 431 -55.45 40.03 18.27
N GLU G 432 -54.99 40.70 17.22
CA GLU G 432 -54.80 42.15 17.26
C GLU G 432 -56.10 42.94 17.19
N LEU G 433 -57.05 42.44 16.41
CA LEU G 433 -58.34 43.12 16.23
C LEU G 433 -59.23 43.03 17.45
N LEU G 434 -59.14 41.91 18.16
CA LEU G 434 -59.96 41.72 19.34
C LEU G 434 -59.31 42.34 20.58
N ARG G 435 -58.10 42.85 20.43
CA ARG G 435 -57.37 43.49 21.53
C ARG G 435 -57.99 44.84 21.93
N ALA H 34 -59.45 -3.84 -3.29
CA ALA H 34 -58.39 -2.92 -3.79
C ALA H 34 -58.29 -2.97 -5.30
N ILE H 35 -58.25 -1.79 -5.90
CA ILE H 35 -58.17 -1.60 -7.34
C ILE H 35 -56.72 -1.43 -7.80
N GLU H 36 -56.37 -2.04 -8.93
CA GLU H 36 -55.03 -1.89 -9.44
C GLU H 36 -54.99 -0.90 -10.59
N ILE H 37 -54.08 0.07 -10.50
CA ILE H 37 -53.94 1.02 -11.57
C ILE H 37 -52.77 0.43 -12.38
N ILE H 38 -53.01 0.18 -13.67
CA ILE H 38 -51.98 -0.36 -14.54
C ILE H 38 -51.22 0.76 -15.27
N ALA H 39 -49.94 0.54 -15.49
CA ALA H 39 -49.09 1.53 -16.16
C ALA H 39 -49.69 2.00 -17.47
N PRO H 40 -49.94 3.31 -17.58
CA PRO H 40 -50.51 3.79 -18.83
C PRO H 40 -49.39 4.05 -19.85
N LEU H 41 -48.15 3.89 -19.41
CA LEU H 41 -46.97 4.06 -20.27
C LEU H 41 -45.89 3.11 -19.79
N SER H 42 -44.98 2.74 -20.69
CA SER H 42 -43.88 1.85 -20.34
C SER H 42 -42.78 2.73 -19.80
N GLY H 43 -41.96 2.21 -18.89
CA GLY H 43 -40.87 3.00 -18.35
C GLY H 43 -40.47 2.62 -16.94
N GLU H 44 -39.98 3.62 -16.20
CA GLU H 44 -39.52 3.46 -14.82
C GLU H 44 -40.32 4.36 -13.89
N ILE H 45 -40.77 3.82 -12.75
CA ILE H 45 -41.53 4.61 -11.80
C ILE H 45 -40.65 5.65 -11.09
N VAL H 46 -41.22 6.83 -10.90
CA VAL H 46 -40.51 7.93 -10.26
C VAL H 46 -41.46 8.56 -9.25
N ASN H 47 -40.92 9.10 -8.16
CA ASN H 47 -41.75 9.75 -7.15
C ASN H 47 -42.42 10.91 -7.86
N ILE H 48 -43.67 11.18 -7.52
CA ILE H 48 -44.32 12.29 -8.16
C ILE H 48 -43.76 13.64 -7.67
N GLU H 49 -43.15 13.68 -6.49
CA GLU H 49 -42.61 14.95 -6.04
C GLU H 49 -41.23 15.21 -6.62
N ASP H 50 -40.81 14.36 -7.56
CA ASP H 50 -39.52 14.48 -8.22
C ASP H 50 -39.67 15.15 -9.59
N VAL H 51 -40.90 15.39 -10.01
CA VAL H 51 -41.18 16.04 -11.29
C VAL H 51 -40.86 17.54 -11.17
N PRO H 52 -40.19 18.13 -12.18
CA PRO H 52 -39.84 19.56 -12.14
C PRO H 52 -41.01 20.50 -12.49
N ASP H 53 -42.06 20.45 -11.68
CA ASP H 53 -43.25 21.25 -11.87
C ASP H 53 -43.95 21.31 -10.50
N VAL H 54 -44.10 22.52 -9.96
CA VAL H 54 -44.73 22.63 -8.65
C VAL H 54 -46.15 22.12 -8.54
N VAL H 55 -47.02 22.52 -9.45
CA VAL H 55 -48.39 22.04 -9.34
C VAL H 55 -48.50 20.51 -9.29
N PHE H 56 -47.65 19.81 -10.04
CA PHE H 56 -47.66 18.35 -10.03
C PHE H 56 -46.99 17.77 -8.78
N ALA H 57 -45.72 18.12 -8.60
CA ALA H 57 -44.94 17.60 -7.48
C ALA H 57 -45.54 17.87 -6.12
N GLU H 58 -46.32 18.93 -5.98
CA GLU H 58 -46.94 19.22 -4.70
C GLU H 58 -48.31 18.60 -4.55
N LYS H 59 -48.64 17.67 -5.44
CA LYS H 59 -49.91 16.96 -5.41
C LYS H 59 -51.15 17.80 -5.63
N ILE H 60 -50.97 19.04 -6.05
CA ILE H 60 -52.13 19.88 -6.29
C ILE H 60 -53.13 19.27 -7.29
N VAL H 61 -52.68 18.65 -8.35
CA VAL H 61 -53.66 18.07 -9.27
C VAL H 61 -54.13 16.68 -8.83
N GLY H 62 -53.35 16.05 -7.95
CA GLY H 62 -53.73 14.74 -7.44
C GLY H 62 -52.55 13.99 -6.89
N ASP H 63 -52.76 12.80 -6.34
CA ASP H 63 -51.64 12.02 -5.82
C ASP H 63 -51.43 10.79 -6.72
N GLY H 64 -50.18 10.30 -6.73
CA GLY H 64 -49.80 9.16 -7.54
C GLY H 64 -48.30 9.08 -7.74
N ILE H 65 -47.87 8.72 -8.95
CA ILE H 65 -46.45 8.60 -9.26
C ILE H 65 -46.22 9.11 -10.66
N ALA H 66 -44.95 9.13 -11.09
CA ALA H 66 -44.62 9.55 -12.44
C ALA H 66 -43.84 8.40 -13.10
N ILE H 67 -43.80 8.41 -14.42
CA ILE H 67 -43.09 7.41 -15.17
C ILE H 67 -42.11 8.06 -16.15
N LYS H 68 -40.88 7.60 -16.14
CA LYS H 68 -39.87 8.09 -17.06
C LYS H 68 -40.15 7.16 -18.24
N PRO H 69 -40.78 7.68 -19.29
CA PRO H 69 -41.12 6.88 -20.46
C PRO H 69 -40.01 6.26 -21.31
N THR H 70 -40.28 5.06 -21.81
CA THR H 70 -39.35 4.31 -22.66
C THR H 70 -40.09 3.69 -23.84
N GLY H 71 -41.39 3.96 -23.94
CA GLY H 71 -42.18 3.40 -25.01
C GLY H 71 -42.64 4.41 -26.04
N ASN H 72 -43.82 4.21 -26.60
CA ASN H 72 -44.34 5.15 -27.60
C ASN H 72 -45.83 5.33 -27.55
N LYS H 73 -46.47 4.89 -26.48
CA LYS H 73 -47.92 5.04 -26.40
C LYS H 73 -48.46 5.24 -24.99
N MET H 74 -49.61 5.89 -24.94
CA MET H 74 -50.30 6.13 -23.69
C MET H 74 -51.59 5.31 -23.76
N VAL H 75 -51.82 4.59 -22.69
CA VAL H 75 -52.91 3.66 -22.60
C VAL H 75 -53.79 3.90 -21.36
N ALA H 76 -55.03 3.42 -21.44
CA ALA H 76 -55.95 3.55 -20.32
C ALA H 76 -55.36 2.75 -19.15
N PRO H 77 -55.24 3.38 -17.97
CA PRO H 77 -54.69 2.65 -16.83
C PRO H 77 -55.76 1.86 -16.08
N VAL H 78 -57.01 2.02 -16.47
CA VAL H 78 -58.10 1.30 -15.83
C VAL H 78 -59.21 1.04 -16.84
N ASN H 79 -60.18 0.20 -16.45
CA ASN H 79 -61.34 -0.09 -17.29
C ASN H 79 -62.29 1.05 -16.96
N GLY H 80 -62.86 1.70 -17.96
CA GLY H 80 -63.76 2.79 -17.68
C GLY H 80 -64.05 3.67 -18.87
N THR H 81 -64.16 4.97 -18.61
CA THR H 81 -64.48 5.92 -19.66
C THR H 81 -63.50 7.08 -19.73
N ILE H 82 -63.11 7.44 -20.95
CA ILE H 82 -62.19 8.55 -21.16
C ILE H 82 -62.89 9.85 -20.80
N GLY H 83 -62.24 10.69 -20.03
CA GLY H 83 -62.85 11.95 -19.68
C GLY H 83 -62.52 12.96 -20.77
N LYS H 84 -61.39 13.63 -20.60
CA LYS H 84 -60.97 14.62 -21.57
C LYS H 84 -59.69 14.17 -22.24
N ILE H 85 -59.41 14.73 -23.41
CA ILE H 85 -58.17 14.46 -24.13
C ILE H 85 -57.82 15.87 -24.56
N PHE H 86 -56.74 16.42 -24.03
CA PHE H 86 -56.37 17.79 -24.38
C PHE H 86 -56.21 17.94 -25.88
N GLU H 87 -56.42 19.15 -26.39
CA GLU H 87 -56.33 19.40 -27.83
C GLU H 87 -54.89 19.29 -28.33
N THR H 88 -53.92 19.34 -27.43
CA THR H 88 -52.54 19.16 -27.83
C THR H 88 -52.26 17.64 -27.79
N ASN H 89 -53.25 16.86 -27.35
CA ASN H 89 -53.13 15.40 -27.30
C ASN H 89 -52.01 14.85 -26.43
N HIS H 90 -51.64 15.55 -25.36
CA HIS H 90 -50.57 15.02 -24.52
C HIS H 90 -51.07 14.57 -23.14
N ALA H 91 -52.36 14.70 -22.92
CA ALA H 91 -52.91 14.30 -21.63
C ALA H 91 -54.35 13.90 -21.79
N PHE H 92 -54.84 13.13 -20.82
CA PHE H 92 -56.22 12.71 -20.85
C PHE H 92 -56.62 12.33 -19.46
N SER H 93 -57.92 12.37 -19.19
CA SER H 93 -58.41 11.97 -17.87
C SER H 93 -59.27 10.73 -18.12
N ILE H 94 -59.50 9.97 -17.05
CA ILE H 94 -60.28 8.77 -17.20
C ILE H 94 -60.98 8.49 -15.89
N GLU H 95 -62.18 7.95 -15.95
CA GLU H 95 -62.92 7.60 -14.75
C GLU H 95 -63.12 6.09 -14.77
N SER H 96 -62.63 5.40 -13.74
CA SER H 96 -62.75 3.95 -13.67
C SER H 96 -64.19 3.51 -13.42
N ASP H 97 -64.44 2.20 -13.54
CA ASP H 97 -65.78 1.67 -13.31
C ASP H 97 -66.16 1.87 -11.85
N ASP H 98 -65.14 1.95 -11.01
CA ASP H 98 -65.29 2.12 -9.57
C ASP H 98 -65.32 3.58 -9.12
N GLY H 99 -65.35 4.52 -10.06
CA GLY H 99 -65.39 5.91 -9.67
C GLY H 99 -64.05 6.61 -9.45
N VAL H 100 -62.94 5.90 -9.60
CA VAL H 100 -61.62 6.54 -9.42
C VAL H 100 -61.35 7.36 -10.68
N GLU H 101 -60.93 8.60 -10.48
CA GLU H 101 -60.66 9.50 -11.60
C GLU H 101 -59.18 9.73 -11.67
N LEU H 102 -58.59 9.45 -12.83
CA LEU H 102 -57.16 9.61 -12.96
C LEU H 102 -56.82 10.62 -14.03
N PHE H 103 -55.57 11.08 -13.98
CA PHE H 103 -55.09 12.01 -14.97
C PHE H 103 -53.70 11.54 -15.38
N VAL H 104 -53.49 11.40 -16.69
CA VAL H 104 -52.21 10.97 -17.24
C VAL H 104 -51.74 12.13 -18.12
N HIS H 105 -50.53 12.64 -17.82
CA HIS H 105 -49.98 13.79 -18.50
C HIS H 105 -48.54 13.57 -18.94
N PHE H 106 -48.34 13.36 -20.24
CA PHE H 106 -46.98 13.13 -20.71
C PHE H 106 -46.11 14.35 -20.54
N GLY H 107 -44.97 14.14 -19.89
CA GLY H 107 -44.01 15.19 -19.67
C GLY H 107 -44.41 16.35 -18.79
N ILE H 108 -43.52 17.32 -18.75
CA ILE H 108 -43.73 18.54 -18.00
C ILE H 108 -43.60 19.70 -18.97
N ASP H 109 -44.61 20.58 -18.99
CA ASP H 109 -44.66 21.75 -19.87
C ASP H 109 -44.85 21.39 -21.33
N THR H 110 -45.20 20.14 -21.60
CA THR H 110 -45.38 19.66 -22.96
C THR H 110 -46.50 20.35 -23.75
N VAL H 111 -47.37 21.05 -23.04
CA VAL H 111 -48.45 21.77 -23.72
C VAL H 111 -47.84 22.80 -24.68
N GLU H 112 -46.67 23.34 -24.35
CA GLU H 112 -46.12 24.33 -25.26
C GLU H 112 -45.52 23.76 -26.53
N LEU H 113 -45.63 22.44 -26.68
CA LEU H 113 -45.17 21.74 -27.87
C LEU H 113 -46.28 21.82 -28.93
N LYS H 114 -47.42 22.44 -28.58
CA LYS H 114 -48.53 22.61 -29.53
C LYS H 114 -49.07 21.32 -30.11
N GLY H 115 -48.67 20.18 -29.52
CA GLY H 115 -49.18 18.91 -30.01
C GLY H 115 -48.19 18.16 -30.88
N GLU H 116 -47.03 18.75 -31.10
CA GLU H 116 -46.02 18.09 -31.91
C GLU H 116 -45.52 16.85 -31.15
N GLY H 117 -45.55 15.70 -31.81
CA GLY H 117 -45.06 14.50 -31.17
C GLY H 117 -46.15 13.58 -30.66
N PHE H 118 -47.39 14.01 -30.79
CA PHE H 118 -48.50 13.19 -30.31
C PHE H 118 -49.56 13.02 -31.35
N THR H 119 -50.29 11.93 -31.24
CA THR H 119 -51.37 11.69 -32.16
C THR H 119 -52.47 10.99 -31.38
N ARG H 120 -53.68 11.53 -31.48
CA ARG H 120 -54.82 10.99 -30.77
C ARG H 120 -55.33 9.71 -31.42
N ILE H 121 -55.75 8.76 -30.58
CA ILE H 121 -56.30 7.50 -31.07
C ILE H 121 -57.71 7.35 -30.54
N ALA H 122 -57.87 7.38 -29.21
CA ALA H 122 -59.19 7.22 -28.61
C ALA H 122 -59.96 8.54 -28.71
N GLU H 123 -61.25 8.49 -28.39
CA GLU H 123 -62.14 9.66 -28.45
C GLU H 123 -62.63 10.00 -27.02
N GLU H 124 -63.04 11.24 -26.81
CA GLU H 124 -63.45 11.67 -25.49
C GLU H 124 -64.45 10.85 -24.66
N GLY H 125 -65.68 10.60 -25.10
CA GLY H 125 -66.56 9.84 -24.22
C GLY H 125 -66.46 8.31 -24.24
N GLN H 126 -65.40 7.79 -24.87
CA GLN H 126 -65.16 6.37 -25.08
C GLN H 126 -64.98 5.42 -23.91
N THR H 127 -65.60 4.25 -24.02
CA THR H 127 -65.48 3.21 -23.01
C THR H 127 -64.26 2.41 -23.42
N VAL H 128 -63.36 2.16 -22.47
CA VAL H 128 -62.15 1.43 -22.79
C VAL H 128 -61.80 0.41 -21.72
N LYS H 129 -60.79 -0.40 -21.99
CA LYS H 129 -60.32 -1.39 -21.04
C LYS H 129 -58.88 -1.02 -20.75
N ALA H 130 -58.41 -1.28 -19.54
CA ALA H 130 -57.03 -0.95 -19.25
C ALA H 130 -56.18 -1.56 -20.35
N GLY H 131 -55.21 -0.81 -20.86
CA GLY H 131 -54.35 -1.32 -21.91
C GLY H 131 -54.71 -0.76 -23.28
N ASP H 132 -55.89 -0.16 -23.40
CA ASP H 132 -56.33 0.43 -24.66
C ASP H 132 -55.59 1.71 -25.03
N THR H 133 -55.00 1.75 -26.23
CA THR H 133 -54.26 2.93 -26.68
C THR H 133 -55.10 4.19 -26.70
N VAL H 134 -54.68 5.23 -25.99
CA VAL H 134 -55.43 6.48 -25.99
C VAL H 134 -54.71 7.48 -26.90
N ILE H 135 -53.37 7.49 -26.79
CA ILE H 135 -52.52 8.40 -27.54
C ILE H 135 -51.23 7.69 -27.93
N GLU H 136 -50.66 8.08 -29.06
CA GLU H 136 -49.40 7.51 -29.55
C GLU H 136 -48.41 8.66 -29.61
N PHE H 137 -47.15 8.41 -29.26
CA PHE H 137 -46.18 9.49 -29.30
C PHE H 137 -44.80 9.13 -29.80
N ASP H 138 -44.08 10.15 -30.26
CA ASP H 138 -42.73 10.04 -30.79
C ASP H 138 -41.69 10.28 -29.71
N LEU H 139 -41.24 9.22 -29.05
CA LEU H 139 -40.28 9.33 -27.97
C LEU H 139 -38.99 10.08 -28.29
N ALA H 140 -38.37 9.71 -29.41
CA ALA H 140 -37.11 10.33 -29.83
C ALA H 140 -37.25 11.82 -29.94
N LEU H 141 -38.36 12.24 -30.53
CA LEU H 141 -38.66 13.65 -30.71
C LEU H 141 -38.93 14.35 -29.38
N LEU H 142 -39.78 13.73 -28.56
CA LEU H 142 -40.16 14.32 -27.28
C LEU H 142 -38.99 14.37 -26.31
N GLU H 143 -38.08 13.40 -26.42
CA GLU H 143 -36.95 13.37 -25.53
C GLU H 143 -35.98 14.52 -25.81
N GLU H 144 -36.03 15.05 -27.02
CA GLU H 144 -35.13 16.14 -27.33
C GLU H 144 -35.82 17.50 -27.27
N LYS H 145 -37.15 17.50 -27.37
CA LYS H 145 -37.90 18.75 -27.37
C LYS H 145 -38.62 19.12 -26.07
N ALA H 146 -39.08 18.13 -25.30
CA ALA H 146 -39.79 18.43 -24.06
C ALA H 146 -38.85 18.90 -22.94
N LYS H 147 -39.40 19.70 -22.03
CA LYS H 147 -38.60 20.20 -20.91
C LYS H 147 -38.19 18.98 -20.12
N SER H 148 -39.15 18.08 -19.95
CA SER H 148 -38.92 16.83 -19.24
C SER H 148 -39.92 15.83 -19.77
N THR H 149 -39.52 14.59 -19.86
CA THR H 149 -40.40 13.56 -20.34
C THR H 149 -41.14 12.88 -19.17
N LEU H 150 -40.75 13.19 -17.94
CA LEU H 150 -41.40 12.61 -16.78
C LEU H 150 -42.93 12.78 -16.83
N THR H 151 -43.65 11.66 -16.71
CA THR H 151 -45.11 11.62 -16.83
C THR H 151 -45.90 11.28 -15.57
N PRO H 152 -46.68 12.24 -15.06
CA PRO H 152 -47.48 12.03 -13.86
C PRO H 152 -48.66 11.10 -14.13
N VAL H 153 -48.96 10.24 -13.16
CA VAL H 153 -50.10 9.34 -13.27
C VAL H 153 -50.73 9.51 -11.91
N VAL H 154 -51.74 10.38 -11.85
CA VAL H 154 -52.38 10.71 -10.57
C VAL H 154 -53.90 10.50 -10.48
N ILE H 155 -54.38 10.41 -9.25
CA ILE H 155 -55.82 10.27 -9.01
C ILE H 155 -56.24 11.70 -8.65
N SER H 156 -57.19 12.26 -9.41
CA SER H 156 -57.64 13.63 -9.18
C SER H 156 -58.72 13.79 -8.12
N ASN H 157 -59.39 12.71 -7.74
CA ASN H 157 -60.42 12.81 -6.71
C ASN H 157 -59.98 12.10 -5.45
N MET H 158 -58.89 12.59 -4.88
CA MET H 158 -58.34 12.00 -3.67
C MET H 158 -59.34 12.05 -2.51
N ASP H 159 -60.36 12.89 -2.64
CA ASP H 159 -61.38 13.00 -1.60
C ASP H 159 -62.06 11.65 -1.46
N GLU H 160 -62.48 11.13 -2.60
CA GLU H 160 -63.23 9.90 -2.70
C GLU H 160 -62.53 8.54 -2.67
N ILE H 161 -61.29 8.49 -2.21
CA ILE H 161 -60.57 7.21 -2.13
C ILE H 161 -60.10 7.02 -0.69
N LYS H 162 -60.16 5.79 -0.18
CA LYS H 162 -59.77 5.53 1.19
C LYS H 162 -58.29 5.43 1.38
N GLU H 163 -57.61 4.71 0.48
CA GLU H 163 -56.16 4.54 0.57
C GLU H 163 -55.44 4.44 -0.77
N LEU H 164 -54.14 4.73 -0.74
CA LEU H 164 -53.33 4.69 -1.94
C LEU H 164 -51.98 4.07 -1.64
N ASN H 165 -51.60 3.03 -2.38
CA ASN H 165 -50.27 2.44 -2.18
C ASN H 165 -49.55 2.70 -3.49
N LYS H 166 -48.30 3.14 -3.40
CA LYS H 166 -47.52 3.44 -4.60
C LYS H 166 -46.51 2.33 -4.86
N LEU H 167 -46.49 1.82 -6.08
CA LEU H 167 -45.57 0.76 -6.43
C LEU H 167 -44.28 1.37 -6.94
N SER H 168 -43.27 0.54 -7.19
CA SER H 168 -41.97 1.01 -7.64
C SER H 168 -41.40 0.09 -8.74
N GLY H 169 -40.30 0.50 -9.36
CA GLY H 169 -39.66 -0.30 -10.40
C GLY H 169 -40.05 -0.06 -11.83
N SER H 170 -39.68 -1.00 -12.71
CA SER H 170 -39.94 -0.93 -14.14
C SER H 170 -41.35 -1.40 -14.48
N VAL H 171 -41.98 -0.73 -15.42
CA VAL H 171 -43.33 -1.14 -15.74
C VAL H 171 -43.53 -1.24 -17.25
N VAL H 172 -44.51 -2.02 -17.65
CA VAL H 172 -44.81 -2.24 -19.06
C VAL H 172 -46.21 -1.75 -19.32
N VAL H 173 -46.37 -1.01 -20.40
CA VAL H 173 -47.66 -0.46 -20.79
C VAL H 173 -48.77 -1.48 -20.77
N GLY H 174 -49.84 -1.15 -20.06
CA GLY H 174 -50.99 -2.02 -19.97
C GLY H 174 -50.84 -3.32 -19.20
N GLU H 175 -49.74 -3.51 -18.47
CA GLU H 175 -49.54 -4.76 -17.74
C GLU H 175 -49.17 -4.63 -16.27
N THR H 176 -48.07 -3.92 -15.98
CA THR H 176 -47.63 -3.75 -14.61
C THR H 176 -48.42 -2.71 -13.87
N PRO H 177 -48.81 -3.02 -12.63
CA PRO H 177 -49.57 -2.14 -11.73
C PRO H 177 -48.61 -1.06 -11.22
N VAL H 178 -49.03 0.21 -11.23
CA VAL H 178 -48.18 1.28 -10.71
C VAL H 178 -48.75 1.79 -9.37
N LEU H 179 -50.05 1.58 -9.15
CA LEU H 179 -50.66 1.99 -7.90
C LEU H 179 -51.76 1.00 -7.47
N ARG H 180 -52.02 0.96 -6.18
CA ARG H 180 -53.10 0.12 -5.66
C ARG H 180 -53.98 1.06 -4.85
N VAL H 181 -55.18 1.31 -5.36
CA VAL H 181 -56.12 2.18 -4.68
C VAL H 181 -57.27 1.42 -4.04
N THR H 182 -57.38 1.58 -2.73
CA THR H 182 -58.46 0.96 -1.98
C THR H 182 -59.48 2.09 -1.81
N LYS H 183 -60.53 2.05 -2.63
CA LYS H 183 -61.53 3.09 -2.59
C LYS H 183 -62.52 2.93 -1.45
#